data_5T9W
# 
_entry.id   5T9W 
# 
_audit_conform.dict_name       mmcif_pdbx.dic 
_audit_conform.dict_version    5.387 
_audit_conform.dict_location   http://mmcif.pdb.org/dictionaries/ascii/mmcif_pdbx.dic 
# 
loop_
_database_2.database_id 
_database_2.database_code 
_database_2.pdbx_database_accession 
_database_2.pdbx_DOI 
PDB   5T9W         pdb_00005t9w 10.2210/pdb5t9w/pdb 
WWPDB D_1000223951 ?            ?                   
# 
loop_
_pdbx_audit_revision_history.ordinal 
_pdbx_audit_revision_history.data_content_type 
_pdbx_audit_revision_history.major_revision 
_pdbx_audit_revision_history.minor_revision 
_pdbx_audit_revision_history.revision_date 
1 'Structure model' 1 0 2017-01-25 
2 'Structure model' 1 1 2017-02-08 
3 'Structure model' 1 2 2017-02-15 
4 'Structure model' 1 3 2017-03-29 
5 'Structure model' 1 4 2024-03-06 
# 
_pdbx_audit_revision_details.ordinal             1 
_pdbx_audit_revision_details.revision_ordinal    1 
_pdbx_audit_revision_details.data_content_type   'Structure model' 
_pdbx_audit_revision_details.provider            repository 
_pdbx_audit_revision_details.type                'Initial release' 
_pdbx_audit_revision_details.description         ? 
_pdbx_audit_revision_details.details             ? 
# 
loop_
_pdbx_audit_revision_group.ordinal 
_pdbx_audit_revision_group.revision_ordinal 
_pdbx_audit_revision_group.data_content_type 
_pdbx_audit_revision_group.group 
1 2 'Structure model' 'Database references' 
2 3 'Structure model' 'Database references' 
3 4 'Structure model' 'Structure summary'   
4 5 'Structure model' 'Data collection'     
5 5 'Structure model' 'Database references' 
# 
loop_
_pdbx_audit_revision_category.ordinal 
_pdbx_audit_revision_category.revision_ordinal 
_pdbx_audit_revision_category.data_content_type 
_pdbx_audit_revision_category.category 
1 5 'Structure model' chem_comp_atom 
2 5 'Structure model' chem_comp_bond 
3 5 'Structure model' database_2     
# 
loop_
_pdbx_audit_revision_item.ordinal 
_pdbx_audit_revision_item.revision_ordinal 
_pdbx_audit_revision_item.data_content_type 
_pdbx_audit_revision_item.item 
1 5 'Structure model' '_database_2.pdbx_DOI'                
2 5 'Structure model' '_database_2.pdbx_database_accession' 
# 
_pdbx_database_status.status_code                     REL 
_pdbx_database_status.status_code_sf                  REL 
_pdbx_database_status.status_code_mr                  ? 
_pdbx_database_status.entry_id                        5T9W 
_pdbx_database_status.recvd_initial_deposition_date   2016-09-09 
_pdbx_database_status.SG_entry                        N 
_pdbx_database_status.deposit_site                    RCSB 
_pdbx_database_status.process_site                    RCSB 
_pdbx_database_status.status_code_cs                  ? 
_pdbx_database_status.methods_development_category    ? 
_pdbx_database_status.pdb_format_compatible           Y 
_pdbx_database_status.status_code_nmr_data            ? 
# 
loop_
_pdbx_database_related.db_name 
_pdbx_database_related.details 
_pdbx_database_related.db_id 
_pdbx_database_related.content_type 
PDB . 5T9U unspecified 
PDB . 5TA4 unspecified 
PDB . 5TA2 unspecified 
PDB . 5T9Z unspecified 
# 
loop_
_audit_author.name 
_audit_author.pdbx_ordinal 
_audit_author.identifier_ORCID 
'Appleby, T.C.' 1 ? 
'Steadman, V.'  2 ? 
'Pettit, P.'    3 ? 
'Schmitz, U.'   4 ? 
'Mackman, R.L.' 5 ? 
'Schultz, B.'   6 ? 
# 
_citation.abstract                  ? 
_citation.abstract_id_CAS           ? 
_citation.book_id_ISBN              ? 
_citation.book_publisher            ? 
_citation.book_publisher_city       ? 
_citation.book_title                ? 
_citation.coordinate_linkage        ? 
_citation.country                   US 
_citation.database_id_Medline       ? 
_citation.details                   ? 
_citation.id                        primary 
_citation.journal_abbrev            'J. Med. Chem.' 
_citation.journal_id_ASTM           JMCMAR 
_citation.journal_id_CSD            0151 
_citation.journal_id_ISSN           1520-4804 
_citation.journal_full              ? 
_citation.journal_issue             ? 
_citation.journal_volume            60 
_citation.language                  ? 
_citation.page_first                1000 
_citation.page_last                 1017 
_citation.title                     
'Discovery of Potent Cyclophilin Inhibitors Based on the Structural Simplification of Sanglifehrin A.' 
_citation.year                      2017 
_citation.database_id_CSD           ? 
_citation.pdbx_database_id_DOI      10.1021/acs.jmedchem.6b01329 
_citation.pdbx_database_id_PubMed   28075591 
_citation.unpublished_flag          ? 
# 
loop_
_citation_author.citation_id 
_citation_author.name 
_citation_author.ordinal 
_citation_author.identifier_ORCID 
primary 'Steadman, V.A.'   1  ? 
primary 'Pettit, S.B.'     2  ? 
primary 'Poullennec, K.G.' 3  ? 
primary 'Lazarides, L.'    4  ? 
primary 'Keats, A.J.'      5  ? 
primary 'Dean, D.K.'       6  ? 
primary 'Stanway, S.J.'    7  ? 
primary 'Austin, C.A.'     8  ? 
primary 'Sanvoisin, J.A.'  9  ? 
primary 'Watt, G.M.'       10 ? 
primary 'Fliri, H.G.'      11 ? 
primary 'Liclican, A.C.'   12 ? 
primary 'Jin, D.'          13 ? 
primary 'Wong, M.H.'       14 ? 
primary 'Leavitt, S.A.'    15 ? 
primary 'Lee, Y.J.'        16 ? 
primary 'Tian, Y.'         17 ? 
primary 'Frey, C.R.'       18 ? 
primary 'Appleby, T.C.'    19 ? 
primary 'Schmitz, U.'      20 ? 
primary 'Jansa, P.'        21 ? 
primary 'Mackman, R.L.'    22 ? 
primary 'Schultz, B.E.'    23 ? 
# 
loop_
_entity.id 
_entity.type 
_entity.src_method 
_entity.pdbx_description 
_entity.formula_weight 
_entity.pdbx_number_of_molecules 
_entity.pdbx_ec 
_entity.pdbx_mutation 
_entity.pdbx_fragment 
_entity.details 
1 polymer     man 'Peptidyl-prolyl cis-trans isomerase A' 17905.307 1   5.2.1.8 ? ? ? 
2 non-polymer syn 
'3-[(3-hydroxyphenyl)methyl]-6-(propan-2-yl)-19-oxa-1,4,7,25-tetraazabicyclo[19.3.1]pentacosa-13,15-diene-2,5,8,20-tetrone' 
554.678   1   ?       ? ? ? 
3 water       nat water 18.015    211 ?       ? ? ? 
# 
_entity_name_com.entity_id   1 
_entity_name_com.name        'PPIase A,Cyclophilin A,Cyclosporin A-binding protein,Rotamase A' 
# 
_entity_poly.entity_id                      1 
_entity_poly.type                           'polypeptide(L)' 
_entity_poly.nstd_linkage                   no 
_entity_poly.nstd_monomer                   no 
_entity_poly.pdbx_seq_one_letter_code       
;VNPTVFFDIAVDGEPLGRVSFELFADKVPKTAENFRALSTGEKGFGYKGSCFHRIIPGFMCQGGDFTRHNGTGGKSIYGE
KFEDENFILKHTGPGILSMANAGPNTNGSQFFICTAKTEWLDGKHVVFGKVKEGMNIVEAMERFGSRNGKTSKKITIADC
GQLE
;
_entity_poly.pdbx_seq_one_letter_code_can   
;VNPTVFFDIAVDGEPLGRVSFELFADKVPKTAENFRALSTGEKGFGYKGSCFHRIIPGFMCQGGDFTRHNGTGGKSIYGE
KFEDENFILKHTGPGILSMANAGPNTNGSQFFICTAKTEWLDGKHVVFGKVKEGMNIVEAMERFGSRNGKTSKKITIADC
GQLE
;
_entity_poly.pdbx_strand_id                 A 
_entity_poly.pdbx_target_identifier         ? 
# 
loop_
_pdbx_entity_nonpoly.entity_id 
_pdbx_entity_nonpoly.name 
_pdbx_entity_nonpoly.comp_id 
2 '3-[(3-hydroxyphenyl)methyl]-6-(propan-2-yl)-19-oxa-1,4,7,25-tetraazabicyclo[19.3.1]pentacosa-13,15-diene-2,5,8,20-tetrone' 78E 
3 water                                                                                                                       HOH 
# 
loop_
_entity_poly_seq.entity_id 
_entity_poly_seq.num 
_entity_poly_seq.mon_id 
_entity_poly_seq.hetero 
1 1   VAL n 
1 2   ASN n 
1 3   PRO n 
1 4   THR n 
1 5   VAL n 
1 6   PHE n 
1 7   PHE n 
1 8   ASP n 
1 9   ILE n 
1 10  ALA n 
1 11  VAL n 
1 12  ASP n 
1 13  GLY n 
1 14  GLU n 
1 15  PRO n 
1 16  LEU n 
1 17  GLY n 
1 18  ARG n 
1 19  VAL n 
1 20  SER n 
1 21  PHE n 
1 22  GLU n 
1 23  LEU n 
1 24  PHE n 
1 25  ALA n 
1 26  ASP n 
1 27  LYS n 
1 28  VAL n 
1 29  PRO n 
1 30  LYS n 
1 31  THR n 
1 32  ALA n 
1 33  GLU n 
1 34  ASN n 
1 35  PHE n 
1 36  ARG n 
1 37  ALA n 
1 38  LEU n 
1 39  SER n 
1 40  THR n 
1 41  GLY n 
1 42  GLU n 
1 43  LYS n 
1 44  GLY n 
1 45  PHE n 
1 46  GLY n 
1 47  TYR n 
1 48  LYS n 
1 49  GLY n 
1 50  SER n 
1 51  CYS n 
1 52  PHE n 
1 53  HIS n 
1 54  ARG n 
1 55  ILE n 
1 56  ILE n 
1 57  PRO n 
1 58  GLY n 
1 59  PHE n 
1 60  MET n 
1 61  CYS n 
1 62  GLN n 
1 63  GLY n 
1 64  GLY n 
1 65  ASP n 
1 66  PHE n 
1 67  THR n 
1 68  ARG n 
1 69  HIS n 
1 70  ASN n 
1 71  GLY n 
1 72  THR n 
1 73  GLY n 
1 74  GLY n 
1 75  LYS n 
1 76  SER n 
1 77  ILE n 
1 78  TYR n 
1 79  GLY n 
1 80  GLU n 
1 81  LYS n 
1 82  PHE n 
1 83  GLU n 
1 84  ASP n 
1 85  GLU n 
1 86  ASN n 
1 87  PHE n 
1 88  ILE n 
1 89  LEU n 
1 90  LYS n 
1 91  HIS n 
1 92  THR n 
1 93  GLY n 
1 94  PRO n 
1 95  GLY n 
1 96  ILE n 
1 97  LEU n 
1 98  SER n 
1 99  MET n 
1 100 ALA n 
1 101 ASN n 
1 102 ALA n 
1 103 GLY n 
1 104 PRO n 
1 105 ASN n 
1 106 THR n 
1 107 ASN n 
1 108 GLY n 
1 109 SER n 
1 110 GLN n 
1 111 PHE n 
1 112 PHE n 
1 113 ILE n 
1 114 CYS n 
1 115 THR n 
1 116 ALA n 
1 117 LYS n 
1 118 THR n 
1 119 GLU n 
1 120 TRP n 
1 121 LEU n 
1 122 ASP n 
1 123 GLY n 
1 124 LYS n 
1 125 HIS n 
1 126 VAL n 
1 127 VAL n 
1 128 PHE n 
1 129 GLY n 
1 130 LYS n 
1 131 VAL n 
1 132 LYS n 
1 133 GLU n 
1 134 GLY n 
1 135 MET n 
1 136 ASN n 
1 137 ILE n 
1 138 VAL n 
1 139 GLU n 
1 140 ALA n 
1 141 MET n 
1 142 GLU n 
1 143 ARG n 
1 144 PHE n 
1 145 GLY n 
1 146 SER n 
1 147 ARG n 
1 148 ASN n 
1 149 GLY n 
1 150 LYS n 
1 151 THR n 
1 152 SER n 
1 153 LYS n 
1 154 LYS n 
1 155 ILE n 
1 156 THR n 
1 157 ILE n 
1 158 ALA n 
1 159 ASP n 
1 160 CYS n 
1 161 GLY n 
1 162 GLN n 
1 163 LEU n 
1 164 GLU n 
# 
_entity_src_gen.entity_id                          1 
_entity_src_gen.pdbx_src_id                        1 
_entity_src_gen.pdbx_alt_source_flag               sample 
_entity_src_gen.pdbx_seq_type                      'Biological sequence' 
_entity_src_gen.pdbx_beg_seq_num                   1 
_entity_src_gen.pdbx_end_seq_num                   164 
_entity_src_gen.gene_src_common_name               Human 
_entity_src_gen.gene_src_genus                     ? 
_entity_src_gen.pdbx_gene_src_gene                 'PPIA, CYPA' 
_entity_src_gen.gene_src_species                   ? 
_entity_src_gen.gene_src_strain                    ? 
_entity_src_gen.gene_src_tissue                    ? 
_entity_src_gen.gene_src_tissue_fraction           ? 
_entity_src_gen.gene_src_details                   ? 
_entity_src_gen.pdbx_gene_src_fragment             ? 
_entity_src_gen.pdbx_gene_src_scientific_name      'Homo sapiens' 
_entity_src_gen.pdbx_gene_src_ncbi_taxonomy_id     9606 
_entity_src_gen.pdbx_gene_src_variant              ? 
_entity_src_gen.pdbx_gene_src_cell_line            ? 
_entity_src_gen.pdbx_gene_src_atcc                 ? 
_entity_src_gen.pdbx_gene_src_organ                ? 
_entity_src_gen.pdbx_gene_src_organelle            ? 
_entity_src_gen.pdbx_gene_src_cell                 ? 
_entity_src_gen.pdbx_gene_src_cellular_location    ? 
_entity_src_gen.host_org_common_name               ? 
_entity_src_gen.pdbx_host_org_scientific_name      Bacteria 
_entity_src_gen.pdbx_host_org_ncbi_taxonomy_id     2 
_entity_src_gen.host_org_genus                     ? 
_entity_src_gen.pdbx_host_org_gene                 ? 
_entity_src_gen.pdbx_host_org_organ                ? 
_entity_src_gen.host_org_species                   ? 
_entity_src_gen.pdbx_host_org_tissue               ? 
_entity_src_gen.pdbx_host_org_tissue_fraction      ? 
_entity_src_gen.pdbx_host_org_strain               ? 
_entity_src_gen.pdbx_host_org_variant              ? 
_entity_src_gen.pdbx_host_org_cell_line            ? 
_entity_src_gen.pdbx_host_org_atcc                 ? 
_entity_src_gen.pdbx_host_org_culture_collection   ? 
_entity_src_gen.pdbx_host_org_cell                 ? 
_entity_src_gen.pdbx_host_org_organelle            ? 
_entity_src_gen.pdbx_host_org_cellular_location    ? 
_entity_src_gen.pdbx_host_org_vector_type          ? 
_entity_src_gen.pdbx_host_org_vector               ? 
_entity_src_gen.host_org_details                   ? 
_entity_src_gen.expression_system_id               ? 
_entity_src_gen.plasmid_name                       ? 
_entity_src_gen.plasmid_details                    ? 
_entity_src_gen.pdbx_description                   ? 
# 
loop_
_chem_comp.id 
_chem_comp.type 
_chem_comp.mon_nstd_flag 
_chem_comp.name 
_chem_comp.pdbx_synonyms 
_chem_comp.formula 
_chem_comp.formula_weight 
78E peptide-like        . 
'3-[(3-hydroxyphenyl)methyl]-6-(propan-2-yl)-19-oxa-1,4,7,25-tetraazabicyclo[19.3.1]pentacosa-13,15-diene-2,5,8,20-tetrone' ? 
'C30 H42 N4 O6'  554.678 
ALA 'L-peptide linking' y ALANINE ? 'C3 H7 N O2'     89.093  
ARG 'L-peptide linking' y ARGININE ? 'C6 H15 N4 O2 1' 175.209 
ASN 'L-peptide linking' y ASPARAGINE ? 'C4 H8 N2 O3'    132.118 
ASP 'L-peptide linking' y 'ASPARTIC ACID' ? 'C4 H7 N O4'     133.103 
CYS 'L-peptide linking' y CYSTEINE ? 'C3 H7 N O2 S'   121.158 
GLN 'L-peptide linking' y GLUTAMINE ? 'C5 H10 N2 O3'   146.144 
GLU 'L-peptide linking' y 'GLUTAMIC ACID' ? 'C5 H9 N O4'     147.129 
GLY 'peptide linking'   y GLYCINE ? 'C2 H5 N O2'     75.067  
HIS 'L-peptide linking' y HISTIDINE ? 'C6 H10 N3 O2 1' 156.162 
HOH non-polymer         . WATER ? 'H2 O'           18.015  
ILE 'L-peptide linking' y ISOLEUCINE ? 'C6 H13 N O2'    131.173 
LEU 'L-peptide linking' y LEUCINE ? 'C6 H13 N O2'    131.173 
LYS 'L-peptide linking' y LYSINE ? 'C6 H15 N2 O2 1' 147.195 
MET 'L-peptide linking' y METHIONINE ? 'C5 H11 N O2 S'  149.211 
PHE 'L-peptide linking' y PHENYLALANINE ? 'C9 H11 N O2'    165.189 
PRO 'L-peptide linking' y PROLINE ? 'C5 H9 N O2'     115.130 
SER 'L-peptide linking' y SERINE ? 'C3 H7 N O3'     105.093 
THR 'L-peptide linking' y THREONINE ? 'C4 H9 N O3'     119.119 
TRP 'L-peptide linking' y TRYPTOPHAN ? 'C11 H12 N2 O2'  204.225 
TYR 'L-peptide linking' y TYROSINE ? 'C9 H11 N O3'    181.189 
VAL 'L-peptide linking' y VALINE ? 'C5 H11 N O2'    117.146 
# 
loop_
_pdbx_poly_seq_scheme.asym_id 
_pdbx_poly_seq_scheme.entity_id 
_pdbx_poly_seq_scheme.seq_id 
_pdbx_poly_seq_scheme.mon_id 
_pdbx_poly_seq_scheme.ndb_seq_num 
_pdbx_poly_seq_scheme.pdb_seq_num 
_pdbx_poly_seq_scheme.auth_seq_num 
_pdbx_poly_seq_scheme.pdb_mon_id 
_pdbx_poly_seq_scheme.auth_mon_id 
_pdbx_poly_seq_scheme.pdb_strand_id 
_pdbx_poly_seq_scheme.pdb_ins_code 
_pdbx_poly_seq_scheme.hetero 
A 1 1   VAL 1   2   2   VAL VAL A . n 
A 1 2   ASN 2   3   3   ASN ASN A . n 
A 1 3   PRO 3   4   4   PRO PRO A . n 
A 1 4   THR 4   5   5   THR THR A . n 
A 1 5   VAL 5   6   6   VAL VAL A . n 
A 1 6   PHE 6   7   7   PHE PHE A . n 
A 1 7   PHE 7   8   8   PHE PHE A . n 
A 1 8   ASP 8   9   9   ASP ASP A . n 
A 1 9   ILE 9   10  10  ILE ILE A . n 
A 1 10  ALA 10  11  11  ALA ALA A . n 
A 1 11  VAL 11  12  12  VAL VAL A . n 
A 1 12  ASP 12  13  13  ASP ASP A . n 
A 1 13  GLY 13  14  14  GLY GLY A . n 
A 1 14  GLU 14  15  15  GLU GLU A . n 
A 1 15  PRO 15  16  16  PRO PRO A . n 
A 1 16  LEU 16  17  17  LEU LEU A . n 
A 1 17  GLY 17  18  18  GLY GLY A . n 
A 1 18  ARG 18  19  19  ARG ARG A . n 
A 1 19  VAL 19  20  20  VAL VAL A . n 
A 1 20  SER 20  21  21  SER SER A . n 
A 1 21  PHE 21  22  22  PHE PHE A . n 
A 1 22  GLU 22  23  23  GLU GLU A . n 
A 1 23  LEU 23  24  24  LEU LEU A . n 
A 1 24  PHE 24  25  25  PHE PHE A . n 
A 1 25  ALA 25  26  26  ALA ALA A . n 
A 1 26  ASP 26  27  27  ASP ASP A . n 
A 1 27  LYS 27  28  28  LYS LYS A . n 
A 1 28  VAL 28  29  29  VAL VAL A . n 
A 1 29  PRO 29  30  30  PRO PRO A . n 
A 1 30  LYS 30  31  31  LYS LYS A . n 
A 1 31  THR 31  32  32  THR THR A . n 
A 1 32  ALA 32  33  33  ALA ALA A . n 
A 1 33  GLU 33  34  34  GLU GLU A . n 
A 1 34  ASN 34  35  35  ASN ASN A . n 
A 1 35  PHE 35  36  36  PHE PHE A . n 
A 1 36  ARG 36  37  37  ARG ARG A . n 
A 1 37  ALA 37  38  38  ALA ALA A . n 
A 1 38  LEU 38  39  39  LEU LEU A . n 
A 1 39  SER 39  40  40  SER SER A . n 
A 1 40  THR 40  41  41  THR THR A . n 
A 1 41  GLY 41  42  42  GLY GLY A . n 
A 1 42  GLU 42  43  43  GLU GLU A . n 
A 1 43  LYS 43  44  44  LYS LYS A . n 
A 1 44  GLY 44  45  45  GLY GLY A . n 
A 1 45  PHE 45  46  46  PHE PHE A . n 
A 1 46  GLY 46  47  47  GLY GLY A . n 
A 1 47  TYR 47  48  48  TYR TYR A . n 
A 1 48  LYS 48  49  49  LYS LYS A . n 
A 1 49  GLY 49  50  50  GLY GLY A . n 
A 1 50  SER 50  51  51  SER SER A . n 
A 1 51  CYS 51  52  52  CYS CYS A . n 
A 1 52  PHE 52  53  53  PHE PHE A . n 
A 1 53  HIS 53  54  54  HIS HIS A . n 
A 1 54  ARG 54  55  55  ARG ARG A . n 
A 1 55  ILE 55  56  56  ILE ILE A . n 
A 1 56  ILE 56  57  57  ILE ILE A . n 
A 1 57  PRO 57  58  58  PRO PRO A . n 
A 1 58  GLY 58  59  59  GLY GLY A . n 
A 1 59  PHE 59  60  60  PHE PHE A . n 
A 1 60  MET 60  61  61  MET MET A . n 
A 1 61  CYS 61  62  62  CYS CYS A . n 
A 1 62  GLN 62  63  63  GLN GLN A . n 
A 1 63  GLY 63  64  64  GLY GLY A . n 
A 1 64  GLY 64  65  65  GLY GLY A . n 
A 1 65  ASP 65  66  66  ASP ASP A . n 
A 1 66  PHE 66  67  67  PHE PHE A . n 
A 1 67  THR 67  68  68  THR THR A . n 
A 1 68  ARG 68  69  69  ARG ARG A . n 
A 1 69  HIS 69  70  70  HIS HIS A . n 
A 1 70  ASN 70  71  71  ASN ASN A . n 
A 1 71  GLY 71  72  72  GLY GLY A . n 
A 1 72  THR 72  73  73  THR THR A . n 
A 1 73  GLY 73  74  74  GLY GLY A . n 
A 1 74  GLY 74  75  75  GLY GLY A . n 
A 1 75  LYS 75  76  76  LYS LYS A . n 
A 1 76  SER 76  77  77  SER SER A . n 
A 1 77  ILE 77  78  78  ILE ILE A . n 
A 1 78  TYR 78  79  79  TYR TYR A . n 
A 1 79  GLY 79  80  80  GLY GLY A . n 
A 1 80  GLU 80  81  81  GLU GLU A . n 
A 1 81  LYS 81  82  82  LYS LYS A . n 
A 1 82  PHE 82  83  83  PHE PHE A . n 
A 1 83  GLU 83  84  84  GLU GLU A . n 
A 1 84  ASP 84  85  85  ASP ASP A . n 
A 1 85  GLU 85  86  86  GLU GLU A . n 
A 1 86  ASN 86  87  87  ASN ASN A . n 
A 1 87  PHE 87  88  88  PHE PHE A . n 
A 1 88  ILE 88  89  89  ILE ILE A . n 
A 1 89  LEU 89  90  90  LEU LEU A . n 
A 1 90  LYS 90  91  91  LYS LYS A . n 
A 1 91  HIS 91  92  92  HIS HIS A . n 
A 1 92  THR 92  93  93  THR THR A . n 
A 1 93  GLY 93  94  94  GLY GLY A . n 
A 1 94  PRO 94  95  95  PRO PRO A . n 
A 1 95  GLY 95  96  96  GLY GLY A . n 
A 1 96  ILE 96  97  97  ILE ILE A . n 
A 1 97  LEU 97  98  98  LEU LEU A . n 
A 1 98  SER 98  99  99  SER SER A . n 
A 1 99  MET 99  100 100 MET MET A . n 
A 1 100 ALA 100 101 101 ALA ALA A . n 
A 1 101 ASN 101 102 102 ASN ASN A . n 
A 1 102 ALA 102 103 103 ALA ALA A . n 
A 1 103 GLY 103 104 104 GLY GLY A . n 
A 1 104 PRO 104 105 105 PRO PRO A . n 
A 1 105 ASN 105 106 106 ASN ASN A . n 
A 1 106 THR 106 107 107 THR THR A . n 
A 1 107 ASN 107 108 108 ASN ASN A . n 
A 1 108 GLY 108 109 109 GLY GLY A . n 
A 1 109 SER 109 110 110 SER SER A . n 
A 1 110 GLN 110 111 111 GLN GLN A . n 
A 1 111 PHE 111 112 112 PHE PHE A . n 
A 1 112 PHE 112 113 113 PHE PHE A . n 
A 1 113 ILE 113 114 114 ILE ILE A . n 
A 1 114 CYS 114 115 115 CYS CYS A . n 
A 1 115 THR 115 116 116 THR THR A . n 
A 1 116 ALA 116 117 117 ALA ALA A . n 
A 1 117 LYS 117 118 118 LYS LYS A . n 
A 1 118 THR 118 119 119 THR THR A . n 
A 1 119 GLU 119 120 120 GLU GLU A . n 
A 1 120 TRP 120 121 121 TRP TRP A . n 
A 1 121 LEU 121 122 122 LEU LEU A . n 
A 1 122 ASP 122 123 123 ASP ASP A . n 
A 1 123 GLY 123 124 124 GLY GLY A . n 
A 1 124 LYS 124 125 125 LYS LYS A . n 
A 1 125 HIS 125 126 126 HIS HIS A . n 
A 1 126 VAL 126 127 127 VAL VAL A . n 
A 1 127 VAL 127 128 128 VAL VAL A . n 
A 1 128 PHE 128 129 129 PHE PHE A . n 
A 1 129 GLY 129 130 130 GLY GLY A . n 
A 1 130 LYS 130 131 131 LYS LYS A . n 
A 1 131 VAL 131 132 132 VAL VAL A . n 
A 1 132 LYS 132 133 133 LYS LYS A . n 
A 1 133 GLU 133 134 134 GLU GLU A . n 
A 1 134 GLY 134 135 135 GLY GLY A . n 
A 1 135 MET 135 136 136 MET MET A . n 
A 1 136 ASN 136 137 137 ASN ASN A . n 
A 1 137 ILE 137 138 138 ILE ILE A . n 
A 1 138 VAL 138 139 139 VAL VAL A . n 
A 1 139 GLU 139 140 140 GLU GLU A . n 
A 1 140 ALA 140 141 141 ALA ALA A . n 
A 1 141 MET 141 142 142 MET MET A . n 
A 1 142 GLU 142 143 143 GLU GLU A . n 
A 1 143 ARG 143 144 144 ARG ARG A . n 
A 1 144 PHE 144 145 145 PHE PHE A . n 
A 1 145 GLY 145 146 146 GLY GLY A . n 
A 1 146 SER 146 147 147 SER SER A . n 
A 1 147 ARG 147 148 148 ARG ARG A . n 
A 1 148 ASN 148 149 149 ASN ASN A . n 
A 1 149 GLY 149 150 150 GLY GLY A . n 
A 1 150 LYS 150 151 151 LYS LYS A . n 
A 1 151 THR 151 152 152 THR THR A . n 
A 1 152 SER 152 153 153 SER SER A . n 
A 1 153 LYS 153 154 154 LYS LYS A . n 
A 1 154 LYS 154 155 155 LYS LYS A . n 
A 1 155 ILE 155 156 156 ILE ILE A . n 
A 1 156 THR 156 157 157 THR THR A . n 
A 1 157 ILE 157 158 158 ILE ILE A . n 
A 1 158 ALA 158 159 159 ALA ALA A . n 
A 1 159 ASP 159 160 160 ASP ASP A . n 
A 1 160 CYS 160 161 161 CYS CYS A . n 
A 1 161 GLY 161 162 162 GLY GLY A . n 
A 1 162 GLN 162 163 163 GLN GLN A . n 
A 1 163 LEU 163 164 164 LEU LEU A . n 
A 1 164 GLU 164 165 165 GLU GLU A . n 
# 
loop_
_pdbx_nonpoly_scheme.asym_id 
_pdbx_nonpoly_scheme.entity_id 
_pdbx_nonpoly_scheme.mon_id 
_pdbx_nonpoly_scheme.ndb_seq_num 
_pdbx_nonpoly_scheme.pdb_seq_num 
_pdbx_nonpoly_scheme.auth_seq_num 
_pdbx_nonpoly_scheme.pdb_mon_id 
_pdbx_nonpoly_scheme.auth_mon_id 
_pdbx_nonpoly_scheme.pdb_strand_id 
_pdbx_nonpoly_scheme.pdb_ins_code 
B 2 78E 1   300 300 78E 577 A . 
C 3 HOH 1   401 203 HOH HOH A . 
C 3 HOH 2   402 161 HOH HOH A . 
C 3 HOH 3   403 143 HOH HOH A . 
C 3 HOH 4   404 90  HOH HOH A . 
C 3 HOH 5   405 204 HOH HOH A . 
C 3 HOH 6   406 199 HOH HOH A . 
C 3 HOH 7   407 179 HOH HOH A . 
C 3 HOH 8   408 197 HOH HOH A . 
C 3 HOH 9   409 36  HOH HOH A . 
C 3 HOH 10  410 74  HOH HOH A . 
C 3 HOH 11  411 134 HOH HOH A . 
C 3 HOH 12  412 21  HOH HOH A . 
C 3 HOH 13  413 54  HOH HOH A . 
C 3 HOH 14  414 99  HOH HOH A . 
C 3 HOH 15  415 83  HOH HOH A . 
C 3 HOH 16  416 38  HOH HOH A . 
C 3 HOH 17  417 208 HOH HOH A . 
C 3 HOH 18  418 172 HOH HOH A . 
C 3 HOH 19  419 84  HOH HOH A . 
C 3 HOH 20  420 129 HOH HOH A . 
C 3 HOH 21  421 107 HOH HOH A . 
C 3 HOH 22  422 41  HOH HOH A . 
C 3 HOH 23  423 91  HOH HOH A . 
C 3 HOH 24  424 176 HOH HOH A . 
C 3 HOH 25  425 37  HOH HOH A . 
C 3 HOH 26  426 17  HOH HOH A . 
C 3 HOH 27  427 42  HOH HOH A . 
C 3 HOH 28  428 66  HOH HOH A . 
C 3 HOH 29  429 34  HOH HOH A . 
C 3 HOH 30  430 3   HOH HOH A . 
C 3 HOH 31  431 78  HOH HOH A . 
C 3 HOH 32  432 46  HOH HOH A . 
C 3 HOH 33  433 25  HOH HOH A . 
C 3 HOH 34  434 81  HOH HOH A . 
C 3 HOH 35  435 89  HOH HOH A . 
C 3 HOH 36  436 12  HOH HOH A . 
C 3 HOH 37  437 13  HOH HOH A . 
C 3 HOH 38  438 50  HOH HOH A . 
C 3 HOH 39  439 28  HOH HOH A . 
C 3 HOH 40  440 16  HOH HOH A . 
C 3 HOH 41  441 30  HOH HOH A . 
C 3 HOH 42  442 24  HOH HOH A . 
C 3 HOH 43  443 86  HOH HOH A . 
C 3 HOH 44  444 125 HOH HOH A . 
C 3 HOH 45  445 11  HOH HOH A . 
C 3 HOH 46  446 184 HOH HOH A . 
C 3 HOH 47  447 20  HOH HOH A . 
C 3 HOH 48  448 152 HOH HOH A . 
C 3 HOH 49  449 126 HOH HOH A . 
C 3 HOH 50  450 118 HOH HOH A . 
C 3 HOH 51  451 1   HOH HOH A . 
C 3 HOH 52  452 48  HOH HOH A . 
C 3 HOH 53  453 96  HOH HOH A . 
C 3 HOH 54  454 187 HOH HOH A . 
C 3 HOH 55  455 196 HOH HOH A . 
C 3 HOH 56  456 27  HOH HOH A . 
C 3 HOH 57  457 51  HOH HOH A . 
C 3 HOH 58  458 4   HOH HOH A . 
C 3 HOH 59  459 192 HOH HOH A . 
C 3 HOH 60  460 188 HOH HOH A . 
C 3 HOH 61  461 72  HOH HOH A . 
C 3 HOH 62  462 52  HOH HOH A . 
C 3 HOH 63  463 68  HOH HOH A . 
C 3 HOH 64  464 9   HOH HOH A . 
C 3 HOH 65  465 105 HOH HOH A . 
C 3 HOH 66  466 15  HOH HOH A . 
C 3 HOH 67  467 29  HOH HOH A . 
C 3 HOH 68  468 70  HOH HOH A . 
C 3 HOH 69  469 128 HOH HOH A . 
C 3 HOH 70  470 43  HOH HOH A . 
C 3 HOH 71  471 18  HOH HOH A . 
C 3 HOH 72  472 133 HOH HOH A . 
C 3 HOH 73  473 47  HOH HOH A . 
C 3 HOH 74  474 6   HOH HOH A . 
C 3 HOH 75  475 58  HOH HOH A . 
C 3 HOH 76  476 183 HOH HOH A . 
C 3 HOH 77  477 59  HOH HOH A . 
C 3 HOH 78  478 67  HOH HOH A . 
C 3 HOH 79  479 8   HOH HOH A . 
C 3 HOH 80  480 111 HOH HOH A . 
C 3 HOH 81  481 185 HOH HOH A . 
C 3 HOH 82  482 19  HOH HOH A . 
C 3 HOH 83  483 97  HOH HOH A . 
C 3 HOH 84  484 92  HOH HOH A . 
C 3 HOH 85  485 40  HOH HOH A . 
C 3 HOH 86  486 49  HOH HOH A . 
C 3 HOH 87  487 23  HOH HOH A . 
C 3 HOH 88  488 76  HOH HOH A . 
C 3 HOH 89  489 22  HOH HOH A . 
C 3 HOH 90  490 147 HOH HOH A . 
C 3 HOH 91  491 39  HOH HOH A . 
C 3 HOH 92  492 73  HOH HOH A . 
C 3 HOH 93  493 82  HOH HOH A . 
C 3 HOH 94  494 117 HOH HOH A . 
C 3 HOH 95  495 158 HOH HOH A . 
C 3 HOH 96  496 93  HOH HOH A . 
C 3 HOH 97  497 14  HOH HOH A . 
C 3 HOH 98  498 26  HOH HOH A . 
C 3 HOH 99  499 95  HOH HOH A . 
C 3 HOH 100 500 160 HOH HOH A . 
C 3 HOH 101 501 155 HOH HOH A . 
C 3 HOH 102 502 145 HOH HOH A . 
C 3 HOH 103 503 177 HOH HOH A . 
C 3 HOH 104 504 10  HOH HOH A . 
C 3 HOH 105 505 77  HOH HOH A . 
C 3 HOH 106 506 112 HOH HOH A . 
C 3 HOH 107 507 35  HOH HOH A . 
C 3 HOH 108 508 53  HOH HOH A . 
C 3 HOH 109 509 94  HOH HOH A . 
C 3 HOH 110 510 113 HOH HOH A . 
C 3 HOH 111 511 108 HOH HOH A . 
C 3 HOH 112 512 2   HOH HOH A . 
C 3 HOH 113 513 159 HOH HOH A . 
C 3 HOH 114 514 110 HOH HOH A . 
C 3 HOH 115 515 150 HOH HOH A . 
C 3 HOH 116 516 88  HOH HOH A . 
C 3 HOH 117 517 164 HOH HOH A . 
C 3 HOH 118 518 122 HOH HOH A . 
C 3 HOH 119 519 202 HOH HOH A . 
C 3 HOH 120 520 180 HOH HOH A . 
C 3 HOH 121 521 106 HOH HOH A . 
C 3 HOH 122 522 100 HOH HOH A . 
C 3 HOH 123 523 71  HOH HOH A . 
C 3 HOH 124 524 151 HOH HOH A . 
C 3 HOH 125 525 7   HOH HOH A . 
C 3 HOH 126 526 55  HOH HOH A . 
C 3 HOH 127 527 32  HOH HOH A . 
C 3 HOH 128 528 45  HOH HOH A . 
C 3 HOH 129 529 80  HOH HOH A . 
C 3 HOH 130 530 31  HOH HOH A . 
C 3 HOH 131 531 137 HOH HOH A . 
C 3 HOH 132 532 127 HOH HOH A . 
C 3 HOH 133 533 79  HOH HOH A . 
C 3 HOH 134 534 5   HOH HOH A . 
C 3 HOH 135 535 75  HOH HOH A . 
C 3 HOH 136 536 109 HOH HOH A . 
C 3 HOH 137 537 103 HOH HOH A . 
C 3 HOH 138 538 57  HOH HOH A . 
C 3 HOH 139 539 175 HOH HOH A . 
C 3 HOH 140 540 61  HOH HOH A . 
C 3 HOH 141 541 144 HOH HOH A . 
C 3 HOH 142 542 171 HOH HOH A . 
C 3 HOH 143 543 146 HOH HOH A . 
C 3 HOH 144 544 33  HOH HOH A . 
C 3 HOH 145 545 189 HOH HOH A . 
C 3 HOH 146 546 69  HOH HOH A . 
C 3 HOH 147 547 178 HOH HOH A . 
C 3 HOH 148 548 136 HOH HOH A . 
C 3 HOH 149 549 195 HOH HOH A . 
C 3 HOH 150 550 44  HOH HOH A . 
C 3 HOH 151 551 170 HOH HOH A . 
C 3 HOH 152 552 116 HOH HOH A . 
C 3 HOH 153 553 114 HOH HOH A . 
C 3 HOH 154 554 135 HOH HOH A . 
C 3 HOH 155 555 64  HOH HOH A . 
C 3 HOH 156 556 120 HOH HOH A . 
C 3 HOH 157 557 101 HOH HOH A . 
C 3 HOH 158 558 153 HOH HOH A . 
C 3 HOH 159 559 138 HOH HOH A . 
C 3 HOH 160 560 124 HOH HOH A . 
C 3 HOH 161 561 205 HOH HOH A . 
C 3 HOH 162 562 198 HOH HOH A . 
C 3 HOH 163 563 62  HOH HOH A . 
C 3 HOH 164 564 87  HOH HOH A . 
C 3 HOH 165 565 168 HOH HOH A . 
C 3 HOH 166 566 63  HOH HOH A . 
C 3 HOH 167 567 148 HOH HOH A . 
C 3 HOH 168 568 182 HOH HOH A . 
C 3 HOH 169 569 119 HOH HOH A . 
C 3 HOH 170 570 102 HOH HOH A . 
C 3 HOH 171 571 209 HOH HOH A . 
C 3 HOH 172 572 200 HOH HOH A . 
C 3 HOH 173 573 123 HOH HOH A . 
C 3 HOH 174 574 211 HOH HOH A . 
C 3 HOH 175 575 167 HOH HOH A . 
C 3 HOH 176 576 141 HOH HOH A . 
C 3 HOH 177 577 131 HOH HOH A . 
C 3 HOH 178 578 132 HOH HOH A . 
C 3 HOH 179 579 162 HOH HOH A . 
C 3 HOH 180 580 166 HOH HOH A . 
C 3 HOH 181 581 174 HOH HOH A . 
C 3 HOH 182 582 149 HOH HOH A . 
C 3 HOH 183 583 154 HOH HOH A . 
C 3 HOH 184 584 142 HOH HOH A . 
C 3 HOH 185 585 193 HOH HOH A . 
C 3 HOH 186 586 139 HOH HOH A . 
C 3 HOH 187 587 130 HOH HOH A . 
C 3 HOH 188 588 85  HOH HOH A . 
C 3 HOH 189 589 121 HOH HOH A . 
C 3 HOH 190 590 194 HOH HOH A . 
C 3 HOH 191 591 104 HOH HOH A . 
C 3 HOH 192 592 201 HOH HOH A . 
C 3 HOH 193 593 60  HOH HOH A . 
C 3 HOH 194 594 207 HOH HOH A . 
C 3 HOH 195 595 163 HOH HOH A . 
C 3 HOH 196 596 206 HOH HOH A . 
C 3 HOH 197 597 98  HOH HOH A . 
C 3 HOH 198 598 140 HOH HOH A . 
C 3 HOH 199 599 56  HOH HOH A . 
C 3 HOH 200 600 181 HOH HOH A . 
C 3 HOH 201 601 165 HOH HOH A . 
C 3 HOH 202 602 156 HOH HOH A . 
C 3 HOH 203 603 157 HOH HOH A . 
C 3 HOH 204 604 210 HOH HOH A . 
C 3 HOH 205 605 190 HOH HOH A . 
C 3 HOH 206 606 115 HOH HOH A . 
C 3 HOH 207 607 169 HOH HOH A . 
C 3 HOH 208 608 65  HOH HOH A . 
C 3 HOH 209 609 186 HOH HOH A . 
C 3 HOH 210 610 173 HOH HOH A . 
C 3 HOH 211 611 191 HOH HOH A . 
# 
loop_
_software.citation_id 
_software.classification 
_software.compiler_name 
_software.compiler_version 
_software.contact_author 
_software.contact_author_email 
_software.date 
_software.description 
_software.dependencies 
_software.hardware 
_software.language 
_software.location 
_software.mods 
_software.name 
_software.os 
_software.os_version 
_software.type 
_software.version 
_software.pdbx_ordinal 
? 'data collection' ? ? ? ? ? ? ? ? ? ? ? HKL-2000    ? ? ? .         1 
? 'data scaling'    ? ? ? ? ? ? ? ? ? ? ? SCALEPACK   ? ? ? .         2 
? refinement        ? ? ? ? ? ? ? ? ? ? ? PHENIX      ? ? ? 1.6.4_486 3 
? 'data extraction' ? ? ? ? ? ? ? ? ? ? ? PDB_EXTRACT ? ? ? 3.20      4 
# 
_cell.angle_alpha                  90.000 
_cell.angle_alpha_esd              ? 
_cell.angle_beta                   90.000 
_cell.angle_beta_esd               ? 
_cell.angle_gamma                  90.000 
_cell.angle_gamma_esd              ? 
_cell.entry_id                     5T9W 
_cell.details                      ? 
_cell.formula_units_Z              ? 
_cell.length_a                     64.864 
_cell.length_a_esd                 ? 
_cell.length_b                     84.514 
_cell.length_b_esd                 ? 
_cell.length_c                     68.533 
_cell.length_c_esd                 ? 
_cell.volume                       ? 
_cell.volume_esd                   ? 
_cell.Z_PDB                        8 
_cell.reciprocal_angle_alpha       ? 
_cell.reciprocal_angle_beta        ? 
_cell.reciprocal_angle_gamma       ? 
_cell.reciprocal_angle_alpha_esd   ? 
_cell.reciprocal_angle_beta_esd    ? 
_cell.reciprocal_angle_gamma_esd   ? 
_cell.reciprocal_length_a          ? 
_cell.reciprocal_length_b          ? 
_cell.reciprocal_length_c          ? 
_cell.reciprocal_length_a_esd      ? 
_cell.reciprocal_length_b_esd      ? 
_cell.reciprocal_length_c_esd      ? 
_cell.pdbx_unique_axis             ? 
# 
_symmetry.entry_id                         5T9W 
_symmetry.cell_setting                     ? 
_symmetry.Int_Tables_number                20 
_symmetry.space_group_name_Hall            ? 
_symmetry.space_group_name_H-M             'C 2 2 21' 
_symmetry.pdbx_full_space_group_name_H-M   ? 
# 
_exptl.absorpt_coefficient_mu     ? 
_exptl.absorpt_correction_T_max   ? 
_exptl.absorpt_correction_T_min   ? 
_exptl.absorpt_correction_type    ? 
_exptl.absorpt_process_details    ? 
_exptl.entry_id                   5T9W 
_exptl.crystals_number            1 
_exptl.details                    ? 
_exptl.method                     'X-RAY DIFFRACTION' 
_exptl.method_details             ? 
# 
_exptl_crystal.colour                      ? 
_exptl_crystal.density_diffrn              ? 
_exptl_crystal.density_Matthews            2.62 
_exptl_crystal.density_method              ? 
_exptl_crystal.density_percent_sol         53.10 
_exptl_crystal.description                 ? 
_exptl_crystal.F_000                       ? 
_exptl_crystal.id                          1 
_exptl_crystal.preparation                 ? 
_exptl_crystal.size_max                    ? 
_exptl_crystal.size_mid                    ? 
_exptl_crystal.size_min                    ? 
_exptl_crystal.size_rad                    ? 
_exptl_crystal.colour_lustre               ? 
_exptl_crystal.colour_modifier             ? 
_exptl_crystal.colour_primary              ? 
_exptl_crystal.density_meas                ? 
_exptl_crystal.density_meas_esd            ? 
_exptl_crystal.density_meas_gt             ? 
_exptl_crystal.density_meas_lt             ? 
_exptl_crystal.density_meas_temp           ? 
_exptl_crystal.density_meas_temp_esd       ? 
_exptl_crystal.density_meas_temp_gt        ? 
_exptl_crystal.density_meas_temp_lt        ? 
_exptl_crystal.pdbx_crystal_image_url      ? 
_exptl_crystal.pdbx_crystal_image_format   ? 
_exptl_crystal.pdbx_mosaicity              ? 
_exptl_crystal.pdbx_mosaicity_esd          ? 
# 
_exptl_crystal_grow.apparatus       ? 
_exptl_crystal_grow.atmosphere      ? 
_exptl_crystal_grow.crystal_id      1 
_exptl_crystal_grow.details         ? 
_exptl_crystal_grow.method          'VAPOR DIFFUSION' 
_exptl_crystal_grow.method_ref      ? 
_exptl_crystal_grow.pH              ? 
_exptl_crystal_grow.pressure        ? 
_exptl_crystal_grow.pressure_esd    ? 
_exptl_crystal_grow.seeding         ? 
_exptl_crystal_grow.seeding_ref     ? 
_exptl_crystal_grow.temp            293 
_exptl_crystal_grow.temp_details    ? 
_exptl_crystal_grow.temp_esd        ? 
_exptl_crystal_grow.time            ? 
_exptl_crystal_grow.pdbx_details    
;0.05 M monobasic potassium phosphate
20% (w/v) PEG 8000
;
_exptl_crystal_grow.pdbx_pH_range   ? 
# 
_diffrn.ambient_environment    ? 
_diffrn.ambient_temp           100 
_diffrn.ambient_temp_details   ? 
_diffrn.ambient_temp_esd       ? 
_diffrn.crystal_id             1 
_diffrn.crystal_support        ? 
_diffrn.crystal_treatment      ? 
_diffrn.details                ? 
_diffrn.id                     1 
_diffrn.ambient_pressure       ? 
_diffrn.ambient_pressure_esd   ? 
_diffrn.ambient_pressure_gt    ? 
_diffrn.ambient_pressure_lt    ? 
_diffrn.ambient_temp_gt        ? 
_diffrn.ambient_temp_lt        ? 
# 
_diffrn_detector.details                      ? 
_diffrn_detector.detector                     CCD 
_diffrn_detector.diffrn_id                    1 
_diffrn_detector.type                         'ADSC QUANTUM 315' 
_diffrn_detector.area_resol_mean              ? 
_diffrn_detector.dtime                        ? 
_diffrn_detector.pdbx_frames_total            ? 
_diffrn_detector.pdbx_collection_time_total   ? 
_diffrn_detector.pdbx_collection_date         2010-05-26 
# 
_diffrn_radiation.collimation                      ? 
_diffrn_radiation.diffrn_id                        1 
_diffrn_radiation.filter_edge                      ? 
_diffrn_radiation.inhomogeneity                    ? 
_diffrn_radiation.monochromator                    ? 
_diffrn_radiation.polarisn_norm                    ? 
_diffrn_radiation.polarisn_ratio                   ? 
_diffrn_radiation.probe                            ? 
_diffrn_radiation.type                             ? 
_diffrn_radiation.xray_symbol                      ? 
_diffrn_radiation.wavelength_id                    1 
_diffrn_radiation.pdbx_monochromatic_or_laue_m_l   M 
_diffrn_radiation.pdbx_wavelength_list             ? 
_diffrn_radiation.pdbx_wavelength                  ? 
_diffrn_radiation.pdbx_diffrn_protocol             'SINGLE WAVELENGTH' 
_diffrn_radiation.pdbx_analyzer                    ? 
_diffrn_radiation.pdbx_scattering_type             x-ray 
# 
_diffrn_radiation_wavelength.id           1 
_diffrn_radiation_wavelength.wavelength   0.979 
_diffrn_radiation_wavelength.wt           1.0 
# 
_diffrn_source.current                     ? 
_diffrn_source.details                     ? 
_diffrn_source.diffrn_id                   1 
_diffrn_source.power                       ? 
_diffrn_source.size                        ? 
_diffrn_source.source                      SYNCHROTRON 
_diffrn_source.target                      ? 
_diffrn_source.type                        'ALS BEAMLINE 5.0.1' 
_diffrn_source.voltage                     ? 
_diffrn_source.take-off_angle              ? 
_diffrn_source.pdbx_wavelength_list        0.979 
_diffrn_source.pdbx_wavelength             ? 
_diffrn_source.pdbx_synchrotron_beamline   5.0.1 
_diffrn_source.pdbx_synchrotron_site       ALS 
# 
_reflns.B_iso_Wilson_estimate            ? 
_reflns.entry_id                         5T9W 
_reflns.data_reduction_details           ? 
_reflns.data_reduction_method            ? 
_reflns.d_resolution_high                2.000 
_reflns.d_resolution_low                 50.000 
_reflns.details                          ? 
_reflns.limit_h_max                      ? 
_reflns.limit_h_min                      ? 
_reflns.limit_k_max                      ? 
_reflns.limit_k_min                      ? 
_reflns.limit_l_max                      ? 
_reflns.limit_l_min                      ? 
_reflns.number_all                       ? 
_reflns.number_obs                       12725 
_reflns.observed_criterion               ? 
_reflns.observed_criterion_F_max         ? 
_reflns.observed_criterion_F_min         ? 
_reflns.observed_criterion_I_max         ? 
_reflns.observed_criterion_I_min         ? 
_reflns.observed_criterion_sigma_F       ? 
_reflns.observed_criterion_sigma_I       ? 
_reflns.percent_possible_obs             97.200 
_reflns.R_free_details                   ? 
_reflns.Rmerge_F_all                     ? 
_reflns.Rmerge_F_obs                     ? 
_reflns.Friedel_coverage                 ? 
_reflns.number_gt                        ? 
_reflns.threshold_expression             ? 
_reflns.pdbx_redundancy                  4.100 
_reflns.pdbx_Rmerge_I_obs                0.050 
_reflns.pdbx_Rmerge_I_all                ? 
_reflns.pdbx_Rsym_value                  ? 
_reflns.pdbx_netI_over_av_sigmaI         24.500 
_reflns.pdbx_netI_over_sigmaI            12.700 
_reflns.pdbx_res_netI_over_av_sigmaI_2   ? 
_reflns.pdbx_res_netI_over_sigmaI_2      ? 
_reflns.pdbx_chi_squared                 ? 
_reflns.pdbx_scaling_rejects             ? 
_reflns.pdbx_d_res_high_opt              ? 
_reflns.pdbx_d_res_low_opt               ? 
_reflns.pdbx_d_res_opt_method            ? 
_reflns.phase_calculation_details        ? 
_reflns.pdbx_Rrim_I_all                  ? 
_reflns.pdbx_Rpim_I_all                  ? 
_reflns.pdbx_d_opt                       ? 
_reflns.pdbx_number_measured_all         ? 
_reflns.pdbx_diffrn_id                   1 
_reflns.pdbx_ordinal                     1 
_reflns.pdbx_CC_half                     ? 
_reflns.pdbx_R_split                     ? 
# 
loop_
_reflns_shell.d_res_high 
_reflns_shell.d_res_low 
_reflns_shell.meanI_over_sigI_all 
_reflns_shell.meanI_over_sigI_obs 
_reflns_shell.number_measured_all 
_reflns_shell.number_measured_obs 
_reflns_shell.number_possible 
_reflns_shell.number_unique_all 
_reflns_shell.number_unique_obs 
_reflns_shell.percent_possible_all 
_reflns_shell.percent_possible_obs 
_reflns_shell.Rmerge_F_all 
_reflns_shell.Rmerge_F_obs 
_reflns_shell.Rmerge_I_all 
_reflns_shell.Rmerge_I_obs 
_reflns_shell.meanI_over_sigI_gt 
_reflns_shell.meanI_over_uI_all 
_reflns_shell.meanI_over_uI_gt 
_reflns_shell.number_measured_gt 
_reflns_shell.number_unique_gt 
_reflns_shell.percent_possible_gt 
_reflns_shell.Rmerge_F_gt 
_reflns_shell.Rmerge_I_gt 
_reflns_shell.pdbx_redundancy 
_reflns_shell.pdbx_Rsym_value 
_reflns_shell.pdbx_chi_squared 
_reflns_shell.pdbx_netI_over_sigmaI_all 
_reflns_shell.pdbx_netI_over_sigmaI_obs 
_reflns_shell.pdbx_Rrim_I_all 
_reflns_shell.pdbx_Rpim_I_all 
_reflns_shell.pdbx_rejects 
_reflns_shell.pdbx_ordinal 
_reflns_shell.pdbx_diffrn_id 
_reflns_shell.pdbx_CC_half 
_reflns_shell.pdbx_R_split 
2.000 2.060  ? ? ? ? ? ? ? 98.300 ? ? ? ? 0.124 ? ? ? ? ? ? ? ? 4.000 ? ? ? ? ? ? ? 1  1 ? ? 
2.060 2.130  ? ? ? ? ? ? ? 99.600 ? ? ? ? 0.109 ? ? ? ? ? ? ? ? 4.100 ? ? ? ? ? ? ? 2  1 ? ? 
2.130 2.200  ? ? ? ? ? ? ? 99.400 ? ? ? ? 0.089 ? ? ? ? ? ? ? ? 4.100 ? ? ? ? ? ? ? 3  1 ? ? 
2.200 2.290  ? ? ? ? ? ? ? 99.300 ? ? ? ? 0.084 ? ? ? ? ? ? ? ? 4.100 ? ? ? ? ? ? ? 4  1 ? ? 
2.290 2.390  ? ? ? ? ? ? ? 99.100 ? ? ? ? 0.079 ? ? ? ? ? ? ? ? 4.000 ? ? ? ? ? ? ? 5  1 ? ? 
2.390 2.520  ? ? ? ? ? ? ? 98.800 ? ? ? ? 0.077 ? ? ? ? ? ? ? ? 4.100 ? ? ? ? ? ? ? 6  1 ? ? 
2.520 2.680  ? ? ? ? ? ? ? 98.100 ? ? ? ? 0.081 ? ? ? ? ? ? ? ? 4.100 ? ? ? ? ? ? ? 7  1 ? ? 
2.680 2.880  ? ? ? ? ? ? ? 98.000 ? ? ? ? 0.075 ? ? ? ? ? ? ? ? 4.100 ? ? ? ? ? ? ? 8  1 ? ? 
2.880 3.170  ? ? ? ? ? ? ? 96.900 ? ? ? ? 0.061 ? ? ? ? ? ? ? ? 4.100 ? ? ? ? ? ? ? 9  1 ? ? 
3.170 3.630  ? ? ? ? ? ? ? 95.700 ? ? ? ? 0.033 ? ? ? ? ? ? ? ? 4.000 ? ? ? ? ? ? ? 10 1 ? ? 
3.630 4.580  ? ? ? ? ? ? ? 94.200 ? ? ? ? 0.028 ? ? ? ? ? ? ? ? 4.200 ? ? ? ? ? ? ? 11 1 ? ? 
4.580 50.000 ? ? ? ? ? ? ? 89.600 ? ? ? ? 0.024 ? ? ? ? ? ? ? ? 4.200 ? ? ? ? ? ? ? 12 1 ? ? 
# 
_refine.aniso_B[1][1]                            -3.6826 
_refine.aniso_B[1][2]                            0.0000 
_refine.aniso_B[1][3]                            0.0000 
_refine.aniso_B[2][2]                            1.7419 
_refine.aniso_B[2][3]                            -0.0000 
_refine.aniso_B[3][3]                            1.9407 
_refine.B_iso_max                                80.690 
_refine.B_iso_mean                               14.5400 
_refine.B_iso_min                                4.410 
_refine.correlation_coeff_Fo_to_Fc               ? 
_refine.correlation_coeff_Fo_to_Fc_free          ? 
_refine.details                                  ? 
_refine.diff_density_max                         ? 
_refine.diff_density_max_esd                     ? 
_refine.diff_density_min                         ? 
_refine.diff_density_min_esd                     ? 
_refine.diff_density_rms                         ? 
_refine.diff_density_rms_esd                     ? 
_refine.entry_id                                 5T9W 
_refine.pdbx_refine_id                           'X-RAY DIFFRACTION' 
_refine.ls_abs_structure_details                 ? 
_refine.ls_abs_structure_Flack                   ? 
_refine.ls_abs_structure_Flack_esd               ? 
_refine.ls_abs_structure_Rogers                  ? 
_refine.ls_abs_structure_Rogers_esd              ? 
_refine.ls_d_res_high                            2.0000 
_refine.ls_d_res_low                             41.1490 
_refine.ls_extinction_coef                       ? 
_refine.ls_extinction_coef_esd                   ? 
_refine.ls_extinction_expression                 ? 
_refine.ls_extinction_method                     ? 
_refine.ls_goodness_of_fit_all                   ? 
_refine.ls_goodness_of_fit_all_esd               ? 
_refine.ls_goodness_of_fit_obs                   ? 
_refine.ls_goodness_of_fit_obs_esd               ? 
_refine.ls_hydrogen_treatment                    ? 
_refine.ls_matrix_type                           ? 
_refine.ls_number_constraints                    ? 
_refine.ls_number_parameters                     ? 
_refine.ls_number_reflns_all                     ? 
_refine.ls_number_reflns_obs                     12530 
_refine.ls_number_reflns_R_free                  1253 
_refine.ls_number_reflns_R_work                  ? 
_refine.ls_number_restraints                     ? 
_refine.ls_percent_reflns_obs                    95.7500 
_refine.ls_percent_reflns_R_free                 10.0000 
_refine.ls_R_factor_all                          ? 
_refine.ls_R_factor_obs                          0.1542 
_refine.ls_R_factor_R_free                       0.1841 
_refine.ls_R_factor_R_free_error                 ? 
_refine.ls_R_factor_R_free_error_details         ? 
_refine.ls_R_factor_R_work                       0.1508 
_refine.ls_R_Fsqd_factor_obs                     ? 
_refine.ls_R_I_factor_obs                        ? 
_refine.ls_redundancy_reflns_all                 ? 
_refine.ls_redundancy_reflns_obs                 ? 
_refine.ls_restrained_S_all                      ? 
_refine.ls_restrained_S_obs                      ? 
_refine.ls_shift_over_esd_max                    ? 
_refine.ls_shift_over_esd_mean                   ? 
_refine.ls_structure_factor_coef                 ? 
_refine.ls_weighting_details                     ? 
_refine.ls_weighting_scheme                      ? 
_refine.ls_wR_factor_all                         ? 
_refine.ls_wR_factor_obs                         ? 
_refine.ls_wR_factor_R_free                      ? 
_refine.ls_wR_factor_R_work                      ? 
_refine.occupancy_max                            ? 
_refine.occupancy_min                            ? 
_refine.solvent_model_details                    ? 
_refine.solvent_model_param_bsol                 33.5520 
_refine.solvent_model_param_ksol                 0.3360 
_refine.ls_R_factor_gt                           ? 
_refine.ls_goodness_of_fit_gt                    ? 
_refine.ls_goodness_of_fit_ref                   ? 
_refine.ls_shift_over_su_max                     ? 
_refine.ls_shift_over_su_max_lt                  ? 
_refine.ls_shift_over_su_mean                    ? 
_refine.ls_shift_over_su_mean_lt                 ? 
_refine.pdbx_ls_sigma_I                          ? 
_refine.pdbx_ls_sigma_F                          0.000 
_refine.pdbx_ls_sigma_Fsqd                       ? 
_refine.pdbx_data_cutoff_high_absF               ? 
_refine.pdbx_data_cutoff_high_rms_absF           ? 
_refine.pdbx_data_cutoff_low_absF                ? 
_refine.pdbx_isotropic_thermal_model             ? 
_refine.pdbx_ls_cross_valid_method               'FREE R-VALUE' 
_refine.pdbx_method_to_determine_struct          ? 
_refine.pdbx_starting_model                      ? 
_refine.pdbx_stereochemistry_target_values       ? 
_refine.pdbx_R_Free_selection_details            ? 
_refine.pdbx_stereochem_target_val_spec_case     ? 
_refine.pdbx_overall_ESU_R                       ? 
_refine.pdbx_overall_ESU_R_Free                  ? 
_refine.pdbx_solvent_vdw_probe_radii             1.3000 
_refine.pdbx_solvent_ion_probe_radii             ? 
_refine.pdbx_solvent_shrinkage_radii             1.0600 
_refine.pdbx_real_space_R                        ? 
_refine.pdbx_density_correlation                 ? 
_refine.pdbx_pd_number_of_powder_patterns        ? 
_refine.pdbx_pd_number_of_points                 ? 
_refine.pdbx_pd_meas_number_of_points            ? 
_refine.pdbx_pd_proc_ls_prof_R_factor            ? 
_refine.pdbx_pd_proc_ls_prof_wR_factor           ? 
_refine.pdbx_pd_Marquardt_correlation_coeff      ? 
_refine.pdbx_pd_Fsqrd_R_factor                   ? 
_refine.pdbx_pd_ls_matrix_band_width             ? 
_refine.pdbx_overall_phase_error                 16.8100 
_refine.pdbx_overall_SU_R_free_Cruickshank_DPI   ? 
_refine.pdbx_overall_SU_R_free_Blow_DPI          ? 
_refine.pdbx_overall_SU_R_Blow_DPI               ? 
_refine.pdbx_TLS_residual_ADP_flag               ? 
_refine.pdbx_diffrn_id                           1 
_refine.overall_SU_B                             ? 
_refine.overall_SU_ML                            0.1800 
_refine.overall_SU_R_Cruickshank_DPI             ? 
_refine.overall_SU_R_free                        ? 
_refine.overall_FOM_free_R_set                   ? 
_refine.overall_FOM_work_R_set                   ? 
_refine.pdbx_average_fsc_overall                 ? 
_refine.pdbx_average_fsc_work                    ? 
_refine.pdbx_average_fsc_free                    ? 
# 
_refine_hist.cycle_id                         final 
_refine_hist.pdbx_refine_id                   'X-RAY DIFFRACTION' 
_refine_hist.d_res_high                       2.0000 
_refine_hist.d_res_low                        41.1490 
_refine_hist.pdbx_number_atoms_ligand         40 
_refine_hist.number_atoms_solvent             211 
_refine_hist.number_atoms_total               1509 
_refine_hist.pdbx_number_residues_total       164 
_refine_hist.pdbx_B_iso_mean_ligand           11.97 
_refine_hist.pdbx_B_iso_mean_solvent          25.20 
_refine_hist.pdbx_number_atoms_protein        1258 
_refine_hist.pdbx_number_atoms_nucleic_acid   0 
# 
loop_
_refine_ls_restr.pdbx_refine_id 
_refine_ls_restr.criterion 
_refine_ls_restr.dev_ideal 
_refine_ls_restr.dev_ideal_target 
_refine_ls_restr.number 
_refine_ls_restr.rejects 
_refine_ls_restr.type 
_refine_ls_restr.weight 
_refine_ls_restr.pdbx_restraint_function 
'X-RAY DIFFRACTION' ? 0.006  ? 1328 ? f_bond_d           ? ? 
'X-RAY DIFFRACTION' ? 1.024  ? 1780 ? f_angle_d          ? ? 
'X-RAY DIFFRACTION' ? 0.077  ? 181  ? f_chiral_restr     ? ? 
'X-RAY DIFFRACTION' ? 0.004  ? 235  ? f_plane_restr      ? ? 
'X-RAY DIFFRACTION' ? 11.515 ? 469  ? f_dihedral_angle_d ? ? 
# 
loop_
_refine_ls_shell.pdbx_refine_id 
_refine_ls_shell.d_res_high 
_refine_ls_shell.d_res_low 
_refine_ls_shell.number_reflns_all 
_refine_ls_shell.number_reflns_obs 
_refine_ls_shell.number_reflns_R_free 
_refine_ls_shell.number_reflns_R_work 
_refine_ls_shell.percent_reflns_obs 
_refine_ls_shell.percent_reflns_R_free 
_refine_ls_shell.R_factor_all 
_refine_ls_shell.R_factor_obs 
_refine_ls_shell.R_factor_R_free 
_refine_ls_shell.R_factor_R_free_error 
_refine_ls_shell.R_factor_R_work 
_refine_ls_shell.redundancy_reflns_all 
_refine_ls_shell.redundancy_reflns_obs 
_refine_ls_shell.wR_factor_all 
_refine_ls_shell.wR_factor_obs 
_refine_ls_shell.wR_factor_R_free 
_refine_ls_shell.wR_factor_R_work 
_refine_ls_shell.pdbx_total_number_of_bins_used 
_refine_ls_shell.pdbx_phase_error 
_refine_ls_shell.pdbx_fsc_work 
_refine_ls_shell.pdbx_fsc_free 
'X-RAY DIFFRACTION' 1.9997 2.0798  1377 . 136 1241 95.0000 . . . 0.1986 . 0.1338 . . . . . . 9 . . . 
'X-RAY DIFFRACTION' 2.0798 2.1744  1392 . 142 1250 98.0000 . . . 0.1979 . 0.1416 . . . . . . 9 . . . 
'X-RAY DIFFRACTION' 2.1744 2.2890  1384 . 142 1242 97.0000 . . . 0.2021 . 0.1415 . . . . . . 9 . . . 
'X-RAY DIFFRACTION' 2.2890 2.4324  1396 . 136 1260 97.0000 . . . 0.2224 . 0.1604 . . . . . . 9 . . . 
'X-RAY DIFFRACTION' 2.4324 2.6202  1401 . 140 1261 97.0000 . . . 0.2054 . 0.1650 . . . . . . 9 . . . 
'X-RAY DIFFRACTION' 2.6202 2.8839  1394 . 139 1255 97.0000 . . . 0.1920 . 0.1708 . . . . . . 9 . . . 
'X-RAY DIFFRACTION' 2.8839 3.3010  1395 . 140 1255 96.0000 . . . 0.2055 . 0.1651 . . . . . . 9 . . . 
'X-RAY DIFFRACTION' 3.3010 4.1583  1386 . 137 1249 94.0000 . . . 0.1636 . 0.1446 . . . . . . 9 . . . 
'X-RAY DIFFRACTION' 4.1583 41.1572 1405 . 141 1264 91.0000 . . . 0.1400 . 0.1388 . . . . . . 9 . . . 
# 
_struct.entry_id                     5T9W 
_struct.title                        
'Discovery of a Potent Cyclophilin Inhibitor (Compound 5) based on Structural Simplification of Sanglifehrin A' 
_struct.pdbx_model_details           ? 
_struct.pdbx_formula_weight          ? 
_struct.pdbx_formula_weight_method   ? 
_struct.pdbx_model_type_details      ? 
_struct.pdbx_CASP_flag               N 
# 
_struct_keywords.entry_id        5T9W 
_struct_keywords.text            'cyclophilin inhibitor antiviral HCV, isomerase-isomerase inhibitor complex' 
_struct_keywords.pdbx_keywords   'isomerase/isomerase inhibitor' 
# 
loop_
_struct_asym.id 
_struct_asym.pdbx_blank_PDB_chainid_flag 
_struct_asym.pdbx_modified 
_struct_asym.entity_id 
_struct_asym.details 
A N N 1 ? 
B N N 2 ? 
C N N 3 ? 
# 
_struct_ref.id                         1 
_struct_ref.db_name                    UNP 
_struct_ref.db_code                    PPIA_HUMAN 
_struct_ref.pdbx_db_accession          P62937 
_struct_ref.pdbx_db_isoform            ? 
_struct_ref.entity_id                  1 
_struct_ref.pdbx_seq_one_letter_code   
;VNPTVFFDIAVDGEPLGRVSFELFADKVPKTAENFRALSTGEKGFGYKGSCFHRIIPGFMCQGGDFTRHNGTGGKSIYGE
KFEDENFILKHTGPGILSMANAGPNTNGSQFFICTAKTEWLDGKHVVFGKVKEGMNIVEAMERFGSRNGKTSKKITIADC
GQLE
;
_struct_ref.pdbx_align_begin           2 
# 
_struct_ref_seq.align_id                      1 
_struct_ref_seq.ref_id                        1 
_struct_ref_seq.pdbx_PDB_id_code              5T9W 
_struct_ref_seq.pdbx_strand_id                A 
_struct_ref_seq.seq_align_beg                 1 
_struct_ref_seq.pdbx_seq_align_beg_ins_code   ? 
_struct_ref_seq.seq_align_end                 164 
_struct_ref_seq.pdbx_seq_align_end_ins_code   ? 
_struct_ref_seq.pdbx_db_accession             P62937 
_struct_ref_seq.db_align_beg                  2 
_struct_ref_seq.pdbx_db_align_beg_ins_code    ? 
_struct_ref_seq.db_align_end                  165 
_struct_ref_seq.pdbx_db_align_end_ins_code    ? 
_struct_ref_seq.pdbx_auth_seq_align_beg       2 
_struct_ref_seq.pdbx_auth_seq_align_end       165 
# 
_pdbx_struct_assembly.id                   1 
_pdbx_struct_assembly.details              author_and_software_defined_assembly 
_pdbx_struct_assembly.method_details       PISA 
_pdbx_struct_assembly.oligomeric_details   monomeric 
_pdbx_struct_assembly.oligomeric_count     1 
# 
_pdbx_struct_assembly_gen.assembly_id       1 
_pdbx_struct_assembly_gen.oper_expression   1 
_pdbx_struct_assembly_gen.asym_id_list      A,B,C 
# 
_pdbx_struct_oper_list.id                   1 
_pdbx_struct_oper_list.type                 'identity operation' 
_pdbx_struct_oper_list.name                 1_555 
_pdbx_struct_oper_list.symmetry_operation   x,y,z 
_pdbx_struct_oper_list.matrix[1][1]         1.0000000000 
_pdbx_struct_oper_list.matrix[1][2]         0.0000000000 
_pdbx_struct_oper_list.matrix[1][3]         0.0000000000 
_pdbx_struct_oper_list.vector[1]            0.0000000000 
_pdbx_struct_oper_list.matrix[2][1]         0.0000000000 
_pdbx_struct_oper_list.matrix[2][2]         1.0000000000 
_pdbx_struct_oper_list.matrix[2][3]         0.0000000000 
_pdbx_struct_oper_list.vector[2]            0.0000000000 
_pdbx_struct_oper_list.matrix[3][1]         0.0000000000 
_pdbx_struct_oper_list.matrix[3][2]         0.0000000000 
_pdbx_struct_oper_list.matrix[3][3]         1.0000000000 
_pdbx_struct_oper_list.vector[3]            0.0000000000 
# 
loop_
_struct_conf.conf_type_id 
_struct_conf.id 
_struct_conf.pdbx_PDB_helix_id 
_struct_conf.beg_label_comp_id 
_struct_conf.beg_label_asym_id 
_struct_conf.beg_label_seq_id 
_struct_conf.pdbx_beg_PDB_ins_code 
_struct_conf.end_label_comp_id 
_struct_conf.end_label_asym_id 
_struct_conf.end_label_seq_id 
_struct_conf.pdbx_end_PDB_ins_code 
_struct_conf.beg_auth_comp_id 
_struct_conf.beg_auth_asym_id 
_struct_conf.beg_auth_seq_id 
_struct_conf.end_auth_comp_id 
_struct_conf.end_auth_asym_id 
_struct_conf.end_auth_seq_id 
_struct_conf.pdbx_PDB_helix_class 
_struct_conf.details 
_struct_conf.pdbx_PDB_helix_length 
HELX_P HELX_P1 AA1 VAL A 28  ? GLY A 41  ? VAL A 29  GLY A 42  1 ? 14 
HELX_P HELX_P2 AA2 THR A 118 ? ASP A 122 ? THR A 119 ASP A 123 5 ? 5  
HELX_P HELX_P3 AA3 GLY A 134 ? GLU A 142 ? GLY A 135 GLU A 143 1 ? 9  
HELX_P HELX_P4 AA4 ARG A 143 ? GLY A 145 ? ARG A 144 GLY A 146 5 ? 3  
# 
_struct_conf_type.id          HELX_P 
_struct_conf_type.criteria    ? 
_struct_conf_type.reference   ? 
# 
_struct_sheet.id               AA1 
_struct_sheet.type             ? 
_struct_sheet.number_strands   8 
_struct_sheet.details          ? 
# 
loop_
_struct_sheet_order.sheet_id 
_struct_sheet_order.range_id_1 
_struct_sheet_order.range_id_2 
_struct_sheet_order.offset 
_struct_sheet_order.sense 
AA1 1 2 ? anti-parallel 
AA1 2 3 ? anti-parallel 
AA1 3 4 ? anti-parallel 
AA1 4 5 ? anti-parallel 
AA1 5 6 ? anti-parallel 
AA1 6 7 ? anti-parallel 
AA1 7 8 ? anti-parallel 
# 
loop_
_struct_sheet_range.sheet_id 
_struct_sheet_range.id 
_struct_sheet_range.beg_label_comp_id 
_struct_sheet_range.beg_label_asym_id 
_struct_sheet_range.beg_label_seq_id 
_struct_sheet_range.pdbx_beg_PDB_ins_code 
_struct_sheet_range.end_label_comp_id 
_struct_sheet_range.end_label_asym_id 
_struct_sheet_range.end_label_seq_id 
_struct_sheet_range.pdbx_end_PDB_ins_code 
_struct_sheet_range.beg_auth_comp_id 
_struct_sheet_range.beg_auth_asym_id 
_struct_sheet_range.beg_auth_seq_id 
_struct_sheet_range.end_auth_comp_id 
_struct_sheet_range.end_auth_asym_id 
_struct_sheet_range.end_auth_seq_id 
AA1 1 PHE A 52  ? ILE A 56  ? PHE A 53  ILE A 57  
AA1 2 MET A 60  ? GLY A 63  ? MET A 61  GLY A 64  
AA1 3 PHE A 111 ? CYS A 114 ? PHE A 112 CYS A 115 
AA1 4 ILE A 96  ? MET A 99  ? ILE A 97  MET A 100 
AA1 5 VAL A 127 ? GLU A 133 ? VAL A 128 GLU A 134 
AA1 6 GLU A 14  ? LEU A 23  ? GLU A 15  LEU A 24  
AA1 7 THR A 4   ? VAL A 11  ? THR A 5   VAL A 12  
AA1 8 ILE A 155 ? GLN A 162 ? ILE A 156 GLN A 163 
# 
loop_
_pdbx_struct_sheet_hbond.sheet_id 
_pdbx_struct_sheet_hbond.range_id_1 
_pdbx_struct_sheet_hbond.range_id_2 
_pdbx_struct_sheet_hbond.range_1_label_atom_id 
_pdbx_struct_sheet_hbond.range_1_label_comp_id 
_pdbx_struct_sheet_hbond.range_1_label_asym_id 
_pdbx_struct_sheet_hbond.range_1_label_seq_id 
_pdbx_struct_sheet_hbond.range_1_PDB_ins_code 
_pdbx_struct_sheet_hbond.range_1_auth_atom_id 
_pdbx_struct_sheet_hbond.range_1_auth_comp_id 
_pdbx_struct_sheet_hbond.range_1_auth_asym_id 
_pdbx_struct_sheet_hbond.range_1_auth_seq_id 
_pdbx_struct_sheet_hbond.range_2_label_atom_id 
_pdbx_struct_sheet_hbond.range_2_label_comp_id 
_pdbx_struct_sheet_hbond.range_2_label_asym_id 
_pdbx_struct_sheet_hbond.range_2_label_seq_id 
_pdbx_struct_sheet_hbond.range_2_PDB_ins_code 
_pdbx_struct_sheet_hbond.range_2_auth_atom_id 
_pdbx_struct_sheet_hbond.range_2_auth_comp_id 
_pdbx_struct_sheet_hbond.range_2_auth_asym_id 
_pdbx_struct_sheet_hbond.range_2_auth_seq_id 
AA1 1 2 N ARG A 54  ? N ARG A 55  O GLN A 62  ? O GLN A 63  
AA1 2 3 N CYS A 61  ? N CYS A 62  O ILE A 113 ? O ILE A 114 
AA1 3 4 O PHE A 112 ? O PHE A 113 N SER A 98  ? N SER A 99  
AA1 4 5 N LEU A 97  ? N LEU A 98  O PHE A 128 ? O PHE A 129 
AA1 5 6 O LYS A 132 ? O LYS A 133 N SER A 20  ? N SER A 21  
AA1 6 7 O LEU A 16  ? O LEU A 17  N ILE A 9   ? N ILE A 10  
AA1 7 8 N ASP A 8   ? N ASP A 9   O ASP A 159 ? O ASP A 160 
# 
_struct_site.id                   AC1 
_struct_site.pdbx_evidence_code   Software 
_struct_site.pdbx_auth_asym_id    A 
_struct_site.pdbx_auth_comp_id    78E 
_struct_site.pdbx_auth_seq_id     300 
_struct_site.pdbx_auth_ins_code   ? 
_struct_site.pdbx_num_residues    23 
_struct_site.details              'binding site for residue 78E A 300' 
# 
loop_
_struct_site_gen.id 
_struct_site_gen.site_id 
_struct_site_gen.pdbx_num_res 
_struct_site_gen.label_comp_id 
_struct_site_gen.label_asym_id 
_struct_site_gen.label_seq_id 
_struct_site_gen.pdbx_auth_ins_code 
_struct_site_gen.auth_comp_id 
_struct_site_gen.auth_asym_id 
_struct_site_gen.auth_seq_id 
_struct_site_gen.label_atom_id 
_struct_site_gen.label_alt_id 
_struct_site_gen.symmetry 
_struct_site_gen.details 
1  AC1 23 ARG A 36  ? ARG A 37  . ? 8_445 ? 
2  AC1 23 THR A 40  ? THR A 41  . ? 8_445 ? 
3  AC1 23 GLU A 42  ? GLU A 43  . ? 8_445 ? 
4  AC1 23 ARG A 54  ? ARG A 55  . ? 1_555 ? 
5  AC1 23 ILE A 56  ? ILE A 57  . ? 1_555 ? 
6  AC1 23 PHE A 59  ? PHE A 60  . ? 1_555 ? 
7  AC1 23 MET A 60  ? MET A 61  . ? 1_555 ? 
8  AC1 23 GLN A 62  ? GLN A 63  . ? 1_555 ? 
9  AC1 23 ALA A 100 ? ALA A 101 . ? 1_555 ? 
10 AC1 23 ASN A 101 ? ASN A 102 . ? 1_555 ? 
11 AC1 23 ALA A 102 ? ALA A 103 . ? 1_555 ? 
12 AC1 23 GLN A 110 ? GLN A 111 . ? 1_555 ? 
13 AC1 23 PHE A 112 ? PHE A 113 . ? 1_555 ? 
14 AC1 23 LEU A 121 ? LEU A 122 . ? 1_555 ? 
15 AC1 23 LYS A 124 ? LYS A 125 . ? 1_555 ? 
16 AC1 23 HIS A 125 ? HIS A 126 . ? 1_555 ? 
17 AC1 23 GLN A 162 ? GLN A 163 . ? 8_445 ? 
18 AC1 23 LEU A 163 ? LEU A 164 . ? 8_445 ? 
19 AC1 23 HOH C .   ? HOH A 416 . ? 1_555 ? 
20 AC1 23 HOH C .   ? HOH A 433 . ? 1_555 ? 
21 AC1 23 HOH C .   ? HOH A 456 . ? 1_555 ? 
22 AC1 23 HOH C .   ? HOH A 473 . ? 8_445 ? 
23 AC1 23 HOH C .   ? HOH A 503 . ? 8_445 ? 
# 
loop_
_pdbx_validate_close_contact.id 
_pdbx_validate_close_contact.PDB_model_num 
_pdbx_validate_close_contact.auth_atom_id_1 
_pdbx_validate_close_contact.auth_asym_id_1 
_pdbx_validate_close_contact.auth_comp_id_1 
_pdbx_validate_close_contact.auth_seq_id_1 
_pdbx_validate_close_contact.PDB_ins_code_1 
_pdbx_validate_close_contact.label_alt_id_1 
_pdbx_validate_close_contact.auth_atom_id_2 
_pdbx_validate_close_contact.auth_asym_id_2 
_pdbx_validate_close_contact.auth_comp_id_2 
_pdbx_validate_close_contact.auth_seq_id_2 
_pdbx_validate_close_contact.PDB_ins_code_2 
_pdbx_validate_close_contact.label_alt_id_2 
_pdbx_validate_close_contact.dist 
1 1 O A HOH 408 ? ? O A HOH 571 ? ? 1.90 
2 1 O A HOH 532 ? ? O A HOH 598 ? ? 2.04 
3 1 O A HOH 447 ? ? O A HOH 579 ? ? 2.08 
# 
_pdbx_validate_symm_contact.id                1 
_pdbx_validate_symm_contact.PDB_model_num     1 
_pdbx_validate_symm_contact.auth_atom_id_1    O 
_pdbx_validate_symm_contact.auth_asym_id_1    A 
_pdbx_validate_symm_contact.auth_comp_id_1    HOH 
_pdbx_validate_symm_contact.auth_seq_id_1     578 
_pdbx_validate_symm_contact.PDB_ins_code_1    ? 
_pdbx_validate_symm_contact.label_alt_id_1    ? 
_pdbx_validate_symm_contact.site_symmetry_1   1_555 
_pdbx_validate_symm_contact.auth_atom_id_2    O 
_pdbx_validate_symm_contact.auth_asym_id_2    A 
_pdbx_validate_symm_contact.auth_comp_id_2    HOH 
_pdbx_validate_symm_contact.auth_seq_id_2     578 
_pdbx_validate_symm_contact.PDB_ins_code_2    ? 
_pdbx_validate_symm_contact.label_alt_id_2    ? 
_pdbx_validate_symm_contact.site_symmetry_2   4_555 
_pdbx_validate_symm_contact.dist              1.96 
# 
_pdbx_validate_torsion.id              1 
_pdbx_validate_torsion.PDB_model_num   1 
_pdbx_validate_torsion.auth_comp_id    PHE 
_pdbx_validate_torsion.auth_asym_id    A 
_pdbx_validate_torsion.auth_seq_id     60 
_pdbx_validate_torsion.PDB_ins_code    ? 
_pdbx_validate_torsion.label_alt_id    ? 
_pdbx_validate_torsion.phi             -127.57 
_pdbx_validate_torsion.psi             -74.91 
# 
_pdbx_molecule_features.prd_id    PRD_002241 
_pdbx_molecule_features.name      
;(3S,6S,13E,15E,21S)-3-[(3-hydroxyphenyl)methyl]-6-(propan-2-yl)-19-oxa-1,4,7,25-tetraazabicyclo[19.3.1]pentacosa-13,15-diene-2,5,8,20-tetrone
;
_pdbx_molecule_features.type      Peptide-like 
_pdbx_molecule_features.class     Inhibitor 
_pdbx_molecule_features.details   ? 
# 
_pdbx_molecule.instance_id   1 
_pdbx_molecule.prd_id        PRD_002241 
_pdbx_molecule.asym_id       B 
# 
_pdbx_struct_special_symmetry.id              1 
_pdbx_struct_special_symmetry.PDB_model_num   1 
_pdbx_struct_special_symmetry.auth_asym_id    A 
_pdbx_struct_special_symmetry.auth_comp_id    HOH 
_pdbx_struct_special_symmetry.auth_seq_id     565 
_pdbx_struct_special_symmetry.PDB_ins_code    ? 
_pdbx_struct_special_symmetry.label_asym_id   C 
_pdbx_struct_special_symmetry.label_comp_id   HOH 
_pdbx_struct_special_symmetry.label_seq_id    . 
# 
loop_
_chem_comp_atom.comp_id 
_chem_comp_atom.atom_id 
_chem_comp_atom.type_symbol 
_chem_comp_atom.pdbx_aromatic_flag 
_chem_comp_atom.pdbx_stereo_config 
_chem_comp_atom.pdbx_ordinal 
78E N2   N N N 1   
78E C2   C N N 2   
78E N1   N N N 3   
78E C4   C N S 4   
78E C5   C N N 5   
78E C16  C N N 6   
78E C18  C N N 7   
78E C15  C N N 8   
78E C17  C N N 9   
78E C19  C N N 10  
78E C1   C N N 11  
78E C3   C N N 12  
78E C20  C N N 13  
78E O1   O N N 14  
78E C21  C N N 15  
78E O2   O N N 16  
78E O5   O N N 17  
78E C22  C N N 18  
78E C23  C N N 19  
78E C29  C N N 20  
78E C30  C N N 21  
78E N4   N N N 22  
78E C10  C N S 23  
78E C9   C N N 24  
78E O4   O N N 25  
78E C11  C N N 26  
78E C13  C N N 27  
78E C12  C N N 28  
78E N3   N N N 29  
78E C7   C N S 30  
78E C8   C N N 31  
78E C14  C Y N 32  
78E C28  C Y N 33  
78E C27  C Y N 34  
78E C24  C Y N 35  
78E C25  C Y N 36  
78E C26  C Y N 37  
78E O6   O N N 38  
78E C6   C N N 39  
78E O3   O N N 40  
78E H1   H N N 41  
78E H2   H N N 42  
78E H3   H N N 43  
78E H4   H N N 44  
78E H6   H N N 45  
78E H7   H N N 46  
78E H9   H N N 47  
78E H12  H N N 48  
78E H13  H N N 49  
78E H18  H N N 50  
78E H19  H N N 51  
78E H20  H N N 52  
78E H21  H N N 53  
78E H22  H N N 54  
78E H26  H N N 55  
78E H27  H N N 56  
78E H31  H N N 57  
78E H32  H N N 58  
78E H33  H N N 59  
78E H34  H N N 60  
78E H39  H N N 61  
78E H40  H N N 62  
78E H41  H N N 63  
78E H42  H N N 64  
78E H29  H N N 65  
78E H8   H N N 66  
78E H14  H N N 67  
78E H15  H N N 68  
78E H16  H N N 69  
78E H17  H N N 70  
78E H23  H N N 71  
78E H24  H N N 72  
78E H25  H N N 73  
78E H28  H N N 74  
78E H5   H N N 75  
78E H10  H N N 76  
78E H11  H N N 77  
78E H38  H N N 78  
78E H37  H N N 79  
78E H35  H N N 80  
78E H36  H N N 81  
78E H30  H N N 82  
ALA N    N N N 83  
ALA CA   C N S 84  
ALA C    C N N 85  
ALA O    O N N 86  
ALA CB   C N N 87  
ALA OXT  O N N 88  
ALA H    H N N 89  
ALA H2   H N N 90  
ALA HA   H N N 91  
ALA HB1  H N N 92  
ALA HB2  H N N 93  
ALA HB3  H N N 94  
ALA HXT  H N N 95  
ARG N    N N N 96  
ARG CA   C N S 97  
ARG C    C N N 98  
ARG O    O N N 99  
ARG CB   C N N 100 
ARG CG   C N N 101 
ARG CD   C N N 102 
ARG NE   N N N 103 
ARG CZ   C N N 104 
ARG NH1  N N N 105 
ARG NH2  N N N 106 
ARG OXT  O N N 107 
ARG H    H N N 108 
ARG H2   H N N 109 
ARG HA   H N N 110 
ARG HB2  H N N 111 
ARG HB3  H N N 112 
ARG HG2  H N N 113 
ARG HG3  H N N 114 
ARG HD2  H N N 115 
ARG HD3  H N N 116 
ARG HE   H N N 117 
ARG HH11 H N N 118 
ARG HH12 H N N 119 
ARG HH21 H N N 120 
ARG HH22 H N N 121 
ARG HXT  H N N 122 
ASN N    N N N 123 
ASN CA   C N S 124 
ASN C    C N N 125 
ASN O    O N N 126 
ASN CB   C N N 127 
ASN CG   C N N 128 
ASN OD1  O N N 129 
ASN ND2  N N N 130 
ASN OXT  O N N 131 
ASN H    H N N 132 
ASN H2   H N N 133 
ASN HA   H N N 134 
ASN HB2  H N N 135 
ASN HB3  H N N 136 
ASN HD21 H N N 137 
ASN HD22 H N N 138 
ASN HXT  H N N 139 
ASP N    N N N 140 
ASP CA   C N S 141 
ASP C    C N N 142 
ASP O    O N N 143 
ASP CB   C N N 144 
ASP CG   C N N 145 
ASP OD1  O N N 146 
ASP OD2  O N N 147 
ASP OXT  O N N 148 
ASP H    H N N 149 
ASP H2   H N N 150 
ASP HA   H N N 151 
ASP HB2  H N N 152 
ASP HB3  H N N 153 
ASP HD2  H N N 154 
ASP HXT  H N N 155 
CYS N    N N N 156 
CYS CA   C N R 157 
CYS C    C N N 158 
CYS O    O N N 159 
CYS CB   C N N 160 
CYS SG   S N N 161 
CYS OXT  O N N 162 
CYS H    H N N 163 
CYS H2   H N N 164 
CYS HA   H N N 165 
CYS HB2  H N N 166 
CYS HB3  H N N 167 
CYS HG   H N N 168 
CYS HXT  H N N 169 
GLN N    N N N 170 
GLN CA   C N S 171 
GLN C    C N N 172 
GLN O    O N N 173 
GLN CB   C N N 174 
GLN CG   C N N 175 
GLN CD   C N N 176 
GLN OE1  O N N 177 
GLN NE2  N N N 178 
GLN OXT  O N N 179 
GLN H    H N N 180 
GLN H2   H N N 181 
GLN HA   H N N 182 
GLN HB2  H N N 183 
GLN HB3  H N N 184 
GLN HG2  H N N 185 
GLN HG3  H N N 186 
GLN HE21 H N N 187 
GLN HE22 H N N 188 
GLN HXT  H N N 189 
GLU N    N N N 190 
GLU CA   C N S 191 
GLU C    C N N 192 
GLU O    O N N 193 
GLU CB   C N N 194 
GLU CG   C N N 195 
GLU CD   C N N 196 
GLU OE1  O N N 197 
GLU OE2  O N N 198 
GLU OXT  O N N 199 
GLU H    H N N 200 
GLU H2   H N N 201 
GLU HA   H N N 202 
GLU HB2  H N N 203 
GLU HB3  H N N 204 
GLU HG2  H N N 205 
GLU HG3  H N N 206 
GLU HE2  H N N 207 
GLU HXT  H N N 208 
GLY N    N N N 209 
GLY CA   C N N 210 
GLY C    C N N 211 
GLY O    O N N 212 
GLY OXT  O N N 213 
GLY H    H N N 214 
GLY H2   H N N 215 
GLY HA2  H N N 216 
GLY HA3  H N N 217 
GLY HXT  H N N 218 
HIS N    N N N 219 
HIS CA   C N S 220 
HIS C    C N N 221 
HIS O    O N N 222 
HIS CB   C N N 223 
HIS CG   C Y N 224 
HIS ND1  N Y N 225 
HIS CD2  C Y N 226 
HIS CE1  C Y N 227 
HIS NE2  N Y N 228 
HIS OXT  O N N 229 
HIS H    H N N 230 
HIS H2   H N N 231 
HIS HA   H N N 232 
HIS HB2  H N N 233 
HIS HB3  H N N 234 
HIS HD1  H N N 235 
HIS HD2  H N N 236 
HIS HE1  H N N 237 
HIS HE2  H N N 238 
HIS HXT  H N N 239 
HOH O    O N N 240 
HOH H1   H N N 241 
HOH H2   H N N 242 
ILE N    N N N 243 
ILE CA   C N S 244 
ILE C    C N N 245 
ILE O    O N N 246 
ILE CB   C N S 247 
ILE CG1  C N N 248 
ILE CG2  C N N 249 
ILE CD1  C N N 250 
ILE OXT  O N N 251 
ILE H    H N N 252 
ILE H2   H N N 253 
ILE HA   H N N 254 
ILE HB   H N N 255 
ILE HG12 H N N 256 
ILE HG13 H N N 257 
ILE HG21 H N N 258 
ILE HG22 H N N 259 
ILE HG23 H N N 260 
ILE HD11 H N N 261 
ILE HD12 H N N 262 
ILE HD13 H N N 263 
ILE HXT  H N N 264 
LEU N    N N N 265 
LEU CA   C N S 266 
LEU C    C N N 267 
LEU O    O N N 268 
LEU CB   C N N 269 
LEU CG   C N N 270 
LEU CD1  C N N 271 
LEU CD2  C N N 272 
LEU OXT  O N N 273 
LEU H    H N N 274 
LEU H2   H N N 275 
LEU HA   H N N 276 
LEU HB2  H N N 277 
LEU HB3  H N N 278 
LEU HG   H N N 279 
LEU HD11 H N N 280 
LEU HD12 H N N 281 
LEU HD13 H N N 282 
LEU HD21 H N N 283 
LEU HD22 H N N 284 
LEU HD23 H N N 285 
LEU HXT  H N N 286 
LYS N    N N N 287 
LYS CA   C N S 288 
LYS C    C N N 289 
LYS O    O N N 290 
LYS CB   C N N 291 
LYS CG   C N N 292 
LYS CD   C N N 293 
LYS CE   C N N 294 
LYS NZ   N N N 295 
LYS OXT  O N N 296 
LYS H    H N N 297 
LYS H2   H N N 298 
LYS HA   H N N 299 
LYS HB2  H N N 300 
LYS HB3  H N N 301 
LYS HG2  H N N 302 
LYS HG3  H N N 303 
LYS HD2  H N N 304 
LYS HD3  H N N 305 
LYS HE2  H N N 306 
LYS HE3  H N N 307 
LYS HZ1  H N N 308 
LYS HZ2  H N N 309 
LYS HZ3  H N N 310 
LYS HXT  H N N 311 
MET N    N N N 312 
MET CA   C N S 313 
MET C    C N N 314 
MET O    O N N 315 
MET CB   C N N 316 
MET CG   C N N 317 
MET SD   S N N 318 
MET CE   C N N 319 
MET OXT  O N N 320 
MET H    H N N 321 
MET H2   H N N 322 
MET HA   H N N 323 
MET HB2  H N N 324 
MET HB3  H N N 325 
MET HG2  H N N 326 
MET HG3  H N N 327 
MET HE1  H N N 328 
MET HE2  H N N 329 
MET HE3  H N N 330 
MET HXT  H N N 331 
PHE N    N N N 332 
PHE CA   C N S 333 
PHE C    C N N 334 
PHE O    O N N 335 
PHE CB   C N N 336 
PHE CG   C Y N 337 
PHE CD1  C Y N 338 
PHE CD2  C Y N 339 
PHE CE1  C Y N 340 
PHE CE2  C Y N 341 
PHE CZ   C Y N 342 
PHE OXT  O N N 343 
PHE H    H N N 344 
PHE H2   H N N 345 
PHE HA   H N N 346 
PHE HB2  H N N 347 
PHE HB3  H N N 348 
PHE HD1  H N N 349 
PHE HD2  H N N 350 
PHE HE1  H N N 351 
PHE HE2  H N N 352 
PHE HZ   H N N 353 
PHE HXT  H N N 354 
PRO N    N N N 355 
PRO CA   C N S 356 
PRO C    C N N 357 
PRO O    O N N 358 
PRO CB   C N N 359 
PRO CG   C N N 360 
PRO CD   C N N 361 
PRO OXT  O N N 362 
PRO H    H N N 363 
PRO HA   H N N 364 
PRO HB2  H N N 365 
PRO HB3  H N N 366 
PRO HG2  H N N 367 
PRO HG3  H N N 368 
PRO HD2  H N N 369 
PRO HD3  H N N 370 
PRO HXT  H N N 371 
SER N    N N N 372 
SER CA   C N S 373 
SER C    C N N 374 
SER O    O N N 375 
SER CB   C N N 376 
SER OG   O N N 377 
SER OXT  O N N 378 
SER H    H N N 379 
SER H2   H N N 380 
SER HA   H N N 381 
SER HB2  H N N 382 
SER HB3  H N N 383 
SER HG   H N N 384 
SER HXT  H N N 385 
THR N    N N N 386 
THR CA   C N S 387 
THR C    C N N 388 
THR O    O N N 389 
THR CB   C N R 390 
THR OG1  O N N 391 
THR CG2  C N N 392 
THR OXT  O N N 393 
THR H    H N N 394 
THR H2   H N N 395 
THR HA   H N N 396 
THR HB   H N N 397 
THR HG1  H N N 398 
THR HG21 H N N 399 
THR HG22 H N N 400 
THR HG23 H N N 401 
THR HXT  H N N 402 
TRP N    N N N 403 
TRP CA   C N S 404 
TRP C    C N N 405 
TRP O    O N N 406 
TRP CB   C N N 407 
TRP CG   C Y N 408 
TRP CD1  C Y N 409 
TRP CD2  C Y N 410 
TRP NE1  N Y N 411 
TRP CE2  C Y N 412 
TRP CE3  C Y N 413 
TRP CZ2  C Y N 414 
TRP CZ3  C Y N 415 
TRP CH2  C Y N 416 
TRP OXT  O N N 417 
TRP H    H N N 418 
TRP H2   H N N 419 
TRP HA   H N N 420 
TRP HB2  H N N 421 
TRP HB3  H N N 422 
TRP HD1  H N N 423 
TRP HE1  H N N 424 
TRP HE3  H N N 425 
TRP HZ2  H N N 426 
TRP HZ3  H N N 427 
TRP HH2  H N N 428 
TRP HXT  H N N 429 
TYR N    N N N 430 
TYR CA   C N S 431 
TYR C    C N N 432 
TYR O    O N N 433 
TYR CB   C N N 434 
TYR CG   C Y N 435 
TYR CD1  C Y N 436 
TYR CD2  C Y N 437 
TYR CE1  C Y N 438 
TYR CE2  C Y N 439 
TYR CZ   C Y N 440 
TYR OH   O N N 441 
TYR OXT  O N N 442 
TYR H    H N N 443 
TYR H2   H N N 444 
TYR HA   H N N 445 
TYR HB2  H N N 446 
TYR HB3  H N N 447 
TYR HD1  H N N 448 
TYR HD2  H N N 449 
TYR HE1  H N N 450 
TYR HE2  H N N 451 
TYR HH   H N N 452 
TYR HXT  H N N 453 
VAL N    N N N 454 
VAL CA   C N S 455 
VAL C    C N N 456 
VAL O    O N N 457 
VAL CB   C N N 458 
VAL CG1  C N N 459 
VAL CG2  C N N 460 
VAL OXT  O N N 461 
VAL H    H N N 462 
VAL H2   H N N 463 
VAL HA   H N N 464 
VAL HB   H N N 465 
VAL HG11 H N N 466 
VAL HG12 H N N 467 
VAL HG13 H N N 468 
VAL HG21 H N N 469 
VAL HG22 H N N 470 
VAL HG23 H N N 471 
VAL HXT  H N N 472 
# 
loop_
_chem_comp_bond.comp_id 
_chem_comp_bond.atom_id_1 
_chem_comp_bond.atom_id_2 
_chem_comp_bond.value_order 
_chem_comp_bond.pdbx_aromatic_flag 
_chem_comp_bond.pdbx_stereo_config 
_chem_comp_bond.pdbx_ordinal 
78E C30 C29  sing N N 1   
78E C30 C15  sing N N 2   
78E C29 C23  sing N N 3   
78E C13 C11  sing N N 4   
78E C23 C22  sing N N 5   
78E N4  C15  sing N N 6   
78E N4  C10  sing N N 7   
78E C22 C21  sing N N 8   
78E C15 O5   doub N N 9   
78E C21 C20  doub N E 10  
78E C11 C10  sing N N 11  
78E C11 C12  sing N N 12  
78E C10 C9   sing N N 13  
78E C20 C19  sing N N 14  
78E O4  C9   doub N N 15  
78E C9  N3   sing N N 16  
78E C19 C18  doub N E 17  
78E C18 C17  sing N N 18  
78E N3  C7   sing N N 19  
78E C17 C16  sing N N 20  
78E C7  C8   sing N N 21  
78E C7  C6   sing N N 22  
78E O2  C5   doub N N 23  
78E C8  C14  sing N N 24  
78E N2  N1   sing N N 25  
78E N2  C4   sing N N 26  
78E C28 C14  doub Y N 27  
78E C28 C27  sing Y N 28  
78E C16 O1   sing N N 29  
78E C5  O1   sing N N 30  
78E C5  C4   sing N N 31  
78E C6  N1   sing N N 32  
78E C6  O3   doub N N 33  
78E C14 C24  sing Y N 34  
78E N1  C3   sing N N 35  
78E C4  C1   sing N N 36  
78E C27 C26  doub Y N 37  
78E C3  C2   sing N N 38  
78E C24 C25  doub Y N 39  
78E C1  C2   sing N N 40  
78E C26 C25  sing Y N 41  
78E C25 O6   sing N N 42  
78E N2  H1   sing N N 43  
78E C2  H2   sing N N 44  
78E C2  H3   sing N N 45  
78E C4  H4   sing N N 46  
78E C7  H5   sing N N 47  
78E C16 H6   sing N N 48  
78E C16 H7   sing N N 49  
78E C10 H8   sing N N 50  
78E C18 H9   sing N N 51  
78E C8  H10  sing N N 52  
78E C8  H11  sing N N 53  
78E C17 H12  sing N N 54  
78E C17 H13  sing N N 55  
78E C11 H14  sing N N 56  
78E C13 H15  sing N N 57  
78E C13 H16  sing N N 58  
78E C13 H17  sing N N 59  
78E C19 H18  sing N N 60  
78E C1  H19  sing N N 61  
78E C1  H20  sing N N 62  
78E C3  H21  sing N N 63  
78E C3  H22  sing N N 64  
78E C12 H23  sing N N 65  
78E C12 H24  sing N N 66  
78E C12 H25  sing N N 67  
78E C20 H26  sing N N 68  
78E C21 H27  sing N N 69  
78E N3  H28  sing N N 70  
78E N4  H29  sing N N 71  
78E O6  H30  sing N N 72  
78E C22 H31  sing N N 73  
78E C22 H32  sing N N 74  
78E C23 H33  sing N N 75  
78E C23 H34  sing N N 76  
78E C24 H35  sing N N 77  
78E C26 H36  sing N N 78  
78E C27 H37  sing N N 79  
78E C28 H38  sing N N 80  
78E C29 H39  sing N N 81  
78E C29 H40  sing N N 82  
78E C30 H41  sing N N 83  
78E C30 H42  sing N N 84  
ALA N   CA   sing N N 85  
ALA N   H    sing N N 86  
ALA N   H2   sing N N 87  
ALA CA  C    sing N N 88  
ALA CA  CB   sing N N 89  
ALA CA  HA   sing N N 90  
ALA C   O    doub N N 91  
ALA C   OXT  sing N N 92  
ALA CB  HB1  sing N N 93  
ALA CB  HB2  sing N N 94  
ALA CB  HB3  sing N N 95  
ALA OXT HXT  sing N N 96  
ARG N   CA   sing N N 97  
ARG N   H    sing N N 98  
ARG N   H2   sing N N 99  
ARG CA  C    sing N N 100 
ARG CA  CB   sing N N 101 
ARG CA  HA   sing N N 102 
ARG C   O    doub N N 103 
ARG C   OXT  sing N N 104 
ARG CB  CG   sing N N 105 
ARG CB  HB2  sing N N 106 
ARG CB  HB3  sing N N 107 
ARG CG  CD   sing N N 108 
ARG CG  HG2  sing N N 109 
ARG CG  HG3  sing N N 110 
ARG CD  NE   sing N N 111 
ARG CD  HD2  sing N N 112 
ARG CD  HD3  sing N N 113 
ARG NE  CZ   sing N N 114 
ARG NE  HE   sing N N 115 
ARG CZ  NH1  sing N N 116 
ARG CZ  NH2  doub N N 117 
ARG NH1 HH11 sing N N 118 
ARG NH1 HH12 sing N N 119 
ARG NH2 HH21 sing N N 120 
ARG NH2 HH22 sing N N 121 
ARG OXT HXT  sing N N 122 
ASN N   CA   sing N N 123 
ASN N   H    sing N N 124 
ASN N   H2   sing N N 125 
ASN CA  C    sing N N 126 
ASN CA  CB   sing N N 127 
ASN CA  HA   sing N N 128 
ASN C   O    doub N N 129 
ASN C   OXT  sing N N 130 
ASN CB  CG   sing N N 131 
ASN CB  HB2  sing N N 132 
ASN CB  HB3  sing N N 133 
ASN CG  OD1  doub N N 134 
ASN CG  ND2  sing N N 135 
ASN ND2 HD21 sing N N 136 
ASN ND2 HD22 sing N N 137 
ASN OXT HXT  sing N N 138 
ASP N   CA   sing N N 139 
ASP N   H    sing N N 140 
ASP N   H2   sing N N 141 
ASP CA  C    sing N N 142 
ASP CA  CB   sing N N 143 
ASP CA  HA   sing N N 144 
ASP C   O    doub N N 145 
ASP C   OXT  sing N N 146 
ASP CB  CG   sing N N 147 
ASP CB  HB2  sing N N 148 
ASP CB  HB3  sing N N 149 
ASP CG  OD1  doub N N 150 
ASP CG  OD2  sing N N 151 
ASP OD2 HD2  sing N N 152 
ASP OXT HXT  sing N N 153 
CYS N   CA   sing N N 154 
CYS N   H    sing N N 155 
CYS N   H2   sing N N 156 
CYS CA  C    sing N N 157 
CYS CA  CB   sing N N 158 
CYS CA  HA   sing N N 159 
CYS C   O    doub N N 160 
CYS C   OXT  sing N N 161 
CYS CB  SG   sing N N 162 
CYS CB  HB2  sing N N 163 
CYS CB  HB3  sing N N 164 
CYS SG  HG   sing N N 165 
CYS OXT HXT  sing N N 166 
GLN N   CA   sing N N 167 
GLN N   H    sing N N 168 
GLN N   H2   sing N N 169 
GLN CA  C    sing N N 170 
GLN CA  CB   sing N N 171 
GLN CA  HA   sing N N 172 
GLN C   O    doub N N 173 
GLN C   OXT  sing N N 174 
GLN CB  CG   sing N N 175 
GLN CB  HB2  sing N N 176 
GLN CB  HB3  sing N N 177 
GLN CG  CD   sing N N 178 
GLN CG  HG2  sing N N 179 
GLN CG  HG3  sing N N 180 
GLN CD  OE1  doub N N 181 
GLN CD  NE2  sing N N 182 
GLN NE2 HE21 sing N N 183 
GLN NE2 HE22 sing N N 184 
GLN OXT HXT  sing N N 185 
GLU N   CA   sing N N 186 
GLU N   H    sing N N 187 
GLU N   H2   sing N N 188 
GLU CA  C    sing N N 189 
GLU CA  CB   sing N N 190 
GLU CA  HA   sing N N 191 
GLU C   O    doub N N 192 
GLU C   OXT  sing N N 193 
GLU CB  CG   sing N N 194 
GLU CB  HB2  sing N N 195 
GLU CB  HB3  sing N N 196 
GLU CG  CD   sing N N 197 
GLU CG  HG2  sing N N 198 
GLU CG  HG3  sing N N 199 
GLU CD  OE1  doub N N 200 
GLU CD  OE2  sing N N 201 
GLU OE2 HE2  sing N N 202 
GLU OXT HXT  sing N N 203 
GLY N   CA   sing N N 204 
GLY N   H    sing N N 205 
GLY N   H2   sing N N 206 
GLY CA  C    sing N N 207 
GLY CA  HA2  sing N N 208 
GLY CA  HA3  sing N N 209 
GLY C   O    doub N N 210 
GLY C   OXT  sing N N 211 
GLY OXT HXT  sing N N 212 
HIS N   CA   sing N N 213 
HIS N   H    sing N N 214 
HIS N   H2   sing N N 215 
HIS CA  C    sing N N 216 
HIS CA  CB   sing N N 217 
HIS CA  HA   sing N N 218 
HIS C   O    doub N N 219 
HIS C   OXT  sing N N 220 
HIS CB  CG   sing N N 221 
HIS CB  HB2  sing N N 222 
HIS CB  HB3  sing N N 223 
HIS CG  ND1  sing Y N 224 
HIS CG  CD2  doub Y N 225 
HIS ND1 CE1  doub Y N 226 
HIS ND1 HD1  sing N N 227 
HIS CD2 NE2  sing Y N 228 
HIS CD2 HD2  sing N N 229 
HIS CE1 NE2  sing Y N 230 
HIS CE1 HE1  sing N N 231 
HIS NE2 HE2  sing N N 232 
HIS OXT HXT  sing N N 233 
HOH O   H1   sing N N 234 
HOH O   H2   sing N N 235 
ILE N   CA   sing N N 236 
ILE N   H    sing N N 237 
ILE N   H2   sing N N 238 
ILE CA  C    sing N N 239 
ILE CA  CB   sing N N 240 
ILE CA  HA   sing N N 241 
ILE C   O    doub N N 242 
ILE C   OXT  sing N N 243 
ILE CB  CG1  sing N N 244 
ILE CB  CG2  sing N N 245 
ILE CB  HB   sing N N 246 
ILE CG1 CD1  sing N N 247 
ILE CG1 HG12 sing N N 248 
ILE CG1 HG13 sing N N 249 
ILE CG2 HG21 sing N N 250 
ILE CG2 HG22 sing N N 251 
ILE CG2 HG23 sing N N 252 
ILE CD1 HD11 sing N N 253 
ILE CD1 HD12 sing N N 254 
ILE CD1 HD13 sing N N 255 
ILE OXT HXT  sing N N 256 
LEU N   CA   sing N N 257 
LEU N   H    sing N N 258 
LEU N   H2   sing N N 259 
LEU CA  C    sing N N 260 
LEU CA  CB   sing N N 261 
LEU CA  HA   sing N N 262 
LEU C   O    doub N N 263 
LEU C   OXT  sing N N 264 
LEU CB  CG   sing N N 265 
LEU CB  HB2  sing N N 266 
LEU CB  HB3  sing N N 267 
LEU CG  CD1  sing N N 268 
LEU CG  CD2  sing N N 269 
LEU CG  HG   sing N N 270 
LEU CD1 HD11 sing N N 271 
LEU CD1 HD12 sing N N 272 
LEU CD1 HD13 sing N N 273 
LEU CD2 HD21 sing N N 274 
LEU CD2 HD22 sing N N 275 
LEU CD2 HD23 sing N N 276 
LEU OXT HXT  sing N N 277 
LYS N   CA   sing N N 278 
LYS N   H    sing N N 279 
LYS N   H2   sing N N 280 
LYS CA  C    sing N N 281 
LYS CA  CB   sing N N 282 
LYS CA  HA   sing N N 283 
LYS C   O    doub N N 284 
LYS C   OXT  sing N N 285 
LYS CB  CG   sing N N 286 
LYS CB  HB2  sing N N 287 
LYS CB  HB3  sing N N 288 
LYS CG  CD   sing N N 289 
LYS CG  HG2  sing N N 290 
LYS CG  HG3  sing N N 291 
LYS CD  CE   sing N N 292 
LYS CD  HD2  sing N N 293 
LYS CD  HD3  sing N N 294 
LYS CE  NZ   sing N N 295 
LYS CE  HE2  sing N N 296 
LYS CE  HE3  sing N N 297 
LYS NZ  HZ1  sing N N 298 
LYS NZ  HZ2  sing N N 299 
LYS NZ  HZ3  sing N N 300 
LYS OXT HXT  sing N N 301 
MET N   CA   sing N N 302 
MET N   H    sing N N 303 
MET N   H2   sing N N 304 
MET CA  C    sing N N 305 
MET CA  CB   sing N N 306 
MET CA  HA   sing N N 307 
MET C   O    doub N N 308 
MET C   OXT  sing N N 309 
MET CB  CG   sing N N 310 
MET CB  HB2  sing N N 311 
MET CB  HB3  sing N N 312 
MET CG  SD   sing N N 313 
MET CG  HG2  sing N N 314 
MET CG  HG3  sing N N 315 
MET SD  CE   sing N N 316 
MET CE  HE1  sing N N 317 
MET CE  HE2  sing N N 318 
MET CE  HE3  sing N N 319 
MET OXT HXT  sing N N 320 
PHE N   CA   sing N N 321 
PHE N   H    sing N N 322 
PHE N   H2   sing N N 323 
PHE CA  C    sing N N 324 
PHE CA  CB   sing N N 325 
PHE CA  HA   sing N N 326 
PHE C   O    doub N N 327 
PHE C   OXT  sing N N 328 
PHE CB  CG   sing N N 329 
PHE CB  HB2  sing N N 330 
PHE CB  HB3  sing N N 331 
PHE CG  CD1  doub Y N 332 
PHE CG  CD2  sing Y N 333 
PHE CD1 CE1  sing Y N 334 
PHE CD1 HD1  sing N N 335 
PHE CD2 CE2  doub Y N 336 
PHE CD2 HD2  sing N N 337 
PHE CE1 CZ   doub Y N 338 
PHE CE1 HE1  sing N N 339 
PHE CE2 CZ   sing Y N 340 
PHE CE2 HE2  sing N N 341 
PHE CZ  HZ   sing N N 342 
PHE OXT HXT  sing N N 343 
PRO N   CA   sing N N 344 
PRO N   CD   sing N N 345 
PRO N   H    sing N N 346 
PRO CA  C    sing N N 347 
PRO CA  CB   sing N N 348 
PRO CA  HA   sing N N 349 
PRO C   O    doub N N 350 
PRO C   OXT  sing N N 351 
PRO CB  CG   sing N N 352 
PRO CB  HB2  sing N N 353 
PRO CB  HB3  sing N N 354 
PRO CG  CD   sing N N 355 
PRO CG  HG2  sing N N 356 
PRO CG  HG3  sing N N 357 
PRO CD  HD2  sing N N 358 
PRO CD  HD3  sing N N 359 
PRO OXT HXT  sing N N 360 
SER N   CA   sing N N 361 
SER N   H    sing N N 362 
SER N   H2   sing N N 363 
SER CA  C    sing N N 364 
SER CA  CB   sing N N 365 
SER CA  HA   sing N N 366 
SER C   O    doub N N 367 
SER C   OXT  sing N N 368 
SER CB  OG   sing N N 369 
SER CB  HB2  sing N N 370 
SER CB  HB3  sing N N 371 
SER OG  HG   sing N N 372 
SER OXT HXT  sing N N 373 
THR N   CA   sing N N 374 
THR N   H    sing N N 375 
THR N   H2   sing N N 376 
THR CA  C    sing N N 377 
THR CA  CB   sing N N 378 
THR CA  HA   sing N N 379 
THR C   O    doub N N 380 
THR C   OXT  sing N N 381 
THR CB  OG1  sing N N 382 
THR CB  CG2  sing N N 383 
THR CB  HB   sing N N 384 
THR OG1 HG1  sing N N 385 
THR CG2 HG21 sing N N 386 
THR CG2 HG22 sing N N 387 
THR CG2 HG23 sing N N 388 
THR OXT HXT  sing N N 389 
TRP N   CA   sing N N 390 
TRP N   H    sing N N 391 
TRP N   H2   sing N N 392 
TRP CA  C    sing N N 393 
TRP CA  CB   sing N N 394 
TRP CA  HA   sing N N 395 
TRP C   O    doub N N 396 
TRP C   OXT  sing N N 397 
TRP CB  CG   sing N N 398 
TRP CB  HB2  sing N N 399 
TRP CB  HB3  sing N N 400 
TRP CG  CD1  doub Y N 401 
TRP CG  CD2  sing Y N 402 
TRP CD1 NE1  sing Y N 403 
TRP CD1 HD1  sing N N 404 
TRP CD2 CE2  doub Y N 405 
TRP CD2 CE3  sing Y N 406 
TRP NE1 CE2  sing Y N 407 
TRP NE1 HE1  sing N N 408 
TRP CE2 CZ2  sing Y N 409 
TRP CE3 CZ3  doub Y N 410 
TRP CE3 HE3  sing N N 411 
TRP CZ2 CH2  doub Y N 412 
TRP CZ2 HZ2  sing N N 413 
TRP CZ3 CH2  sing Y N 414 
TRP CZ3 HZ3  sing N N 415 
TRP CH2 HH2  sing N N 416 
TRP OXT HXT  sing N N 417 
TYR N   CA   sing N N 418 
TYR N   H    sing N N 419 
TYR N   H2   sing N N 420 
TYR CA  C    sing N N 421 
TYR CA  CB   sing N N 422 
TYR CA  HA   sing N N 423 
TYR C   O    doub N N 424 
TYR C   OXT  sing N N 425 
TYR CB  CG   sing N N 426 
TYR CB  HB2  sing N N 427 
TYR CB  HB3  sing N N 428 
TYR CG  CD1  doub Y N 429 
TYR CG  CD2  sing Y N 430 
TYR CD1 CE1  sing Y N 431 
TYR CD1 HD1  sing N N 432 
TYR CD2 CE2  doub Y N 433 
TYR CD2 HD2  sing N N 434 
TYR CE1 CZ   doub Y N 435 
TYR CE1 HE1  sing N N 436 
TYR CE2 CZ   sing Y N 437 
TYR CE2 HE2  sing N N 438 
TYR CZ  OH   sing N N 439 
TYR OH  HH   sing N N 440 
TYR OXT HXT  sing N N 441 
VAL N   CA   sing N N 442 
VAL N   H    sing N N 443 
VAL N   H2   sing N N 444 
VAL CA  C    sing N N 445 
VAL CA  CB   sing N N 446 
VAL CA  HA   sing N N 447 
VAL C   O    doub N N 448 
VAL C   OXT  sing N N 449 
VAL CB  CG1  sing N N 450 
VAL CB  CG2  sing N N 451 
VAL CB  HB   sing N N 452 
VAL CG1 HG11 sing N N 453 
VAL CG1 HG12 sing N N 454 
VAL CG1 HG13 sing N N 455 
VAL CG2 HG21 sing N N 456 
VAL CG2 HG22 sing N N 457 
VAL CG2 HG23 sing N N 458 
VAL OXT HXT  sing N N 459 
# 
_atom_sites.entry_id                    5T9W 
_atom_sites.fract_transf_matrix[1][1]   0.00418378 
_atom_sites.fract_transf_matrix[1][2]   0.00102412 
_atom_sites.fract_transf_matrix[1][3]   0.01480307 
_atom_sites.fract_transf_matrix[2][1]   0.00467775 
_atom_sites.fract_transf_matrix[2][2]   -0.01085305 
_atom_sites.fract_transf_matrix[2][3]   -0.00057122 
_atom_sites.fract_transf_matrix[3][1]   0.01280490 
_atom_sites.fract_transf_matrix[3][2]   0.00573035 
_atom_sites.fract_transf_matrix[3][3]   -0.00401548 
_atom_sites.fract_transf_vector[1]      0.255046 
_atom_sites.fract_transf_vector[2]      -0.210225 
_atom_sites.fract_transf_vector[3]      0.021371 
# 
loop_
_atom_type.symbol 
C 
N 
O 
S 
# 
loop_
_atom_site.group_PDB 
_atom_site.id 
_atom_site.type_symbol 
_atom_site.label_atom_id 
_atom_site.label_alt_id 
_atom_site.label_comp_id 
_atom_site.label_asym_id 
_atom_site.label_entity_id 
_atom_site.label_seq_id 
_atom_site.pdbx_PDB_ins_code 
_atom_site.Cartn_x 
_atom_site.Cartn_y 
_atom_site.Cartn_z 
_atom_site.occupancy 
_atom_site.B_iso_or_equiv 
_atom_site.pdbx_formal_charge 
_atom_site.auth_seq_id 
_atom_site.auth_comp_id 
_atom_site.auth_asym_id 
_atom_site.auth_atom_id 
_atom_site.pdbx_PDB_model_num 
ATOM   1    N N   . VAL A 1 1   ? 14.029  10.691  10.352  1.00 30.52 ? 2   VAL A N   1 
ATOM   2    C CA  . VAL A 1 1   ? 13.317  11.753  9.644   1.00 34.76 ? 2   VAL A CA  1 
ATOM   3    C C   . VAL A 1 1   ? 12.290  11.179  8.663   1.00 25.01 ? 2   VAL A C   1 
ATOM   4    O O   . VAL A 1 1   ? 11.224  11.759  8.488   1.00 33.23 ? 2   VAL A O   1 
ATOM   5    C CB  . VAL A 1 1   ? 14.288  12.762  8.972   1.00 29.53 ? 2   VAL A CB  1 
ATOM   6    C CG1 . VAL A 1 1   ? 14.936  12.157  7.714   1.00 34.71 ? 2   VAL A CG1 1 
ATOM   7    C CG2 . VAL A 1 1   ? 13.576  14.055  8.615   1.00 40.22 ? 2   VAL A CG2 1 
ATOM   8    N N   . ASN A 1 2   ? 12.617  10.058  8.020   1.00 19.63 ? 3   ASN A N   1 
ATOM   9    C CA  . ASN A 1 2   ? 11.648  9.337   7.187   1.00 17.71 ? 3   ASN A CA  1 
ATOM   10   C C   . ASN A 1 2   ? 11.179  8.065   7.898   1.00 15.22 ? 3   ASN A C   1 
ATOM   11   O O   . ASN A 1 2   ? 11.984  7.180   8.144   1.00 15.84 ? 3   ASN A O   1 
ATOM   12   C CB  . ASN A 1 2   ? 12.265  8.968   5.833   1.00 15.27 ? 3   ASN A CB  1 
ATOM   13   C CG  . ASN A 1 2   ? 12.438  10.164  4.926   1.00 16.74 ? 3   ASN A CG  1 
ATOM   14   O OD1 . ASN A 1 2   ? 11.473  10.851  4.605   1.00 20.10 ? 3   ASN A OD1 1 
ATOM   15   N ND2 . ASN A 1 2   ? 13.680  10.438  4.527   1.00 17.66 ? 3   ASN A ND2 1 
ATOM   16   N N   . PRO A 1 3   ? 9.877   7.968   8.219   1.00 10.44 ? 4   PRO A N   1 
ATOM   17   C CA  . PRO A 1 3   ? 9.345   6.804   8.941   1.00 11.59 ? 4   PRO A CA  1 
ATOM   18   C C   . PRO A 1 3   ? 9.617   5.478   8.245   1.00 11.93 ? 4   PRO A C   1 
ATOM   19   O O   . PRO A 1 3   ? 9.597   5.405   7.016   1.00 12.27 ? 4   PRO A O   1 
ATOM   20   C CB  . PRO A 1 3   ? 7.829   7.040   8.929   1.00 11.52 ? 4   PRO A CB  1 
ATOM   21   C CG  . PRO A 1 3   ? 7.661   8.483   8.737   1.00 14.24 ? 4   PRO A CG  1 
ATOM   22   C CD  . PRO A 1 3   ? 8.826   8.950   7.903   1.00 10.35 ? 4   PRO A CD  1 
ATOM   23   N N   . THR A 1 4   ? 9.848   4.433   9.032   1.00 10.04 ? 5   THR A N   1 
ATOM   24   C CA  . THR A 1 4   ? 9.789   3.062   8.517   1.00 13.39 ? 5   THR A CA  1 
ATOM   25   C C   . THR A 1 4   ? 8.592   2.355   9.146   1.00 10.98 ? 5   THR A C   1 
ATOM   26   O O   . THR A 1 4   ? 8.428   2.372   10.366  1.00 11.73 ? 5   THR A O   1 
ATOM   27   C CB  . THR A 1 4   ? 11.070  2.255   8.836   1.00 13.69 ? 5   THR A CB  1 
ATOM   28   O OG1 . THR A 1 4   ? 12.185  2.850   8.170   1.00 16.68 ? 5   THR A OG1 1 
ATOM   29   C CG2 . THR A 1 4   ? 10.938  0.798   8.373   1.00 11.17 ? 5   THR A CG2 1 
ATOM   30   N N   . VAL A 1 5   ? 7.755   1.737   8.320   1.00 10.46 ? 6   VAL A N   1 
ATOM   31   C CA  . VAL A 1 5   ? 6.634   0.961   8.829   1.00 6.65  ? 6   VAL A CA  1 
ATOM   32   C C   . VAL A 1 5   ? 6.696   -0.455  8.277   1.00 9.21  ? 6   VAL A C   1 
ATOM   33   O O   . VAL A 1 5   ? 7.419   -0.708  7.312   1.00 8.47  ? 6   VAL A O   1 
ATOM   34   C CB  . VAL A 1 5   ? 5.285   1.611   8.480   1.00 8.15  ? 6   VAL A CB  1 
ATOM   35   C CG1 . VAL A 1 5   ? 5.148   2.957   9.201   1.00 10.45 ? 6   VAL A CG1 1 
ATOM   36   C CG2 . VAL A 1 5   ? 5.134   1.775   6.967   1.00 8.04  ? 6   VAL A CG2 1 
ATOM   37   N N   . PHE A 1 6   ? 5.952   -1.376  8.889   1.00 7.51  ? 7   PHE A N   1 
ATOM   38   C CA  . PHE A 1 6   ? 5.957   -2.766  8.440   1.00 6.32  ? 7   PHE A CA  1 
ATOM   39   C C   . PHE A 1 6   ? 4.543   -3.324  8.350   1.00 8.78  ? 7   PHE A C   1 
ATOM   40   O O   . PHE A 1 6   ? 3.634   -2.852  9.037   1.00 8.00  ? 7   PHE A O   1 
ATOM   41   C CB  . PHE A 1 6   ? 6.781   -3.643  9.392   1.00 7.76  ? 7   PHE A CB  1 
ATOM   42   C CG  . PHE A 1 6   ? 6.112   -3.888  10.713  1.00 10.93 ? 7   PHE A CG  1 
ATOM   43   C CD1 . PHE A 1 6   ? 6.361   -3.056  11.801  1.00 11.55 ? 7   PHE A CD1 1 
ATOM   44   C CD2 . PHE A 1 6   ? 5.220   -4.944  10.872  1.00 9.68  ? 7   PHE A CD2 1 
ATOM   45   C CE1 . PHE A 1 6   ? 5.727   -3.276  13.023  1.00 12.00 ? 7   PHE A CE1 1 
ATOM   46   C CE2 . PHE A 1 6   ? 4.585   -5.166  12.088  1.00 11.24 ? 7   PHE A CE2 1 
ATOM   47   C CZ  . PHE A 1 6   ? 4.837   -4.334  13.163  1.00 8.49  ? 7   PHE A CZ  1 
ATOM   48   N N   . PHE A 1 7   ? 4.375   -4.324  7.487   1.00 7.07  ? 8   PHE A N   1 
ATOM   49   C CA  . PHE A 1 7   ? 3.203   -5.184  7.468   1.00 7.24  ? 8   PHE A CA  1 
ATOM   50   C C   . PHE A 1 7   ? 3.692   -6.595  7.751   1.00 8.96  ? 8   PHE A C   1 
ATOM   51   O O   . PHE A 1 7   ? 4.659   -7.049  7.136   1.00 9.60  ? 8   PHE A O   1 
ATOM   52   C CB  . PHE A 1 7   ? 2.576   -5.262  6.071   1.00 5.54  ? 8   PHE A CB  1 
ATOM   53   C CG  . PHE A 1 7   ? 1.910   -3.993  5.599   1.00 8.50  ? 8   PHE A CG  1 
ATOM   54   C CD1 . PHE A 1 7   ? 1.657   -2.948  6.461   1.00 5.67  ? 8   PHE A CD1 1 
ATOM   55   C CD2 . PHE A 1 7   ? 1.504   -3.880  4.270   1.00 6.10  ? 8   PHE A CD2 1 
ATOM   56   C CE1 . PHE A 1 7   ? 1.032   -1.785  6.007   1.00 5.13  ? 8   PHE A CE1 1 
ATOM   57   C CE2 . PHE A 1 7   ? 0.881   -2.730  3.813   1.00 7.29  ? 8   PHE A CE2 1 
ATOM   58   C CZ  . PHE A 1 7   ? 0.654   -1.682  4.686   1.00 6.46  ? 8   PHE A CZ  1 
ATOM   59   N N   . ASP A 1 8   ? 3.000   -7.307  8.625   1.00 10.91 ? 9   ASP A N   1 
ATOM   60   C CA  . ASP A 1 8   ? 3.172   -8.750  8.700   1.00 8.35  ? 9   ASP A CA  1 
ATOM   61   C C   . ASP A 1 8   ? 2.082   -9.393  7.854   1.00 8.93  ? 9   ASP A C   1 
ATOM   62   O O   . ASP A 1 8   ? 0.908   -9.322  8.202   1.00 9.33  ? 9   ASP A O   1 
ATOM   63   C CB  . ASP A 1 8   ? 3.071   -9.233  10.141  1.00 10.24 ? 9   ASP A CB  1 
ATOM   64   C CG  . ASP A 1 8   ? 4.311   -8.921  10.950  1.00 12.44 ? 9   ASP A CG  1 
ATOM   65   O OD1 . ASP A 1 8   ? 5.428   -9.043  10.409  1.00 14.69 ? 9   ASP A OD1 1 
ATOM   66   O OD2 . ASP A 1 8   ? 4.169   -8.538  12.122  1.00 14.15 ? 9   ASP A OD2 1 
ATOM   67   N N   . ILE A 1 9   ? 2.476   -10.008 6.743   1.00 7.82  ? 10  ILE A N   1 
ATOM   68   C CA  . ILE A 1 9   ? 1.521   -10.587 5.798   1.00 8.96  ? 10  ILE A CA  1 
ATOM   69   C C   . ILE A 1 9   ? 1.151   -12.034 6.162   1.00 8.85  ? 10  ILE A C   1 
ATOM   70   O O   . ILE A 1 9   ? 2.028   -12.850 6.470   1.00 6.75  ? 10  ILE A O   1 
ATOM   71   C CB  . ILE A 1 9   ? 2.081   -10.558 4.357   1.00 7.89  ? 10  ILE A CB  1 
ATOM   72   C CG1 . ILE A 1 9   ? 2.507   -9.138  3.966   1.00 8.70  ? 10  ILE A CG1 1 
ATOM   73   C CG2 . ILE A 1 9   ? 1.059   -11.112 3.362   1.00 10.92 ? 10  ILE A CG2 1 
ATOM   74   C CD1 . ILE A 1 9   ? 1.338   -8.167  3.796   1.00 6.62  ? 10  ILE A CD1 1 
ATOM   75   N N   . ALA A 1 10  ? -0.143  -12.343 6.129   1.00 9.63  ? 11  ALA A N   1 
ATOM   76   C CA  . ALA A 1 10  ? -0.607  -13.719 6.325   1.00 9.13  ? 11  ALA A CA  1 
ATOM   77   C C   . ALA A 1 10  ? -1.409  -14.242 5.125   1.00 12.48 ? 11  ALA A C   1 
ATOM   78   O O   . ALA A 1 10  ? -2.046  -13.476 4.384   1.00 10.36 ? 11  ALA A O   1 
ATOM   79   C CB  . ALA A 1 10  ? -1.422  -13.838 7.601   1.00 10.61 ? 11  ALA A CB  1 
ATOM   80   N N   . VAL A 1 11  ? -1.362  -15.556 4.933   1.00 11.03 ? 12  VAL A N   1 
ATOM   81   C CA  . VAL A 1 11  ? -2.111  -16.213 3.869   1.00 10.60 ? 12  VAL A CA  1 
ATOM   82   C C   . VAL A 1 11  ? -3.120  -17.155 4.517   1.00 13.95 ? 12  VAL A C   1 
ATOM   83   O O   . VAL A 1 11  ? -2.732  -18.105 5.197   1.00 12.29 ? 12  VAL A O   1 
ATOM   84   C CB  . VAL A 1 11  ? -1.173  -17.015 2.966   1.00 9.99  ? 12  VAL A CB  1 
ATOM   85   C CG1 . VAL A 1 11  ? -1.959  -17.689 1.851   1.00 13.88 ? 12  VAL A CG1 1 
ATOM   86   C CG2 . VAL A 1 11  ? -0.088  -16.106 2.397   1.00 9.44  ? 12  VAL A CG2 1 
ATOM   87   N N   . ASP A 1 12  ? -4.408  -16.884 4.314   1.00 14.46 ? 13  ASP A N   1 
ATOM   88   C CA  . ASP A 1 12  ? -5.465  -17.573 5.061   1.00 16.60 ? 13  ASP A CA  1 
ATOM   89   C C   . ASP A 1 12  ? -5.094  -17.728 6.540   1.00 18.01 ? 13  ASP A C   1 
ATOM   90   O O   . ASP A 1 12  ? -5.250  -18.800 7.118   1.00 15.37 ? 13  ASP A O   1 
ATOM   91   C CB  . ASP A 1 12  ? -5.782  -18.944 4.454   1.00 12.75 ? 13  ASP A CB  1 
ATOM   92   C CG  . ASP A 1 12  ? -6.623  -18.852 3.179   1.00 16.84 ? 13  ASP A CG  1 
ATOM   93   O OD1 . ASP A 1 12  ? -7.305  -17.829 2.972   1.00 17.94 ? 13  ASP A OD1 1 
ATOM   94   O OD2 . ASP A 1 12  ? -6.608  -19.814 2.381   1.00 21.63 ? 13  ASP A OD2 1 
ATOM   95   N N   . GLY A 1 13  ? -4.587  -16.656 7.143   1.00 13.50 ? 14  GLY A N   1 
ATOM   96   C CA  . GLY A 1 13  ? -4.344  -16.633 8.577   1.00 15.80 ? 14  GLY A CA  1 
ATOM   97   C C   . GLY A 1 13  ? -2.997  -17.177 9.024   1.00 18.72 ? 14  GLY A C   1 
ATOM   98   O O   . GLY A 1 13  ? -2.653  -17.084 10.198  1.00 17.87 ? 14  GLY A O   1 
ATOM   99   N N   . GLU A 1 14  ? -2.228  -17.732 8.095   1.00 13.53 ? 15  GLU A N   1 
ATOM   100  C CA  . GLU A 1 14  ? -0.897  -18.237 8.408   1.00 14.38 ? 15  GLU A CA  1 
ATOM   101  C C   . GLU A 1 14  ? 0.197   -17.264 7.980   1.00 15.02 ? 15  GLU A C   1 
ATOM   102  O O   . GLU A 1 14  ? 0.200   -16.790 6.845   1.00 12.56 ? 15  GLU A O   1 
ATOM   103  C CB  . GLU A 1 14  ? -0.685  -19.595 7.745   1.00 16.64 ? 15  GLU A CB  1 
ATOM   104  C CG  . GLU A 1 14  ? -1.699  -20.633 8.212   1.00 22.79 ? 15  GLU A CG  1 
ATOM   105  C CD  . GLU A 1 14  ? -1.318  -22.044 7.810   1.00 33.18 ? 15  GLU A CD  1 
ATOM   106  O OE1 . GLU A 1 14  ? -0.235  -22.220 7.213   1.00 33.95 ? 15  GLU A OE1 1 
ATOM   107  O OE2 . GLU A 1 14  ? -2.097  -22.975 8.096   1.00 36.78 ? 15  GLU A OE2 1 
ATOM   108  N N   . PRO A 1 15  ? 1.138   -16.966 8.888   1.00 16.80 ? 16  PRO A N   1 
ATOM   109  C CA  . PRO A 1 15  ? 2.173   -15.954 8.625   1.00 17.73 ? 16  PRO A CA  1 
ATOM   110  C C   . PRO A 1 15  ? 3.016   -16.281 7.394   1.00 14.79 ? 16  PRO A C   1 
ATOM   111  O O   . PRO A 1 15  ? 3.494   -17.402 7.258   1.00 13.88 ? 16  PRO A O   1 
ATOM   112  C CB  . PRO A 1 15  ? 3.044   -16.008 9.883   1.00 16.41 ? 16  PRO A CB  1 
ATOM   113  C CG  . PRO A 1 15  ? 2.143   -16.577 10.937  1.00 25.84 ? 16  PRO A CG  1 
ATOM   114  C CD  . PRO A 1 15  ? 1.298   -17.580 10.215  1.00 18.37 ? 16  PRO A CD  1 
ATOM   115  N N   . LEU A 1 16  ? 3.176   -15.308 6.502   1.00 12.91 ? 17  LEU A N   1 
ATOM   116  C CA  . LEU A 1 16  ? 4.032   -15.472 5.340   1.00 11.96 ? 17  LEU A CA  1 
ATOM   117  C C   . LEU A 1 16  ? 5.363   -14.782 5.578   1.00 14.69 ? 17  LEU A C   1 
ATOM   118  O O   . LEU A 1 16  ? 6.428   -15.375 5.387   1.00 15.24 ? 17  LEU A O   1 
ATOM   119  C CB  . LEU A 1 16  ? 3.358   -14.898 4.091   1.00 9.44  ? 17  LEU A CB  1 
ATOM   120  C CG  . LEU A 1 16  ? 4.126   -14.974 2.771   1.00 12.29 ? 17  LEU A CG  1 
ATOM   121  C CD1 . LEU A 1 16  ? 4.417   -16.436 2.382   1.00 11.47 ? 17  LEU A CD1 1 
ATOM   122  C CD2 . LEU A 1 16  ? 3.349   -14.250 1.667   1.00 9.48  ? 17  LEU A CD2 1 
ATOM   123  N N   . GLY A 1 17  ? 5.307   -13.520 5.988   1.00 11.36 ? 18  GLY A N   1 
ATOM   124  C CA  . GLY A 1 17  ? 6.521   -12.774 6.269   1.00 11.08 ? 18  GLY A CA  1 
ATOM   125  C C   . GLY A 1 17  ? 6.283   -11.286 6.428   1.00 10.11 ? 18  GLY A C   1 
ATOM   126  O O   . GLY A 1 17  ? 5.161   -10.790 6.241   1.00 11.14 ? 18  GLY A O   1 
ATOM   127  N N   . ARG A 1 18  ? 7.352   -10.570 6.751   1.00 9.05  ? 19  ARG A N   1 
ATOM   128  C CA  . ARG A 1 18  ? 7.265   -9.142  7.025   1.00 9.69  ? 19  ARG A CA  1 
ATOM   129  C C   . ARG A 1 18  ? 7.772   -8.300  5.855   1.00 10.09 ? 19  ARG A C   1 
ATOM   130  O O   . ARG A 1 18  ? 8.822   -8.578  5.281   1.00 10.09 ? 19  ARG A O   1 
ATOM   131  C CB  . ARG A 1 18  ? 8.041   -8.790  8.310   1.00 9.78  ? 19  ARG A CB  1 
ATOM   132  C CG  . ARG A 1 18  ? 8.145   -7.285  8.562   1.00 11.07 ? 19  ARG A CG  1 
ATOM   133  C CD  . ARG A 1 18  ? 8.636   -6.978  9.975   1.00 11.89 ? 19  ARG A CD  1 
ATOM   134  N NE  . ARG A 1 18  ? 7.676   -7.400  10.994  1.00 13.58 ? 19  ARG A NE  1 
ATOM   135  C CZ  . ARG A 1 18  ? 7.762   -7.083  12.286  1.00 13.66 ? 19  ARG A CZ  1 
ATOM   136  N NH1 . ARG A 1 18  ? 8.763   -6.333  12.721  1.00 10.80 ? 19  ARG A NH1 1 
ATOM   137  N NH2 . ARG A 1 18  ? 6.837   -7.504  13.138  1.00 12.96 ? 19  ARG A NH2 1 
ATOM   138  N N   . VAL A 1 19  ? 7.006   -7.277  5.498   1.00 9.54  ? 20  VAL A N   1 
ATOM   139  C CA  . VAL A 1 19  ? 7.430   -6.317  4.490   1.00 7.10  ? 20  VAL A CA  1 
ATOM   140  C C   . VAL A 1 19  ? 7.601   -4.988  5.202   1.00 8.63  ? 20  VAL A C   1 
ATOM   141  O O   . VAL A 1 19  ? 6.704   -4.550  5.913   1.00 8.01  ? 20  VAL A O   1 
ATOM   142  C CB  . VAL A 1 19  ? 6.362   -6.133  3.397   1.00 8.62  ? 20  VAL A CB  1 
ATOM   143  C CG1 . VAL A 1 19  ? 6.842   -5.131  2.334   1.00 6.83  ? 20  VAL A CG1 1 
ATOM   144  C CG2 . VAL A 1 19  ? 6.005   -7.477  2.761   1.00 8.39  ? 20  VAL A CG2 1 
ATOM   145  N N   . SER A 1 20  ? 8.744   -4.342  5.036   1.00 9.77  ? 21  SER A N   1 
ATOM   146  C CA  . SER A 1 20  ? 8.905   -3.020  5.633   1.00 8.44  ? 21  SER A CA  1 
ATOM   147  C C   . SER A 1 20  ? 9.076   -1.959  4.538   1.00 11.82 ? 21  SER A C   1 
ATOM   148  O O   . SER A 1 20  ? 9.546   -2.265  3.438   1.00 8.12  ? 21  SER A O   1 
ATOM   149  C CB  . SER A 1 20  ? 10.060  -3.007  6.639   1.00 11.05 ? 21  SER A CB  1 
ATOM   150  O OG  . SER A 1 20  ? 11.315  -2.985  5.978   1.00 11.87 ? 21  SER A OG  1 
ATOM   151  N N   . PHE A 1 21  ? 8.692   -0.722  4.849   1.00 8.71  ? 22  PHE A N   1 
ATOM   152  C CA  . PHE A 1 21  ? 8.650   0.359   3.864   1.00 9.65  ? 22  PHE A CA  1 
ATOM   153  C C   . PHE A 1 21  ? 9.325   1.619   4.396   1.00 11.67 ? 22  PHE A C   1 
ATOM   154  O O   . PHE A 1 21  ? 9.110   1.996   5.549   1.00 9.47  ? 22  PHE A O   1 
ATOM   155  C CB  . PHE A 1 21  ? 7.189   0.740   3.565   1.00 7.06  ? 22  PHE A CB  1 
ATOM   156  C CG  . PHE A 1 21  ? 6.322   -0.408  3.139   1.00 7.20  ? 22  PHE A CG  1 
ATOM   157  C CD1 . PHE A 1 21  ? 6.257   -0.793  1.813   1.00 6.68  ? 22  PHE A CD1 1 
ATOM   158  C CD2 . PHE A 1 21  ? 5.535   -1.077  4.061   1.00 9.41  ? 22  PHE A CD2 1 
ATOM   159  C CE1 . PHE A 1 21  ? 5.442   -1.848  1.413   1.00 10.53 ? 22  PHE A CE1 1 
ATOM   160  C CE2 . PHE A 1 21  ? 4.713   -2.135  3.667   1.00 7.56  ? 22  PHE A CE2 1 
ATOM   161  C CZ  . PHE A 1 21  ? 4.669   -2.517  2.342   1.00 10.04 ? 22  PHE A CZ  1 
ATOM   162  N N   . GLU A 1 22  ? 10.106  2.290   3.556   1.00 6.71  ? 23  GLU A N   1 
ATOM   163  C CA  . GLU A 1 22  ? 10.516  3.659   3.867   1.00 10.88 ? 23  GLU A CA  1 
ATOM   164  C C   . GLU A 1 22  ? 9.448   4.588   3.319   1.00 9.19  ? 23  GLU A C   1 
ATOM   165  O O   . GLU A 1 22  ? 9.059   4.475   2.152   1.00 8.91  ? 23  GLU A O   1 
ATOM   166  C CB  . GLU A 1 22  ? 11.874  4.014   3.238   1.00 10.62 ? 23  GLU A CB  1 
ATOM   167  C CG  . GLU A 1 22  ? 12.162  5.522   3.279   1.00 15.75 ? 23  GLU A CG  1 
ATOM   168  C CD  . GLU A 1 22  ? 13.450  5.911   2.562   1.00 22.36 ? 23  GLU A CD  1 
ATOM   169  O OE1 . GLU A 1 22  ? 14.168  5.011   2.082   1.00 23.59 ? 23  GLU A OE1 1 
ATOM   170  O OE2 . GLU A 1 22  ? 13.736  7.124   2.475   1.00 20.36 ? 23  GLU A OE2 1 
ATOM   171  N N   . LEU A 1 23  ? 8.949   5.490   4.152   1.00 6.58  ? 24  LEU A N   1 
ATOM   172  C CA  . LEU A 1 23  ? 7.976   6.463   3.680   1.00 7.14  ? 24  LEU A CA  1 
ATOM   173  C C   . LEU A 1 23  ? 8.691   7.780   3.446   1.00 9.44  ? 24  LEU A C   1 
ATOM   174  O O   . LEU A 1 23  ? 9.384   8.285   4.329   1.00 9.41  ? 24  LEU A O   1 
ATOM   175  C CB  . LEU A 1 23  ? 6.835   6.645   4.687   1.00 6.80  ? 24  LEU A CB  1 
ATOM   176  C CG  . LEU A 1 23  ? 6.154   5.364   5.166   1.00 7.23  ? 24  LEU A CG  1 
ATOM   177  C CD1 . LEU A 1 23  ? 5.012   5.714   6.108   1.00 10.11 ? 24  LEU A CD1 1 
ATOM   178  C CD2 . LEU A 1 23  ? 5.647   4.534   3.987   1.00 9.36  ? 24  LEU A CD2 1 
ATOM   179  N N   . PHE A 1 24  ? 8.514   8.336   2.254   1.00 8.76  ? 25  PHE A N   1 
ATOM   180  C CA  . PHE A 1 24  ? 9.228   9.551   1.859   1.00 11.81 ? 25  PHE A CA  1 
ATOM   181  C C   . PHE A 1 24  ? 8.582   10.819  2.420   1.00 11.10 ? 25  PHE A C   1 
ATOM   182  O O   . PHE A 1 24  ? 8.100   11.667  1.665   1.00 9.56  ? 25  PHE A O   1 
ATOM   183  C CB  . PHE A 1 24  ? 9.286   9.648   0.336   1.00 10.74 ? 25  PHE A CB  1 
ATOM   184  C CG  . PHE A 1 24  ? 9.833   8.415   -0.333  1.00 12.46 ? 25  PHE A CG  1 
ATOM   185  C CD1 . PHE A 1 24  ? 10.854  7.686   0.250   1.00 13.64 ? 25  PHE A CD1 1 
ATOM   186  C CD2 . PHE A 1 24  ? 9.322   7.993   -1.550  1.00 14.42 ? 25  PHE A CD2 1 
ATOM   187  C CE1 . PHE A 1 24  ? 11.362  6.551   -0.375  1.00 15.22 ? 25  PHE A CE1 1 
ATOM   188  C CE2 . PHE A 1 24  ? 9.825   6.871   -2.183  1.00 17.87 ? 25  PHE A CE2 1 
ATOM   189  C CZ  . PHE A 1 24  ? 10.844  6.147   -1.590  1.00 14.40 ? 25  PHE A CZ  1 
ATOM   190  N N   . ALA A 1 25  ? 8.583   10.957  3.740   1.00 9.59  ? 26  ALA A N   1 
ATOM   191  C CA  . ALA A 1 25  ? 7.984   12.132  4.369   1.00 10.19 ? 26  ALA A CA  1 
ATOM   192  C C   . ALA A 1 25  ? 8.719   13.430  4.011   1.00 11.62 ? 26  ALA A C   1 
ATOM   193  O O   . ALA A 1 25  ? 8.135   14.507  4.083   1.00 10.85 ? 26  ALA A O   1 
ATOM   194  C CB  . ALA A 1 25  ? 7.936   11.962  5.882   1.00 13.88 ? 26  ALA A CB  1 
ATOM   195  N N   . ASP A 1 26  ? 9.994   13.339  3.638   1.00 12.59 ? 27  ASP A N   1 
ATOM   196  C CA  . ASP A 1 26  ? 10.729  14.548  3.249   1.00 11.95 ? 27  ASP A CA  1 
ATOM   197  C C   . ASP A 1 26  ? 10.273  15.141  1.906   1.00 17.35 ? 27  ASP A C   1 
ATOM   198  O O   . ASP A 1 26  ? 10.433  16.338  1.674   1.00 19.82 ? 27  ASP A O   1 
ATOM   199  C CB  . ASP A 1 26  ? 12.261  14.363  3.306   1.00 14.74 ? 27  ASP A CB  1 
ATOM   200  C CG  . ASP A 1 26  ? 12.760  13.156  2.512   1.00 17.13 ? 27  ASP A CG  1 
ATOM   201  O OD1 . ASP A 1 26  ? 12.011  12.612  1.671   1.00 18.41 ? 27  ASP A OD1 1 
ATOM   202  O OD2 . ASP A 1 26  ? 13.927  12.756  2.735   1.00 16.96 ? 27  ASP A OD2 1 
ATOM   203  N N   . LYS A 1 27  ? 9.689   14.310  1.044   1.00 12.38 ? 28  LYS A N   1 
ATOM   204  C CA  . LYS A 1 27  ? 9.222   14.747  -0.278  1.00 13.24 ? 28  LYS A CA  1 
ATOM   205  C C   . LYS A 1 27  ? 7.694   14.819  -0.411  1.00 14.30 ? 28  LYS A C   1 
ATOM   206  O O   . LYS A 1 27  ? 7.182   15.680  -1.119  1.00 13.16 ? 28  LYS A O   1 
ATOM   207  C CB  . LYS A 1 27  ? 9.778   13.837  -1.388  1.00 15.82 ? 28  LYS A CB  1 
ATOM   208  C CG  . LYS A 1 27  ? 11.288  13.629  -1.363  1.00 18.00 ? 28  LYS A CG  1 
ATOM   209  C CD  . LYS A 1 27  ? 12.025  14.671  -2.185  1.00 23.90 ? 28  LYS A CD  1 
ATOM   210  C CE  . LYS A 1 27  ? 12.136  15.997  -1.473  1.00 24.70 ? 28  LYS A CE  1 
ATOM   211  N NZ  . LYS A 1 27  ? 12.781  17.034  -2.346  1.00 25.90 ? 28  LYS A NZ  1 
ATOM   212  N N   . VAL A 1 28  ? 6.969   13.903  0.236   1.00 8.92  ? 29  VAL A N   1 
ATOM   213  C CA  . VAL A 1 28  ? 5.501   13.959  0.258   1.00 9.88  ? 29  VAL A CA  1 
ATOM   214  C C   . VAL A 1 28  ? 4.977   13.799  1.678   1.00 12.96 ? 29  VAL A C   1 
ATOM   215  O O   . VAL A 1 28  ? 4.439   12.742  2.041   1.00 10.99 ? 29  VAL A O   1 
ATOM   216  C CB  . VAL A 1 28  ? 4.849   12.881  -0.646  1.00 12.56 ? 29  VAL A CB  1 
ATOM   217  C CG1 . VAL A 1 28  ? 4.726   13.375  -2.083  1.00 12.55 ? 29  VAL A CG1 1 
ATOM   218  C CG2 . VAL A 1 28  ? 5.628   11.596  -0.587  1.00 11.38 ? 29  VAL A CG2 1 
ATOM   219  N N   . PRO A 1 29  ? 5.135   14.848  2.503   1.00 12.12 ? 30  PRO A N   1 
ATOM   220  C CA  . PRO A 1 29  ? 4.838   14.722  3.935   1.00 10.50 ? 30  PRO A CA  1 
ATOM   221  C C   . PRO A 1 29  ? 3.390   14.317  4.230   1.00 9.93  ? 30  PRO A C   1 
ATOM   222  O O   . PRO A 1 29  ? 3.150   13.498  5.115   1.00 9.16  ? 30  PRO A O   1 
ATOM   223  C CB  . PRO A 1 29  ? 5.139   16.128  4.482   1.00 13.58 ? 30  PRO A CB  1 
ATOM   224  C CG  . PRO A 1 29  ? 5.061   17.027  3.304   1.00 12.86 ? 30  PRO A CG  1 
ATOM   225  C CD  . PRO A 1 29  ? 5.575   16.207  2.149   1.00 13.77 ? 30  PRO A CD  1 
ATOM   226  N N   . LYS A 1 30  ? 2.438   14.869  3.493   1.00 8.99  ? 31  LYS A N   1 
ATOM   227  C CA  . LYS A 1 30  ? 1.035   14.624  3.805   1.00 13.00 ? 31  LYS A CA  1 
ATOM   228  C C   . LYS A 1 30  ? 0.596   13.191  3.468   1.00 9.02  ? 31  LYS A C   1 
ATOM   229  O O   . LYS A 1 30  ? -0.155  12.571  4.218   1.00 8.19  ? 31  LYS A O   1 
ATOM   230  C CB  . LYS A 1 30  ? 0.141   15.642  3.098   1.00 15.14 ? 31  LYS A CB  1 
ATOM   231  C CG  . LYS A 1 30  ? -1.301  15.586  3.545   1.00 20.24 ? 31  LYS A CG  1 
ATOM   232  C CD  . LYS A 1 30  ? -2.116  16.727  2.967   1.00 25.56 ? 31  LYS A CD  1 
ATOM   233  C CE  . LYS A 1 30  ? -3.562  16.652  3.441   1.00 21.52 ? 31  LYS A CE  1 
ATOM   234  N NZ  . LYS A 1 30  ? -4.362  17.764  2.870   1.00 24.33 ? 31  LYS A NZ  1 
ATOM   235  N N   . THR A 1 31  ? 1.075   12.686  2.336   1.00 9.28  ? 32  THR A N   1 
ATOM   236  C CA  . THR A 1 31  ? 0.750   11.348  1.860   1.00 8.11  ? 32  THR A CA  1 
ATOM   237  C C   . THR A 1 31  ? 1.455   10.295  2.721   1.00 7.32  ? 32  THR A C   1 
ATOM   238  O O   . THR A 1 31  ? 0.887   9.248   3.062   1.00 7.42  ? 32  THR A O   1 
ATOM   239  C CB  . THR A 1 31  ? 1.173   11.195  0.385   1.00 9.14  ? 32  THR A CB  1 
ATOM   240  O OG1 . THR A 1 31  ? 0.652   12.293  -0.377  1.00 6.73  ? 32  THR A OG1 1 
ATOM   241  C CG2 . THR A 1 31  ? 0.645   9.884   -0.208  1.00 6.26  ? 32  THR A CG2 1 
ATOM   242  N N   . ALA A 1 32  ? 2.700   10.579  3.078   1.00 6.64  ? 33  ALA A N   1 
ATOM   243  C CA  . ALA A 1 32  ? 3.456   9.694   3.957   1.00 7.49  ? 33  ALA A CA  1 
ATOM   244  C C   . ALA A 1 32  ? 2.781   9.595   5.321   1.00 8.68  ? 33  ALA A C   1 
ATOM   245  O O   . ALA A 1 32  ? 2.624   8.501   5.856   1.00 9.52  ? 33  ALA A O   1 
ATOM   246  C CB  . ALA A 1 32  ? 4.893   10.180  4.098   1.00 7.99  ? 33  ALA A CB  1 
ATOM   247  N N   . GLU A 1 33  ? 2.363   10.732  5.876   1.00 10.19 ? 34  GLU A N   1 
ATOM   248  C CA  . GLU A 1 33  ? 1.745   10.741  7.208   1.00 12.09 ? 34  GLU A CA  1 
ATOM   249  C C   . GLU A 1 33  ? 0.451   9.927   7.253   1.00 11.73 ? 34  GLU A C   1 
ATOM   250  O O   . GLU A 1 33  ? 0.194   9.204   8.221   1.00 9.60  ? 34  GLU A O   1 
ATOM   251  C CB  . GLU A 1 33  ? 1.474   12.167  7.683   1.00 9.68  ? 34  GLU A CB  1 
ATOM   252  C CG  . GLU A 1 33  ? 0.644   12.244  8.957   1.00 9.18  ? 34  GLU A CG  1 
ATOM   253  C CD  . GLU A 1 33  ? 1.376   11.711  10.192  1.00 16.38 ? 34  GLU A CD  1 
ATOM   254  O OE1 . GLU A 1 33  ? 2.574   11.351  10.111  1.00 13.17 ? 34  GLU A OE1 1 
ATOM   255  O OE2 . GLU A 1 33  ? 0.739   11.652  11.259  1.00 17.97 ? 34  GLU A OE2 1 
ATOM   256  N N   . ASN A 1 34  ? -0.355  10.049  6.201   1.00 7.23  ? 35  ASN A N   1 
ATOM   257  C CA  . ASN A 1 34  ? -1.586  9.277   6.080   1.00 8.25  ? 35  ASN A CA  1 
ATOM   258  C C   . ASN A 1 34  ? -1.317  7.776   6.211   1.00 7.20  ? 35  ASN A C   1 
ATOM   259  O O   . ASN A 1 34  ? -1.876  7.098   7.075   1.00 5.13  ? 35  ASN A O   1 
ATOM   260  C CB  . ASN A 1 34  ? -2.278  9.593   4.743   1.00 9.11  ? 35  ASN A CB  1 
ATOM   261  C CG  . ASN A 1 34  ? -3.607  8.871   4.580   1.00 7.97  ? 35  ASN A CG  1 
ATOM   262  O OD1 . ASN A 1 34  ? -4.514  9.023   5.401   1.00 9.35  ? 35  ASN A OD1 1 
ATOM   263  N ND2 . ASN A 1 34  ? -3.741  8.117   3.493   1.00 6.58  ? 35  ASN A ND2 1 
ATOM   264  N N   . PHE A 1 35  ? -0.450  7.265   5.352   1.00 7.28  ? 36  PHE A N   1 
ATOM   265  C CA  . PHE A 1 35  ? -0.097  5.853   5.377   1.00 6.92  ? 36  PHE A CA  1 
ATOM   266  C C   . PHE A 1 35  ? 0.548   5.466   6.715   1.00 5.76  ? 36  PHE A C   1 
ATOM   267  O O   . PHE A 1 35  ? 0.255   4.414   7.271   1.00 7.04  ? 36  PHE A O   1 
ATOM   268  C CB  . PHE A 1 35  ? 0.875   5.559   4.231   1.00 5.59  ? 36  PHE A CB  1 
ATOM   269  C CG  . PHE A 1 35  ? 1.126   4.090   3.996   1.00 5.65  ? 36  PHE A CG  1 
ATOM   270  C CD1 . PHE A 1 35  ? 0.372   3.389   3.071   1.00 5.78  ? 36  PHE A CD1 1 
ATOM   271  C CD2 . PHE A 1 35  ? 2.152   3.430   4.666   1.00 5.44  ? 36  PHE A CD2 1 
ATOM   272  C CE1 . PHE A 1 35  ? 0.614   2.040   2.828   1.00 4.49  ? 36  PHE A CE1 1 
ATOM   273  C CE2 . PHE A 1 35  ? 2.397   2.084   4.441   1.00 7.61  ? 36  PHE A CE2 1 
ATOM   274  C CZ  . PHE A 1 35  ? 1.625   1.385   3.517   1.00 6.90  ? 36  PHE A CZ  1 
ATOM   275  N N   . ARG A 1 36  ? 1.440   6.307   7.224   1.00 6.69  ? 37  ARG A N   1 
ATOM   276  C CA  . ARG A 1 36  ? 2.089   6.010   8.505   1.00 9.40  ? 37  ARG A CA  1 
ATOM   277  C C   . ARG A 1 36  ? 1.057   5.784   9.611   1.00 7.86  ? 37  ARG A C   1 
ATOM   278  O O   . ARG A 1 36  ? 1.093   4.770   10.314  1.00 7.64  ? 37  ARG A O   1 
ATOM   279  C CB  . ARG A 1 36  ? 3.045   7.133   8.925   1.00 8.45  ? 37  ARG A CB  1 
ATOM   280  C CG  . ARG A 1 36  ? 3.865   6.787   10.175  1.00 7.68  ? 37  ARG A CG  1 
ATOM   281  C CD  . ARG A 1 36  ? 4.384   8.036   10.901  1.00 11.71 ? 37  ARG A CD  1 
ATOM   282  N NE  . ARG A 1 36  ? 3.280   8.862   11.382  1.00 11.09 ? 37  ARG A NE  1 
ATOM   283  C CZ  . ARG A 1 36  ? 2.587   8.615   12.490  1.00 10.02 ? 37  ARG A CZ  1 
ATOM   284  N NH1 . ARG A 1 36  ? 2.884   7.565   13.250  1.00 7.70  ? 37  ARG A NH1 1 
ATOM   285  N NH2 . ARG A 1 36  ? 1.587   9.415   12.835  1.00 11.88 ? 37  ARG A NH2 1 
ATOM   286  N N   . ALA A 1 37  ? 0.147   6.739   9.772   1.00 7.60  ? 38  ALA A N   1 
ATOM   287  C CA  . ALA A 1 37  ? -0.854  6.660   10.835  1.00 7.62  ? 38  ALA A CA  1 
ATOM   288  C C   . ALA A 1 37  ? -1.817  5.494   10.666  1.00 7.85  ? 38  ALA A C   1 
ATOM   289  O O   . ALA A 1 37  ? -2.278  4.906   11.653  1.00 7.55  ? 38  ALA A O   1 
ATOM   290  C CB  . ALA A 1 37  ? -1.630  7.976   10.947  1.00 7.54  ? 38  ALA A CB  1 
ATOM   291  N N   . LEU A 1 38  ? -2.148  5.167   9.421   1.00 6.91  ? 39  LEU A N   1 
ATOM   292  C CA  . LEU A 1 38  ? -3.042  4.056   9.169   1.00 6.55  ? 39  LEU A CA  1 
ATOM   293  C C   . LEU A 1 38  ? -2.301  2.754   9.455   1.00 7.37  ? 39  LEU A C   1 
ATOM   294  O O   . LEU A 1 38  ? -2.915  1.746   9.813   1.00 7.68  ? 39  LEU A O   1 
ATOM   295  C CB  . LEU A 1 38  ? -3.565  4.082   7.723   1.00 7.37  ? 39  LEU A CB  1 
ATOM   296  C CG  . LEU A 1 38  ? -4.474  5.261   7.376   1.00 7.06  ? 39  LEU A CG  1 
ATOM   297  C CD1 . LEU A 1 38  ? -4.747  5.313   5.858   1.00 7.63  ? 39  LEU A CD1 1 
ATOM   298  C CD2 . LEU A 1 38  ? -5.789  5.220   8.171   1.00 7.03  ? 39  LEU A CD2 1 
ATOM   299  N N   . SER A 1 39  ? -0.978  2.782   9.316   1.00 5.20  ? 40  SER A N   1 
ATOM   300  C CA  . SER A 1 39  ? -0.163  1.608   9.618   1.00 6.34  ? 40  SER A CA  1 
ATOM   301  C C   . SER A 1 39  ? -0.011  1.356   11.127  1.00 8.21  ? 40  SER A C   1 
ATOM   302  O O   . SER A 1 39  ? 0.096   0.206   11.546  1.00 10.04 ? 40  SER A O   1 
ATOM   303  C CB  . SER A 1 39  ? 1.215   1.697   8.941   1.00 7.31  ? 40  SER A CB  1 
ATOM   304  O OG  . SER A 1 39  ? 1.104   1.564   7.526   1.00 7.67  ? 40  SER A OG  1 
ATOM   305  N N   . THR A 1 40  ? 0.015   2.417   11.938  1.00 5.30  ? 41  THR A N   1 
ATOM   306  C CA  . THR A 1 40  ? 0.103   2.229   13.388  1.00 8.13  ? 41  THR A CA  1 
ATOM   307  C C   . THR A 1 40  ? -1.261  1.949   14.018  1.00 9.99  ? 41  THR A C   1 
ATOM   308  O O   . THR A 1 40  ? -1.341  1.375   15.102  1.00 9.28  ? 41  THR A O   1 
ATOM   309  C CB  . THR A 1 40  ? 0.714   3.445   14.129  1.00 7.47  ? 41  THR A CB  1 
ATOM   310  O OG1 . THR A 1 40  ? -0.153  4.572   13.989  1.00 8.40  ? 41  THR A OG1 1 
ATOM   311  C CG2 . THR A 1 40  ? 2.083   3.791   13.583  1.00 7.22  ? 41  THR A CG2 1 
ATOM   312  N N   . GLY A 1 41  ? -2.333  2.363   13.349  1.00 6.59  ? 42  GLY A N   1 
ATOM   313  C CA  . GLY A 1 41  ? -3.667  2.223   13.909  1.00 7.44  ? 42  GLY A CA  1 
ATOM   314  C C   . GLY A 1 41  ? -3.986  3.266   14.975  1.00 8.36  ? 42  GLY A C   1 
ATOM   315  O O   . GLY A 1 41  ? -5.045  3.219   15.601  1.00 8.12  ? 42  GLY A O   1 
ATOM   316  N N   . GLU A 1 42  ? -3.080  4.225   15.148  1.00 7.75  ? 43  GLU A N   1 
ATOM   317  C CA  . GLU A 1 42  ? -3.133  5.185   16.253  1.00 11.27 ? 43  GLU A CA  1 
ATOM   318  C C   . GLU A 1 42  ? -4.411  6.032   16.362  1.00 10.94 ? 43  GLU A C   1 
ATOM   319  O O   . GLU A 1 42  ? -4.756  6.493   17.460  1.00 8.93  ? 43  GLU A O   1 
ATOM   320  C CB  . GLU A 1 42  ? -1.905  6.103   16.219  1.00 8.68  ? 43  GLU A CB  1 
ATOM   321  C CG  . GLU A 1 42  ? -1.859  7.073   15.039  1.00 9.08  ? 43  GLU A CG  1 
ATOM   322  C CD  . GLU A 1 42  ? -0.481  7.704   14.865  1.00 11.15 ? 43  GLU A CD  1 
ATOM   323  O OE1 . GLU A 1 42  ? 0.515   6.954   14.751  1.00 9.58  ? 43  GLU A OE1 1 
ATOM   324  O OE2 . GLU A 1 42  ? -0.395  8.946   14.843  1.00 10.87 ? 43  GLU A OE2 1 
ATOM   325  N N   . LYS A 1 43  ? -5.092  6.251   15.236  1.00 10.55 ? 44  LYS A N   1 
ATOM   326  C CA  . LYS A 1 43  ? -6.348  7.012   15.232  1.00 10.80 ? 44  LYS A CA  1 
ATOM   327  C C   . LYS A 1 43  ? -7.574  6.163   15.564  1.00 11.85 ? 44  LYS A C   1 
ATOM   328  O O   . LYS A 1 43  ? -8.677  6.693   15.669  1.00 12.68 ? 44  LYS A O   1 
ATOM   329  C CB  . LYS A 1 43  ? -6.587  7.687   13.872  1.00 11.62 ? 44  LYS A CB  1 
ATOM   330  C CG  . LYS A 1 43  ? -5.406  8.456   13.300  1.00 18.28 ? 44  LYS A CG  1 
ATOM   331  C CD  . LYS A 1 43  ? -5.215  9.791   13.976  1.00 21.83 ? 44  LYS A CD  1 
ATOM   332  C CE  . LYS A 1 43  ? -4.178  10.627  13.230  1.00 28.20 ? 44  LYS A CE  1 
ATOM   333  N NZ  . LYS A 1 43  ? -3.913  11.925  13.918  1.00 27.84 ? 44  LYS A NZ  1 
ATOM   334  N N   . GLY A 1 44  ? -7.404  4.848   15.690  1.00 10.40 ? 45  GLY A N   1 
ATOM   335  C CA  . GLY A 1 44  ? -8.535  3.963   15.950  1.00 11.88 ? 45  GLY A CA  1 
ATOM   336  C C   . GLY A 1 44  ? -9.083  3.256   14.715  1.00 13.22 ? 45  GLY A C   1 
ATOM   337  O O   . GLY A 1 44  ? -10.111 2.587   14.764  1.00 10.19 ? 45  GLY A O   1 
ATOM   338  N N   . PHE A 1 45  ? -8.389  3.410   13.598  1.00 11.62 ? 46  PHE A N   1 
ATOM   339  C CA  . PHE A 1 45  ? -8.734  2.697   12.381  1.00 11.11 ? 46  PHE A CA  1 
ATOM   340  C C   . PHE A 1 45  ? -7.468  2.598   11.529  1.00 9.23  ? 46  PHE A C   1 
ATOM   341  O O   . PHE A 1 45  ? -6.511  3.318   11.763  1.00 10.17 ? 46  PHE A O   1 
ATOM   342  C CB  . PHE A 1 45  ? -9.870  3.415   11.627  1.00 8.00  ? 46  PHE A CB  1 
ATOM   343  C CG  . PHE A 1 45  ? -9.585  4.872   11.329  1.00 11.36 ? 46  PHE A CG  1 
ATOM   344  C CD1 . PHE A 1 45  ? -10.021 5.870   12.191  1.00 13.62 ? 46  PHE A CD1 1 
ATOM   345  C CD2 . PHE A 1 45  ? -8.872  5.244   10.193  1.00 12.30 ? 46  PHE A CD2 1 
ATOM   346  C CE1 . PHE A 1 45  ? -9.755  7.211   11.923  1.00 14.55 ? 46  PHE A CE1 1 
ATOM   347  C CE2 . PHE A 1 45  ? -8.603  6.572   9.921   1.00 11.63 ? 46  PHE A CE2 1 
ATOM   348  C CZ  . PHE A 1 45  ? -9.045  7.563   10.788  1.00 13.09 ? 46  PHE A CZ  1 
ATOM   349  N N   . GLY A 1 46  ? -7.453  1.697   10.556  1.00 12.04 ? 47  GLY A N   1 
ATOM   350  C CA  . GLY A 1 46  ? -6.294  1.564   9.695   1.00 10.07 ? 47  GLY A CA  1 
ATOM   351  C C   . GLY A 1 46  ? -6.173  0.172   9.106   1.00 9.76  ? 47  GLY A C   1 
ATOM   352  O O   . GLY A 1 46  ? -7.141  -0.580  9.089   1.00 9.04  ? 47  GLY A O   1 
ATOM   353  N N   . TYR A 1 47  ? -4.966  -0.167  8.664   1.00 6.25  ? 48  TYR A N   1 
ATOM   354  C CA  . TYR A 1 47  ? -4.718  -1.339  7.835   1.00 5.54  ? 48  TYR A CA  1 
ATOM   355  C C   . TYR A 1 47  ? -4.743  -2.689  8.541   1.00 9.78  ? 48  TYR A C   1 
ATOM   356  O O   . TYR A 1 47  ? -4.991  -3.713  7.893   1.00 8.07  ? 48  TYR A O   1 
ATOM   357  C CB  . TYR A 1 47  ? -3.368  -1.177  7.108   1.00 9.20  ? 48  TYR A CB  1 
ATOM   358  C CG  . TYR A 1 47  ? -3.289  0.013   6.166   1.00 7.85  ? 48  TYR A CG  1 
ATOM   359  C CD1 . TYR A 1 47  ? -4.337  0.308   5.298   1.00 8.31  ? 48  TYR A CD1 1 
ATOM   360  C CD2 . TYR A 1 47  ? -2.159  0.837   6.140   1.00 5.29  ? 48  TYR A CD2 1 
ATOM   361  C CE1 . TYR A 1 47  ? -4.271  1.391   4.429   1.00 6.92  ? 48  TYR A CE1 1 
ATOM   362  C CE2 . TYR A 1 47  ? -2.080  1.925   5.266   1.00 6.19  ? 48  TYR A CE2 1 
ATOM   363  C CZ  . TYR A 1 47  ? -3.142  2.196   4.419   1.00 6.97  ? 48  TYR A CZ  1 
ATOM   364  O OH  . TYR A 1 47  ? -3.082  3.272   3.563   1.00 5.83  ? 48  TYR A OH  1 
ATOM   365  N N   . LYS A 1 48  ? -4.473  -2.718  9.847   1.00 8.44  ? 49  LYS A N   1 
ATOM   366  C CA  . LYS A 1 48  ? -4.403  -4.009  10.538  1.00 8.48  ? 49  LYS A CA  1 
ATOM   367  C C   . LYS A 1 48  ? -5.674  -4.820  10.281  1.00 11.02 ? 49  LYS A C   1 
ATOM   368  O O   . LYS A 1 48  ? -6.785  -4.317  10.455  1.00 12.02 ? 49  LYS A O   1 
ATOM   369  C CB  . LYS A 1 48  ? -4.192  -3.851  12.044  1.00 11.77 ? 49  LYS A CB  1 
ATOM   370  C CG  . LYS A 1 48  ? -3.990  -5.199  12.750  1.00 11.01 ? 49  LYS A CG  1 
ATOM   371  C CD  . LYS A 1 48  ? -3.629  -5.040  14.222  1.00 13.52 ? 49  LYS A CD  1 
ATOM   372  C CE  . LYS A 1 48  ? -3.454  -6.413  14.880  1.00 16.64 ? 49  LYS A CE  1 
ATOM   373  N NZ  . LYS A 1 48  ? -3.199  -6.324  16.344  1.00 20.80 ? 49  LYS A NZ  1 
ATOM   374  N N   . GLY A 1 49  ? -5.502  -6.063  9.849   1.00 9.47  ? 50  GLY A N   1 
ATOM   375  C CA  . GLY A 1 49  ? -6.622  -6.956  9.617   1.00 9.15  ? 50  GLY A CA  1 
ATOM   376  C C   . GLY A 1 49  ? -7.245  -6.815  8.238   1.00 16.30 ? 50  GLY A C   1 
ATOM   377  O O   . GLY A 1 49  ? -8.138  -7.585  7.878   1.00 15.49 ? 50  GLY A O   1 
ATOM   378  N N   . SER A 1 50  ? -6.786  -5.834  7.462   1.00 9.92  ? 51  SER A N   1 
ATOM   379  C CA  . SER A 1 50  ? -7.331  -5.631  6.118   1.00 11.62 ? 51  SER A CA  1 
ATOM   380  C C   . SER A 1 50  ? -6.658  -6.566  5.117   1.00 11.25 ? 51  SER A C   1 
ATOM   381  O O   . SER A 1 50  ? -5.681  -7.238  5.447   1.00 9.88  ? 51  SER A O   1 
ATOM   382  C CB  . SER A 1 50  ? -7.189  -4.170  5.680   1.00 10.96 ? 51  SER A CB  1 
ATOM   383  O OG  . SER A 1 50  ? -5.829  -3.824  5.482   1.00 8.64  ? 51  SER A OG  1 
ATOM   384  N N   . CYS A 1 51  ? -7.180  -6.610  3.892   1.00 11.00 ? 52  CYS A N   1 
ATOM   385  C CA  . CYS A 1 51  ? -6.711  -7.583  2.920   1.00 9.71  ? 52  CYS A CA  1 
ATOM   386  C C   . CYS A 1 51  ? -6.198  -6.895  1.652   1.00 11.55 ? 52  CYS A C   1 
ATOM   387  O O   . CYS A 1 51  ? -6.505  -5.727  1.403   1.00 13.45 ? 52  CYS A O   1 
ATOM   388  C CB  . CYS A 1 51  ? -7.838  -8.569  2.584   1.00 16.00 ? 52  CYS A CB  1 
ATOM   389  S SG  . CYS A 1 51  ? -9.096  -7.933  1.404   1.00 24.29 ? 52  CYS A SG  1 
ATOM   390  N N   . PHE A 1 52  ? -5.396  -7.608  0.870   1.00 7.83  ? 53  PHE A N   1 
ATOM   391  C CA  . PHE A 1 52  ? -5.023  -7.141  -0.458  1.00 8.35  ? 53  PHE A CA  1 
ATOM   392  C C   . PHE A 1 52  ? -6.070  -7.696  -1.412  1.00 11.59 ? 53  PHE A C   1 
ATOM   393  O O   . PHE A 1 52  ? -6.120  -8.907  -1.666  1.00 12.67 ? 53  PHE A O   1 
ATOM   394  C CB  . PHE A 1 52  ? -3.627  -7.629  -0.857  1.00 8.28  ? 53  PHE A CB  1 
ATOM   395  C CG  . PHE A 1 52  ? -2.503  -6.823  -0.264  1.00 9.59  ? 53  PHE A CG  1 
ATOM   396  C CD1 . PHE A 1 52  ? -2.029  -7.096  1.017   1.00 10.58 ? 53  PHE A CD1 1 
ATOM   397  C CD2 . PHE A 1 52  ? -1.911  -5.797  -0.991  1.00 8.03  ? 53  PHE A CD2 1 
ATOM   398  C CE1 . PHE A 1 52  ? -0.994  -6.352  1.566   1.00 10.09 ? 53  PHE A CE1 1 
ATOM   399  C CE2 . PHE A 1 52  ? -0.872  -5.050  -0.455  1.00 10.50 ? 53  PHE A CE2 1 
ATOM   400  C CZ  . PHE A 1 52  ? -0.410  -5.326  0.825   1.00 9.53  ? 53  PHE A CZ  1 
ATOM   401  N N   . HIS A 1 53  ? -6.927  -6.817  -1.914  1.00 9.86  ? 54  HIS A N   1 
ATOM   402  C CA  . HIS A 1 53  ? -8.095  -7.251  -2.673  1.00 11.92 ? 54  HIS A CA  1 
ATOM   403  C C   . HIS A 1 53  ? -7.794  -7.505  -4.153  1.00 16.02 ? 54  HIS A C   1 
ATOM   404  O O   . HIS A 1 53  ? -8.560  -8.172  -4.849  1.00 12.04 ? 54  HIS A O   1 
ATOM   405  C CB  . HIS A 1 53  ? -9.246  -6.254  -2.505  1.00 11.80 ? 54  HIS A CB  1 
ATOM   406  C CG  . HIS A 1 53  ? -8.933  -4.873  -2.991  1.00 11.23 ? 54  HIS A CG  1 
ATOM   407  N ND1 . HIS A 1 53  ? -8.263  -3.947  -2.225  1.00 8.68  ? 54  HIS A ND1 1 
ATOM   408  C CD2 . HIS A 1 53  ? -9.217  -4.263  -4.169  1.00 8.68  ? 54  HIS A CD2 1 
ATOM   409  C CE1 . HIS A 1 53  ? -8.139  -2.819  -2.910  1.00 9.73  ? 54  HIS A CE1 1 
ATOM   410  N NE2 . HIS A 1 53  ? -8.710  -2.984  -4.087  1.00 10.09 ? 54  HIS A NE2 1 
ATOM   411  N N   . ARG A 1 54  ? -6.671  -6.984  -4.633  1.00 9.75  ? 55  ARG A N   1 
ATOM   412  C CA  . ARG A 1 54  ? -6.324  -7.161  -6.027  1.00 11.51 ? 55  ARG A CA  1 
ATOM   413  C C   . ARG A 1 54  ? -4.829  -7.406  -6.164  1.00 11.94 ? 55  ARG A C   1 
ATOM   414  O O   . ARG A 1 54  ? -4.018  -6.561  -5.796  1.00 10.52 ? 55  ARG A O   1 
ATOM   415  C CB  . ARG A 1 54  ? -6.752  -5.940  -6.854  1.00 13.25 ? 55  ARG A CB  1 
ATOM   416  C CG  . ARG A 1 54  ? -6.587  -6.163  -8.357  1.00 16.10 ? 55  ARG A CG  1 
ATOM   417  C CD  . ARG A 1 54  ? -7.131  -5.005  -9.179  1.00 13.83 ? 55  ARG A CD  1 
ATOM   418  N NE  . ARG A 1 54  ? -8.531  -4.726  -8.877  1.00 13.52 ? 55  ARG A NE  1 
ATOM   419  C CZ  . ARG A 1 54  ? -8.963  -3.580  -8.360  1.00 18.59 ? 55  ARG A CZ  1 
ATOM   420  N NH1 . ARG A 1 54  ? -8.100  -2.612  -8.104  1.00 16.28 ? 55  ARG A NH1 1 
ATOM   421  N NH2 . ARG A 1 54  ? -10.252 -3.397  -8.104  1.00 19.91 ? 55  ARG A NH2 1 
ATOM   422  N N   . ILE A 1 55  ? -4.471  -8.577  -6.672  1.00 9.66  ? 56  ILE A N   1 
ATOM   423  C CA  . ILE A 1 55  ? -3.068  -8.909  -6.891  1.00 9.54  ? 56  ILE A CA  1 
ATOM   424  C C   . ILE A 1 55  ? -2.912  -9.408  -8.315  1.00 12.11 ? 56  ILE A C   1 
ATOM   425  O O   . ILE A 1 55  ? -3.462  -10.448 -8.688  1.00 12.13 ? 56  ILE A O   1 
ATOM   426  C CB  . ILE A 1 55  ? -2.571  -9.996  -5.916  1.00 5.44  ? 56  ILE A CB  1 
ATOM   427  C CG1 . ILE A 1 55  ? -2.630  -9.493  -4.469  1.00 9.54  ? 56  ILE A CG1 1 
ATOM   428  C CG2 . ILE A 1 55  ? -1.147  -10.409 -6.270  1.00 9.37  ? 56  ILE A CG2 1 
ATOM   429  C CD1 . ILE A 1 55  ? -2.137  -10.520 -3.459  1.00 13.59 ? 56  ILE A CD1 1 
ATOM   430  N N   . ILE A 1 56  ? -2.163  -8.654  -9.108  1.00 9.54  ? 57  ILE A N   1 
ATOM   431  C CA  . ILE A 1 56  ? -1.949  -8.987  -10.510 1.00 8.53  ? 57  ILE A CA  1 
ATOM   432  C C   . ILE A 1 56  ? -0.468  -9.271  -10.710 1.00 10.90 ? 57  ILE A C   1 
ATOM   433  O O   . ILE A 1 56  ? 0.367   -8.354  -10.662 1.00 10.64 ? 57  ILE A O   1 
ATOM   434  C CB  . ILE A 1 56  ? -2.442  -7.850  -11.442 1.00 11.61 ? 57  ILE A CB  1 
ATOM   435  C CG1 . ILE A 1 56  ? -3.946  -7.631  -11.249 1.00 11.71 ? 57  ILE A CG1 1 
ATOM   436  C CG2 . ILE A 1 56  ? -2.107  -8.166  -12.932 1.00 14.90 ? 57  ILE A CG2 1 
ATOM   437  C CD1 . ILE A 1 56  ? -4.530  -6.498  -12.067 1.00 16.33 ? 57  ILE A CD1 1 
ATOM   438  N N   . PRO A 1 57  ? -0.127  -10.555 -10.890 1.00 14.33 ? 58  PRO A N   1 
ATOM   439  C CA  . PRO A 1 57  ? 1.279   -10.937 -11.048 1.00 12.27 ? 58  PRO A CA  1 
ATOM   440  C C   . PRO A 1 57  ? 1.935   -10.138 -12.168 1.00 13.69 ? 58  PRO A C   1 
ATOM   441  O O   . PRO A 1 57  ? 1.345   -9.987  -13.233 1.00 13.09 ? 58  PRO A O   1 
ATOM   442  C CB  . PRO A 1 57  ? 1.198   -12.422 -11.420 1.00 12.19 ? 58  PRO A CB  1 
ATOM   443  C CG  . PRO A 1 57  ? -0.065  -12.900 -10.756 1.00 11.45 ? 58  PRO A CG  1 
ATOM   444  C CD  . PRO A 1 57  ? -1.026  -11.726 -10.857 1.00 13.44 ? 58  PRO A CD  1 
ATOM   445  N N   . GLY A 1 58  ? 3.135   -9.625  -11.918 1.00 15.46 ? 59  GLY A N   1 
ATOM   446  C CA  . GLY A 1 58  ? 3.874   -8.865  -12.916 1.00 19.67 ? 59  GLY A CA  1 
ATOM   447  C C   . GLY A 1 58  ? 3.548   -7.381  -12.961 1.00 14.87 ? 59  GLY A C   1 
ATOM   448  O O   . GLY A 1 58  ? 4.159   -6.635  -13.724 1.00 16.17 ? 59  GLY A O   1 
ATOM   449  N N   . PHE A 1 59  ? 2.598   -6.946  -12.134 1.00 12.23 ? 60  PHE A N   1 
ATOM   450  C CA  . PHE A 1 59  ? 2.157   -5.552  -12.141 1.00 9.45  ? 60  PHE A CA  1 
ATOM   451  C C   . PHE A 1 59  ? 2.211   -4.944  -10.732 1.00 9.76  ? 60  PHE A C   1 
ATOM   452  O O   . PHE A 1 59  ? 3.107   -4.151  -10.418 1.00 9.41  ? 60  PHE A O   1 
ATOM   453  C CB  . PHE A 1 59  ? 0.735   -5.474  -12.719 1.00 8.52  ? 60  PHE A CB  1 
ATOM   454  C CG  . PHE A 1 59  ? 0.221   -4.078  -12.920 1.00 11.37 ? 60  PHE A CG  1 
ATOM   455  C CD1 . PHE A 1 59  ? 1.092   -3.006  -13.086 1.00 9.22  ? 60  PHE A CD1 1 
ATOM   456  C CD2 . PHE A 1 59  ? -1.148  -3.838  -12.951 1.00 10.44 ? 60  PHE A CD2 1 
ATOM   457  C CE1 . PHE A 1 59  ? 0.599   -1.713  -13.277 1.00 11.59 ? 60  PHE A CE1 1 
ATOM   458  C CE2 . PHE A 1 59  ? -1.646  -2.552  -13.145 1.00 6.57  ? 60  PHE A CE2 1 
ATOM   459  C CZ  . PHE A 1 59  ? -0.773  -1.488  -13.304 1.00 7.43  ? 60  PHE A CZ  1 
ATOM   460  N N   . MET A 1 60  ? 1.257   -5.316  -9.881  1.00 9.13  ? 61  MET A N   1 
ATOM   461  C CA  . MET A 1 60  ? 1.193   -4.752  -8.530  1.00 8.39  ? 61  MET A CA  1 
ATOM   462  C C   . MET A 1 60  ? 0.251   -5.500  -7.592  1.00 8.57  ? 61  MET A C   1 
ATOM   463  O O   . MET A 1 60  ? -0.584  -6.292  -8.039  1.00 7.59  ? 61  MET A O   1 
ATOM   464  C CB  . MET A 1 60  ? 0.785   -3.275  -8.590  1.00 8.25  ? 61  MET A CB  1 
ATOM   465  C CG  . MET A 1 60  ? -0.565  -3.022  -9.245  1.00 7.99  ? 61  MET A CG  1 
ATOM   466  S SD  . MET A 1 60  ? -1.931  -3.151  -8.063  1.00 12.39 ? 61  MET A SD  1 
ATOM   467  C CE  . MET A 1 60  ? -2.984  -4.366  -8.852  1.00 9.33  ? 61  MET A CE  1 
ATOM   468  N N   . CYS A 1 61  ? 0.412   -5.240  -6.289  1.00 5.02  ? 62  CYS A N   1 
ATOM   469  C CA  . CYS A 1 61  ? -0.512  -5.700  -5.260  1.00 6.60  ? 62  CYS A CA  1 
ATOM   470  C C   . CYS A 1 61  ? -1.201  -4.484  -4.645  1.00 9.87  ? 62  CYS A C   1 
ATOM   471  O O   . CYS A 1 61  ? -0.528  -3.568  -4.164  1.00 7.65  ? 62  CYS A O   1 
ATOM   472  C CB  . CYS A 1 61  ? 0.239   -6.436  -4.147  1.00 5.11  ? 62  CYS A CB  1 
ATOM   473  S SG  . CYS A 1 61  ? 1.207   -7.877  -4.659  1.00 10.71 ? 62  CYS A SG  1 
ATOM   474  N N   . GLN A 1 62  ? -2.535  -4.479  -4.643  1.00 9.21  ? 63  GLN A N   1 
ATOM   475  C CA  . GLN A 1 62  ? -3.299  -3.338  -4.133  1.00 6.00  ? 63  GLN A CA  1 
ATOM   476  C C   . GLN A 1 62  ? -4.084  -3.667  -2.866  1.00 9.28  ? 63  GLN A C   1 
ATOM   477  O O   . GLN A 1 62  ? -4.713  -4.725  -2.772  1.00 9.22  ? 63  GLN A O   1 
ATOM   478  C CB  . GLN A 1 62  ? -4.255  -2.836  -5.218  1.00 7.17  ? 63  GLN A CB  1 
ATOM   479  C CG  . GLN A 1 62  ? -5.123  -1.648  -4.803  1.00 7.59  ? 63  GLN A CG  1 
ATOM   480  C CD  . GLN A 1 62  ? -5.959  -1.126  -5.964  1.00 9.34  ? 63  GLN A CD  1 
ATOM   481  O OE1 . GLN A 1 62  ? -5.754  -1.529  -7.102  1.00 10.64 ? 63  GLN A OE1 1 
ATOM   482  N NE2 . GLN A 1 62  ? -6.909  -0.237  -5.678  1.00 7.72  ? 63  GLN A NE2 1 
ATOM   483  N N   . GLY A 1 63  ? -4.051  -2.759  -1.892  1.00 8.77  ? 64  GLY A N   1 
ATOM   484  C CA  . GLY A 1 63  ? -4.767  -2.963  -0.647  1.00 6.84  ? 64  GLY A CA  1 
ATOM   485  C C   . GLY A 1 63  ? -5.320  -1.674  -0.077  1.00 10.09 ? 64  GLY A C   1 
ATOM   486  O O   . GLY A 1 63  ? -5.438  -0.670  -0.784  1.00 7.15  ? 64  GLY A O   1 
ATOM   487  N N   . GLY A 1 64  ? -5.662  -1.707  1.205   1.00 7.37  ? 65  GLY A N   1 
ATOM   488  C CA  . GLY A 1 64  ? -5.989  -0.503  1.943   1.00 6.76  ? 65  GLY A CA  1 
ATOM   489  C C   . GLY A 1 64  ? -7.462  -0.223  2.160   1.00 8.39  ? 65  GLY A C   1 
ATOM   490  O O   . GLY A 1 64  ? -7.819  0.799   2.775   1.00 7.99  ? 65  GLY A O   1 
ATOM   491  N N   . ASP A 1 65  ? -8.331  -1.094  1.647   1.00 7.80  ? 66  ASP A N   1 
ATOM   492  C CA  . ASP A 1 65  ? -9.762  -0.892  1.877   1.00 12.15 ? 66  ASP A CA  1 
ATOM   493  C C   . ASP A 1 65  ? -10.129 -1.542  3.182   1.00 9.65  ? 66  ASP A C   1 
ATOM   494  O O   . ASP A 1 65  ? -10.552 -2.696  3.204   1.00 10.76 ? 66  ASP A O   1 
ATOM   495  C CB  . ASP A 1 65  ? -10.629 -1.483  0.765   1.00 12.23 ? 66  ASP A CB  1 
ATOM   496  C CG  . ASP A 1 65  ? -12.124 -1.261  1.013   1.00 12.67 ? 66  ASP A CG  1 
ATOM   497  O OD1 . ASP A 1 65  ? -12.498 -0.827  2.129   1.00 9.50  ? 66  ASP A OD1 1 
ATOM   498  O OD2 . ASP A 1 65  ? -12.928 -1.523  0.098   1.00 10.43 ? 66  ASP A OD2 1 
ATOM   499  N N   . PHE A 1 66  ? -9.975  -0.797  4.267   1.00 10.61 ? 67  PHE A N   1 
ATOM   500  C CA  . PHE A 1 66  ? -10.245 -1.352  5.586   1.00 11.71 ? 67  PHE A CA  1 
ATOM   501  C C   . PHE A 1 66  ? -11.680 -1.122  6.046   1.00 14.01 ? 67  PHE A C   1 
ATOM   502  O O   . PHE A 1 66  ? -12.053 -1.542  7.144   1.00 11.82 ? 67  PHE A O   1 
ATOM   503  C CB  . PHE A 1 66  ? -9.249  -0.825  6.631   1.00 9.79  ? 67  PHE A CB  1 
ATOM   504  C CG  . PHE A 1 66  ? -9.225  0.667   6.762   1.00 9.16  ? 67  PHE A CG  1 
ATOM   505  C CD1 . PHE A 1 66  ? -10.161 1.325   7.542   1.00 10.78 ? 67  PHE A CD1 1 
ATOM   506  C CD2 . PHE A 1 66  ? -8.236  1.414   6.145   1.00 8.98  ? 67  PHE A CD2 1 
ATOM   507  C CE1 . PHE A 1 66  ? -10.123 2.700   7.677   1.00 10.49 ? 67  PHE A CE1 1 
ATOM   508  C CE2 . PHE A 1 66  ? -8.195  2.781   6.275   1.00 8.91  ? 67  PHE A CE2 1 
ATOM   509  C CZ  . PHE A 1 66  ? -9.134  3.428   7.039   1.00 9.78  ? 67  PHE A CZ  1 
ATOM   510  N N   . THR A 1 67  ? -12.485 -0.463  5.214   1.00 10.17 ? 68  THR A N   1 
ATOM   511  C CA  . THR A 1 67  ? -13.873 -0.190  5.600   1.00 12.71 ? 68  THR A CA  1 
ATOM   512  C C   . THR A 1 67  ? -14.876 -1.163  4.974   1.00 14.43 ? 68  THR A C   1 
ATOM   513  O O   . THR A 1 67  ? -15.800 -1.612  5.642   1.00 15.53 ? 68  THR A O   1 
ATOM   514  C CB  . THR A 1 67  ? -14.280 1.265   5.296   1.00 13.63 ? 68  THR A CB  1 
ATOM   515  O OG1 . THR A 1 67  ? -14.220 1.496   3.884   1.00 12.12 ? 68  THR A OG1 1 
ATOM   516  C CG2 . THR A 1 67  ? -13.349 2.232   6.015   1.00 14.02 ? 68  THR A CG2 1 
ATOM   517  N N   . ARG A 1 68  ? -14.687 -1.501  3.704   1.00 11.08 ? 69  ARG A N   1 
ATOM   518  C CA  . ARG A 1 68  ? -15.627 -2.377  3.012   1.00 12.90 ? 69  ARG A CA  1 
ATOM   519  C C   . ARG A 1 68  ? -14.981 -3.705  2.614   1.00 11.90 ? 69  ARG A C   1 
ATOM   520  O O   . ARG A 1 68  ? -15.675 -4.696  2.370   1.00 13.24 ? 69  ARG A O   1 
ATOM   521  C CB  . ARG A 1 68  ? -16.224 -1.657  1.795   1.00 12.48 ? 69  ARG A CB  1 
ATOM   522  C CG  . ARG A 1 68  ? -17.165 -2.498  0.939   1.00 14.75 ? 69  ARG A CG  1 
ATOM   523  C CD  . ARG A 1 68  ? -18.399 -2.964  1.703   1.00 16.84 ? 69  ARG A CD  1 
ATOM   524  N NE  . ARG A 1 68  ? -19.317 -3.654  0.798   1.00 15.14 ? 69  ARG A NE  1 
ATOM   525  C CZ  . ARG A 1 68  ? -19.180 -4.922  0.420   1.00 19.23 ? 69  ARG A CZ  1 
ATOM   526  N NH1 . ARG A 1 68  ? -18.170 -5.652  0.888   1.00 16.33 ? 69  ARG A NH1 1 
ATOM   527  N NH2 . ARG A 1 68  ? -20.056 -5.461  -0.424  1.00 17.67 ? 69  ARG A NH2 1 
ATOM   528  N N   . HIS A 1 69  ? -13.652 -3.719  2.560   1.00 12.05 ? 70  HIS A N   1 
ATOM   529  C CA  . HIS A 1 69  ? -12.874 -4.939  2.311   1.00 11.23 ? 70  HIS A CA  1 
ATOM   530  C C   . HIS A 1 69  ? -13.057 -5.551  0.922   1.00 13.55 ? 70  HIS A C   1 
ATOM   531  O O   . HIS A 1 69  ? -12.804 -6.741  0.725   1.00 18.96 ? 70  HIS A O   1 
ATOM   532  C CB  . HIS A 1 69  ? -13.164 -5.993  3.380   1.00 14.27 ? 70  HIS A CB  1 
ATOM   533  C CG  . HIS A 1 69  ? -12.990 -5.492  4.776   1.00 13.96 ? 70  HIS A CG  1 
ATOM   534  N ND1 . HIS A 1 69  ? -11.789 -5.569  5.453   1.00 17.48 ? 70  HIS A ND1 1 
ATOM   535  C CD2 . HIS A 1 69  ? -13.858 -4.896  5.628   1.00 17.42 ? 70  HIS A CD2 1 
ATOM   536  C CE1 . HIS A 1 69  ? -11.929 -5.044  6.655   1.00 14.78 ? 70  HIS A CE1 1 
ATOM   537  N NE2 . HIS A 1 69  ? -13.177 -4.627  6.786   1.00 15.51 ? 70  HIS A NE2 1 
ATOM   538  N N   . ASN A 1 70  ? -13.495 -4.753  -0.044  1.00 13.13 ? 71  ASN A N   1 
ATOM   539  C CA  . ASN A 1 70  ? -13.689 -5.279  -1.394  1.00 13.98 ? 71  ASN A CA  1 
ATOM   540  C C   . ASN A 1 70  ? -13.080 -4.395  -2.474  1.00 14.26 ? 71  ASN A C   1 
ATOM   541  O O   . ASN A 1 70  ? -13.170 -4.699  -3.669  1.00 14.19 ? 71  ASN A O   1 
ATOM   542  C CB  . ASN A 1 70  ? -15.175 -5.527  -1.686  1.00 13.82 ? 71  ASN A CB  1 
ATOM   543  C CG  . ASN A 1 70  ? -15.989 -4.239  -1.774  1.00 15.05 ? 71  ASN A CG  1 
ATOM   544  O OD1 . ASN A 1 70  ? -15.469 -3.133  -1.598  1.00 11.44 ? 71  ASN A OD1 1 
ATOM   545  N ND2 . ASN A 1 70  ? -17.277 -4.381  -2.063  1.00 14.48 ? 71  ASN A ND2 1 
ATOM   546  N N   . GLY A 1 71  ? -12.459 -3.300  -2.058  1.00 12.87 ? 72  GLY A N   1 
ATOM   547  C CA  . GLY A 1 71  ? -11.811 -2.423  -3.013  1.00 12.52 ? 72  GLY A CA  1 
ATOM   548  C C   . GLY A 1 71  ? -12.591 -1.159  -3.320  1.00 15.18 ? 72  GLY A C   1 
ATOM   549  O O   . GLY A 1 71  ? -12.118 -0.314  -4.078  1.00 16.46 ? 72  GLY A O   1 
ATOM   550  N N   . THR A 1 72  ? -13.772 -1.007  -2.725  1.00 10.51 ? 73  THR A N   1 
ATOM   551  C CA  . THR A 1 72  ? -14.566 0.193   -2.956  1.00 8.11  ? 73  THR A CA  1 
ATOM   552  C C   . THR A 1 72  ? -14.385 1.240   -1.866  1.00 16.41 ? 73  THR A C   1 
ATOM   553  O O   . THR A 1 72  ? -14.765 2.402   -2.048  1.00 15.51 ? 73  THR A O   1 
ATOM   554  C CB  . THR A 1 72  ? -16.080 -0.118  -3.052  1.00 15.76 ? 73  THR A CB  1 
ATOM   555  O OG1 . THR A 1 72  ? -16.537 -0.680  -1.813  1.00 12.23 ? 73  THR A OG1 1 
ATOM   556  C CG2 . THR A 1 72  ? -16.370 -1.083  -4.201  1.00 14.06 ? 73  THR A CG2 1 
ATOM   557  N N   . GLY A 1 73  ? -13.809 0.839   -0.735  1.00 14.54 ? 74  GLY A N   1 
ATOM   558  C CA  . GLY A 1 73  ? -13.793 1.693   0.440   1.00 11.42 ? 74  GLY A CA  1 
ATOM   559  C C   . GLY A 1 73  ? -12.435 2.225   0.859   1.00 13.61 ? 74  GLY A C   1 
ATOM   560  O O   . GLY A 1 73  ? -11.533 2.410   0.041   1.00 13.91 ? 74  GLY A O   1 
ATOM   561  N N   . GLY A 1 74  ? -12.300 2.469   2.156   1.00 14.68 ? 75  GLY A N   1 
ATOM   562  C CA  . GLY A 1 74  ? -11.098 3.052   2.719   1.00 12.60 ? 75  GLY A CA  1 
ATOM   563  C C   . GLY A 1 74  ? -11.354 4.510   3.044   1.00 13.18 ? 75  GLY A C   1 
ATOM   564  O O   . GLY A 1 74  ? -12.307 5.102   2.545   1.00 16.52 ? 75  GLY A O   1 
ATOM   565  N N   . LYS A 1 75  ? -10.515 5.099   3.885   1.00 12.15 ? 76  LYS A N   1 
ATOM   566  C CA  . LYS A 1 75  ? -10.662 6.515   4.206   1.00 11.71 ? 76  LYS A CA  1 
ATOM   567  C C   . LYS A 1 75  ? -9.354  7.042   4.730   1.00 12.88 ? 76  LYS A C   1 
ATOM   568  O O   . LYS A 1 75  ? -8.627  6.324   5.421   1.00 9.13  ? 76  LYS A O   1 
ATOM   569  C CB  . LYS A 1 75  ? -11.759 6.730   5.248   1.00 17.47 ? 76  LYS A CB  1 
ATOM   570  C CG  . LYS A 1 75  ? -11.437 6.182   6.628   1.00 15.20 ? 76  LYS A CG  1 
ATOM   571  C CD  . LYS A 1 75  ? -12.461 6.695   7.628   1.00 22.63 ? 76  LYS A CD  1 
ATOM   572  C CE  . LYS A 1 75  ? -12.278 6.069   8.993   1.00 22.39 ? 76  LYS A CE  1 
ATOM   573  N NZ  . LYS A 1 75  ? -13.205 6.674   9.986   1.00 25.29 ? 76  LYS A NZ  1 
ATOM   574  N N   . SER A 1 76  ? -9.052  8.293   4.400   1.00 9.62  ? 77  SER A N   1 
ATOM   575  C CA  . SER A 1 76  ? -7.812  8.902   4.834   1.00 8.76  ? 77  SER A CA  1 
ATOM   576  C C   . SER A 1 76  ? -7.952  9.322   6.285   1.00 12.00 ? 77  SER A C   1 
ATOM   577  O O   . SER A 1 76  ? -9.034  9.234   6.865   1.00 12.71 ? 77  SER A O   1 
ATOM   578  C CB  . SER A 1 76  ? -7.498  10.128  3.977   1.00 13.22 ? 77  SER A CB  1 
ATOM   579  O OG  . SER A 1 76  ? -8.257  11.242  4.412   1.00 11.94 ? 77  SER A OG  1 
ATOM   580  N N   . ILE A 1 77  ? -6.858  9.789   6.871   1.00 9.38  ? 78  ILE A N   1 
ATOM   581  C CA  . ILE A 1 77  ? -6.912  10.354  8.213   1.00 7.72  ? 78  ILE A CA  1 
ATOM   582  C C   . ILE A 1 77  ? -7.362  11.811  8.190   1.00 13.40 ? 78  ILE A C   1 
ATOM   583  O O   . ILE A 1 77  ? -7.394  12.454  9.235   1.00 13.67 ? 78  ILE A O   1 
ATOM   584  C CB  . ILE A 1 77  ? -5.529  10.302  8.905   1.00 11.15 ? 78  ILE A CB  1 
ATOM   585  C CG1 . ILE A 1 77  ? -4.514  11.146  8.135   1.00 8.59  ? 78  ILE A CG1 1 
ATOM   586  C CG2 . ILE A 1 77  ? -5.053  8.862   9.038   1.00 8.25  ? 78  ILE A CG2 1 
ATOM   587  C CD1 . ILE A 1 77  ? -3.199  11.358  8.863   1.00 10.53 ? 78  ILE A CD1 1 
ATOM   588  N N   . TYR A 1 78  ? -7.688  12.339  7.012   1.00 11.25 ? 79  TYR A N   1 
ATOM   589  C CA  . TYR A 1 78  ? -8.006  13.767  6.886   1.00 17.03 ? 79  TYR A CA  1 
ATOM   590  C C   . TYR A 1 78  ? -9.508  14.100  6.839   1.00 19.53 ? 79  TYR A C   1 
ATOM   591  O O   . TYR A 1 78  ? -9.888  15.239  6.567   1.00 17.70 ? 79  TYR A O   1 
ATOM   592  C CB  . TYR A 1 78  ? -7.267  14.390  5.690   1.00 11.47 ? 79  TYR A CB  1 
ATOM   593  C CG  . TYR A 1 78  ? -5.766  14.221  5.795   1.00 10.17 ? 79  TYR A CG  1 
ATOM   594  C CD1 . TYR A 1 78  ? -5.070  14.746  6.876   1.00 15.34 ? 79  TYR A CD1 1 
ATOM   595  C CD2 . TYR A 1 78  ? -5.051  13.512  4.837   1.00 11.17 ? 79  TYR A CD2 1 
ATOM   596  C CE1 . TYR A 1 78  ? -3.696  14.581  7.003   1.00 10.88 ? 79  TYR A CE1 1 
ATOM   597  C CE2 . TYR A 1 78  ? -3.676  13.340  4.951   1.00 9.96  ? 79  TYR A CE2 1 
ATOM   598  C CZ  . TYR A 1 78  ? -3.007  13.878  6.045   1.00 10.75 ? 79  TYR A CZ  1 
ATOM   599  O OH  . TYR A 1 78  ? -1.643  13.726  6.184   1.00 11.84 ? 79  TYR A OH  1 
ATOM   600  N N   . GLY A 1 79  ? -10.353 13.111  7.109   1.00 16.47 ? 80  GLY A N   1 
ATOM   601  C CA  . GLY A 1 79  ? -11.790 13.328  7.135   1.00 19.42 ? 80  GLY A CA  1 
ATOM   602  C C   . GLY A 1 79  ? -12.426 13.417  5.758   1.00 19.73 ? 80  GLY A C   1 
ATOM   603  O O   . GLY A 1 79  ? -13.647 13.486  5.636   1.00 21.16 ? 80  GLY A O   1 
ATOM   604  N N   . GLU A 1 80  ? -11.598 13.403  4.719   1.00 17.75 ? 81  GLU A N   1 
ATOM   605  C CA  . GLU A 1 80  ? -12.071 13.457  3.341   1.00 20.02 ? 81  GLU A CA  1 
ATOM   606  C C   . GLU A 1 80  ? -10.946 12.997  2.427   1.00 20.61 ? 81  GLU A C   1 
ATOM   607  O O   . GLU A 1 80  ? -9.784  12.978  2.835   1.00 19.19 ? 81  GLU A O   1 
ATOM   608  C CB  . GLU A 1 80  ? -12.455 14.894  2.974   1.00 20.35 ? 81  GLU A CB  1 
ATOM   609  C CG  . GLU A 1 80  ? -11.298 15.871  3.128   1.00 18.66 ? 81  GLU A CG  1 
ATOM   610  C CD  . GLU A 1 80  ? -11.621 17.264  2.618   1.00 35.50 ? 81  GLU A CD  1 
ATOM   611  O OE1 . GLU A 1 80  ? -12.783 17.507  2.223   1.00 40.81 ? 81  GLU A OE1 1 
ATOM   612  O OE2 . GLU A 1 80  ? -10.706 18.116  2.610   1.00 38.51 ? 81  GLU A OE2 1 
ATOM   613  N N   . LYS A 1 81  ? -11.274 12.633  1.190   1.00 15.87 ? 82  LYS A N   1 
ATOM   614  C CA  . LYS A 1 81  ? -10.226 12.323  0.217   1.00 16.20 ? 82  LYS A CA  1 
ATOM   615  C C   . LYS A 1 81  ? -9.322  13.549  0.091   1.00 19.75 ? 82  LYS A C   1 
ATOM   616  O O   . LYS A 1 81  ? -9.780  14.682  0.269   1.00 18.46 ? 82  LYS A O   1 
ATOM   617  C CB  . LYS A 1 81  ? -10.835 11.957  -1.137  1.00 14.70 ? 82  LYS A CB  1 
ATOM   618  C CG  . LYS A 1 81  ? -11.773 10.748  -1.096  1.00 17.41 ? 82  LYS A CG  1 
ATOM   619  C CD  . LYS A 1 81  ? -11.018 9.468   -0.751  1.00 19.07 ? 82  LYS A CD  1 
ATOM   620  C CE  . LYS A 1 81  ? -11.933 8.236   -0.738  1.00 27.47 ? 82  LYS A CE  1 
ATOM   621  N NZ  . LYS A 1 81  ? -12.658 8.061   0.560   1.00 29.47 ? 82  LYS A NZ  1 
ATOM   622  N N   . PHE A 1 82  ? -8.039  13.341  -0.186  1.00 15.50 ? 83  PHE A N   1 
ATOM   623  C CA  . PHE A 1 82  ? -7.122  14.485  -0.269  1.00 13.86 ? 83  PHE A CA  1 
ATOM   624  C C   . PHE A 1 82  ? -6.418  14.641  -1.615  1.00 13.48 ? 83  PHE A C   1 
ATOM   625  O O   . PHE A 1 82  ? -6.429  13.741  -2.454  1.00 14.48 ? 83  PHE A O   1 
ATOM   626  C CB  . PHE A 1 82  ? -6.129  14.520  0.908   1.00 12.69 ? 83  PHE A CB  1 
ATOM   627  C CG  . PHE A 1 82  ? -5.183  13.341  0.969   1.00 13.09 ? 83  PHE A CG  1 
ATOM   628  C CD1 . PHE A 1 82  ? -5.598  12.125  1.498   1.00 10.95 ? 83  PHE A CD1 1 
ATOM   629  C CD2 . PHE A 1 82  ? -3.863  13.464  0.535   1.00 15.93 ? 83  PHE A CD2 1 
ATOM   630  C CE1 . PHE A 1 82  ? -4.730  11.044  1.569   1.00 9.20  ? 83  PHE A CE1 1 
ATOM   631  C CE2 . PHE A 1 82  ? -2.981  12.382  0.605   1.00 10.96 ? 83  PHE A CE2 1 
ATOM   632  C CZ  . PHE A 1 82  ? -3.417  11.176  1.133   1.00 10.82 ? 83  PHE A CZ  1 
ATOM   633  N N   . GLU A 1 83  ? -5.814  15.803  -1.815  1.00 13.90 ? 84  GLU A N   1 
ATOM   634  C CA  . GLU A 1 83  ? -5.218  16.148  -3.096  1.00 12.82 ? 84  GLU A CA  1 
ATOM   635  C C   . GLU A 1 83  ? -4.000  15.295  -3.429  1.00 12.42 ? 84  GLU A C   1 
ATOM   636  O O   . GLU A 1 83  ? -3.354  14.737  -2.537  1.00 10.65 ? 84  GLU A O   1 
ATOM   637  C CB  . GLU A 1 83  ? -4.826  17.626  -3.102  1.00 17.64 ? 84  GLU A CB  1 
ATOM   638  C CG  . GLU A 1 83  ? -3.717  17.983  -2.110  1.00 21.25 ? 84  GLU A CG  1 
ATOM   639  C CD  . GLU A 1 83  ? -4.214  18.117  -0.667  1.00 36.26 ? 84  GLU A CD  1 
ATOM   640  O OE1 . GLU A 1 83  ? -5.410  17.839  -0.400  1.00 30.47 ? 84  GLU A OE1 1 
ATOM   641  O OE2 . GLU A 1 83  ? -3.400  18.509  0.204   1.00 36.94 ? 84  GLU A OE2 1 
ATOM   642  N N   . ASP A 1 84  ? -3.704  15.187  -4.722  1.00 8.80  ? 85  ASP A N   1 
ATOM   643  C CA  . ASP A 1 84  ? -2.425  14.654  -5.175  1.00 11.85 ? 85  ASP A CA  1 
ATOM   644  C C   . ASP A 1 84  ? -1.345  15.636  -4.754  1.00 15.30 ? 85  ASP A C   1 
ATOM   645  O O   . ASP A 1 84  ? -1.252  16.735  -5.303  1.00 14.47 ? 85  ASP A O   1 
ATOM   646  C CB  . ASP A 1 84  ? -2.421  14.489  -6.696  1.00 10.43 ? 85  ASP A CB  1 
ATOM   647  C CG  . ASP A 1 84  ? -3.414  13.445  -7.172  1.00 15.02 ? 85  ASP A CG  1 
ATOM   648  O OD1 . ASP A 1 84  ? -3.517  12.382  -6.515  1.00 12.64 ? 85  ASP A OD1 1 
ATOM   649  O OD2 . ASP A 1 84  ? -4.098  13.689  -8.194  1.00 12.03 ? 85  ASP A OD2 1 
ATOM   650  N N   . GLU A 1 85  ? -0.533  15.241  -3.778  1.00 11.86 ? 86  GLU A N   1 
ATOM   651  C CA  . GLU A 1 85  ? 0.419   16.148  -3.138  1.00 11.72 ? 86  GLU A CA  1 
ATOM   652  C C   . GLU A 1 85  ? 1.461   16.673  -4.128  1.00 13.01 ? 86  GLU A C   1 
ATOM   653  O O   . GLU A 1 85  ? 1.627   17.881  -4.299  1.00 14.27 ? 86  GLU A O   1 
ATOM   654  C CB  . GLU A 1 85  ? 1.084   15.445  -1.941  1.00 9.87  ? 86  GLU A CB  1 
ATOM   655  C CG  . GLU A 1 85  ? 1.758   16.387  -0.972  1.00 13.52 ? 86  GLU A CG  1 
ATOM   656  C CD  . GLU A 1 85  ? 2.214   15.702  0.306   1.00 14.76 ? 86  GLU A CD  1 
ATOM   657  O OE1 . GLU A 1 85  ? 2.098   14.455  0.418   1.00 11.02 ? 86  GLU A OE1 1 
ATOM   658  O OE2 . GLU A 1 85  ? 2.695   16.424  1.201   1.00 12.03 ? 86  GLU A OE2 1 
ATOM   659  N N   . ASN A 1 86  ? 2.172   15.759  -4.775  1.00 11.04 ? 87  ASN A N   1 
ATOM   660  C CA  . ASN A 1 86  ? 3.027   16.111  -5.900  1.00 14.66 ? 87  ASN A CA  1 
ATOM   661  C C   . ASN A 1 86  ? 3.368   14.845  -6.663  1.00 11.86 ? 87  ASN A C   1 
ATOM   662  O O   . ASN A 1 86  ? 2.961   13.754  -6.265  1.00 13.73 ? 87  ASN A O   1 
ATOM   663  C CB  . ASN A 1 86  ? 4.304   16.818  -5.437  1.00 12.90 ? 87  ASN A CB  1 
ATOM   664  C CG  . ASN A 1 86  ? 5.149   15.954  -4.524  1.00 13.66 ? 87  ASN A CG  1 
ATOM   665  O OD1 . ASN A 1 86  ? 5.568   14.862  -4.906  1.00 16.86 ? 87  ASN A OD1 1 
ATOM   666  N ND2 . ASN A 1 86  ? 5.413   16.444  -3.313  1.00 15.39 ? 87  ASN A ND2 1 
ATOM   667  N N   . PHE A 1 87  ? 4.110   14.980  -7.755  1.00 10.39 ? 88  PHE A N   1 
ATOM   668  C CA  . PHE A 1 87  ? 4.487   13.819  -8.562  1.00 14.55 ? 88  PHE A CA  1 
ATOM   669  C C   . PHE A 1 87  ? 5.994   13.785  -8.765  1.00 16.44 ? 88  PHE A C   1 
ATOM   670  O O   . PHE A 1 87  ? 6.479   13.390  -9.827  1.00 13.44 ? 88  PHE A O   1 
ATOM   671  C CB  . PHE A 1 87  ? 3.765   13.815  -9.924  1.00 10.74 ? 88  PHE A CB  1 
ATOM   672  C CG  . PHE A 1 87  ? 2.271   13.662  -9.820  1.00 10.02 ? 88  PHE A CG  1 
ATOM   673  C CD1 . PHE A 1 87  ? 1.716   12.461  -9.412  1.00 9.75  ? 88  PHE A CD1 1 
ATOM   674  C CD2 . PHE A 1 87  ? 1.422   14.711  -10.131 1.00 11.44 ? 88  PHE A CD2 1 
ATOM   675  C CE1 . PHE A 1 87  ? 0.342   12.305  -9.313  1.00 11.25 ? 88  PHE A CE1 1 
ATOM   676  C CE2 . PHE A 1 87  ? 0.041   14.566  -10.024 1.00 13.68 ? 88  PHE A CE2 1 
ATOM   677  C CZ  . PHE A 1 87  ? -0.496  13.359  -9.613  1.00 13.07 ? 88  PHE A CZ  1 
ATOM   678  N N   . ILE A 1 88  ? 6.726   14.189  -7.732  1.00 14.20 ? 89  ILE A N   1 
ATOM   679  C CA  . ILE A 1 88  ? 8.186   14.224  -7.778  1.00 13.61 ? 89  ILE A CA  1 
ATOM   680  C C   . ILE A 1 88  ? 8.800   12.826  -7.974  1.00 14.74 ? 89  ILE A C   1 
ATOM   681  O O   . ILE A 1 88  ? 9.679   12.626  -8.810  1.00 12.87 ? 89  ILE A O   1 
ATOM   682  C CB  . ILE A 1 88  ? 8.739   14.865  -6.492  1.00 14.20 ? 89  ILE A CB  1 
ATOM   683  C CG1 . ILE A 1 88  ? 8.324   16.335  -6.420  1.00 20.83 ? 89  ILE A CG1 1 
ATOM   684  C CG2 . ILE A 1 88  ? 10.255  14.708  -6.398  1.00 16.64 ? 89  ILE A CG2 1 
ATOM   685  C CD1 . ILE A 1 88  ? 8.544   16.960  -5.054  1.00 21.30 ? 89  ILE A CD1 1 
ATOM   686  N N   . LEU A 1 89  ? 8.336   11.854  -7.199  1.00 11.43 ? 90  LEU A N   1 
ATOM   687  C CA  . LEU A 1 89  ? 8.905   10.517  -7.266  1.00 10.56 ? 90  LEU A CA  1 
ATOM   688  C C   . LEU A 1 89  ? 8.197   9.691   -8.333  1.00 11.38 ? 90  LEU A C   1 
ATOM   689  O O   . LEU A 1 89  ? 7.000   9.840   -8.536  1.00 11.07 ? 90  LEU A O   1 
ATOM   690  C CB  . LEU A 1 89  ? 8.830   9.844   -5.894  1.00 8.44  ? 90  LEU A CB  1 
ATOM   691  C CG  . LEU A 1 89  ? 9.669   10.649  -4.893  1.00 16.55 ? 90  LEU A CG  1 
ATOM   692  C CD1 . LEU A 1 89  ? 9.129   10.532  -3.478  1.00 21.64 ? 90  LEU A CD1 1 
ATOM   693  C CD2 . LEU A 1 89  ? 11.124  10.242  -4.972  1.00 14.28 ? 90  LEU A CD2 1 
ATOM   694  N N   . LYS A 1 90  ? 8.951   8.837   -9.012  1.00 8.79  ? 91  LYS A N   1 
ATOM   695  C CA  . LYS A 1 90  ? 8.431   8.088   -10.157 1.00 14.33 ? 91  LYS A CA  1 
ATOM   696  C C   . LYS A 1 90  ? 8.370   6.594   -9.875  1.00 10.93 ? 91  LYS A C   1 
ATOM   697  O O   . LYS A 1 90  ? 9.006   6.092   -8.940  1.00 11.35 ? 91  LYS A O   1 
ATOM   698  C CB  . LYS A 1 90  ? 9.292   8.333   -11.406 1.00 12.98 ? 91  LYS A CB  1 
ATOM   699  C CG  . LYS A 1 90  ? 9.596   9.804   -11.710 1.00 20.32 ? 91  LYS A CG  1 
ATOM   700  C CD  . LYS A 1 90  ? 8.332   10.649  -11.894 1.00 21.00 ? 91  LYS A CD  1 
ATOM   701  C CE  . LYS A 1 90  ? 8.695   12.102  -12.263 1.00 28.92 ? 91  LYS A CE  1 
ATOM   702  N NZ  . LYS A 1 90  ? 7.517   13.026  -12.267 1.00 21.76 ? 91  LYS A NZ  1 
ATOM   703  N N   . HIS A 1 91  ? 7.598   5.892   -10.697 1.00 8.95  ? 92  HIS A N   1 
ATOM   704  C CA  . HIS A 1 91  ? 7.448   4.450   -10.592 1.00 10.09 ? 92  HIS A CA  1 
ATOM   705  C C   . HIS A 1 91  ? 8.619   3.774   -11.304 1.00 12.19 ? 92  HIS A C   1 
ATOM   706  O O   . HIS A 1 91  ? 8.528   3.425   -12.486 1.00 14.09 ? 92  HIS A O   1 
ATOM   707  C CB  . HIS A 1 91  ? 6.101   4.019   -11.187 1.00 7.81  ? 92  HIS A CB  1 
ATOM   708  C CG  . HIS A 1 91  ? 4.915   4.622   -10.497 1.00 7.73  ? 92  HIS A CG  1 
ATOM   709  N ND1 . HIS A 1 91  ? 4.503   5.922   -10.716 1.00 6.94  ? 92  HIS A ND1 1 
ATOM   710  C CD2 . HIS A 1 91  ? 4.050   4.108   -9.590  1.00 7.18  ? 92  HIS A CD2 1 
ATOM   711  C CE1 . HIS A 1 91  ? 3.436   6.176   -9.982  1.00 6.46  ? 92  HIS A CE1 1 
ATOM   712  N NE2 . HIS A 1 91  ? 3.139   5.090   -9.287  1.00 6.79  ? 92  HIS A NE2 1 
ATOM   713  N N   . THR A 1 92  ? 9.717   3.597   -10.576 1.00 10.44 ? 93  THR A N   1 
ATOM   714  C CA  . THR A 1 92  ? 10.996  3.210   -11.177 1.00 13.20 ? 93  THR A CA  1 
ATOM   715  C C   . THR A 1 92  ? 11.309  1.712   -11.177 1.00 15.01 ? 93  THR A C   1 
ATOM   716  O O   . THR A 1 92  ? 12.265  1.279   -11.821 1.00 15.86 ? 93  THR A O   1 
ATOM   717  C CB  . THR A 1 92  ? 12.163  3.926   -10.475 1.00 15.40 ? 93  THR A CB  1 
ATOM   718  O OG1 . THR A 1 92  ? 12.094  3.665   -9.068  1.00 12.95 ? 93  THR A OG1 1 
ATOM   719  C CG2 . THR A 1 92  ? 12.086  5.429   -10.714 1.00 15.25 ? 93  THR A CG2 1 
ATOM   720  N N   . GLY A 1 93  ? 10.520  0.925   -10.458 1.00 10.11 ? 94  GLY A N   1 
ATOM   721  C CA  . GLY A 1 93  ? 10.766  -0.503  -10.371 1.00 12.10 ? 94  GLY A CA  1 
ATOM   722  C C   . GLY A 1 93  ? 9.965   -1.187  -9.278  1.00 13.71 ? 94  GLY A C   1 
ATOM   723  O O   . GLY A 1 93  ? 9.124   -0.560  -8.629  1.00 12.38 ? 94  GLY A O   1 
ATOM   724  N N   . PRO A 1 94  ? 10.236  -2.483  -9.061  1.00 10.62 ? 95  PRO A N   1 
ATOM   725  C CA  . PRO A 1 94  ? 9.570   -3.295  -8.034  1.00 10.96 ? 95  PRO A CA  1 
ATOM   726  C C   . PRO A 1 94  ? 9.757   -2.646  -6.675  1.00 13.19 ? 95  PRO A C   1 
ATOM   727  O O   . PRO A 1 94  ? 10.828  -2.104  -6.423  1.00 14.73 ? 95  PRO A O   1 
ATOM   728  C CB  . PRO A 1 94  ? 10.349  -4.623  -8.068  1.00 15.57 ? 95  PRO A CB  1 
ATOM   729  C CG  . PRO A 1 94  ? 11.047  -4.648  -9.388  1.00 19.89 ? 95  PRO A CG  1 
ATOM   730  C CD  . PRO A 1 94  ? 11.322  -3.215  -9.740  1.00 15.27 ? 95  PRO A CD  1 
ATOM   731  N N   . GLY A 1 95  ? 8.737   -2.672  -5.825  1.00 9.12  ? 96  GLY A N   1 
ATOM   732  C CA  . GLY A 1 95  ? 8.885   -2.170  -4.465  1.00 10.86 ? 96  GLY A CA  1 
ATOM   733  C C   . GLY A 1 95  ? 8.362   -0.762  -4.222  1.00 9.27  ? 96  GLY A C   1 
ATOM   734  O O   . GLY A 1 95  ? 8.238   -0.332  -3.077  1.00 8.60  ? 96  GLY A O   1 
ATOM   735  N N   . ILE A 1 96  ? 8.072   -0.039  -5.298  1.00 8.42  ? 97  ILE A N   1 
ATOM   736  C CA  . ILE A 1 96  ? 7.494   1.302   -5.210  1.00 6.48  ? 97  ILE A CA  1 
ATOM   737  C C   . ILE A 1 96  ? 6.098   1.278   -4.576  1.00 7.75  ? 97  ILE A C   1 
ATOM   738  O O   . ILE A 1 96  ? 5.230   0.508   -4.993  1.00 6.75  ? 97  ILE A O   1 
ATOM   739  C CB  . ILE A 1 96  ? 7.428   1.952   -6.601  1.00 10.04 ? 97  ILE A CB  1 
ATOM   740  C CG1 . ILE A 1 96  ? 8.845   2.260   -7.098  1.00 10.61 ? 97  ILE A CG1 1 
ATOM   741  C CG2 . ILE A 1 96  ? 6.551   3.218   -6.576  1.00 8.35  ? 97  ILE A CG2 1 
ATOM   742  C CD1 . ILE A 1 96  ? 9.573   3.307   -6.265  1.00 13.94 ? 97  ILE A CD1 1 
ATOM   743  N N   . LEU A 1 97  ? 5.903   2.110   -3.558  1.00 4.86  ? 98  LEU A N   1 
ATOM   744  C CA  . LEU A 1 97  ? 4.626   2.244   -2.861  1.00 5.42  ? 98  LEU A CA  1 
ATOM   745  C C   . LEU A 1 97  ? 3.921   3.522   -3.320  1.00 6.36  ? 98  LEU A C   1 
ATOM   746  O O   . LEU A 1 97  ? 4.495   4.609   -3.273  1.00 5.96  ? 98  LEU A O   1 
ATOM   747  C CB  . LEU A 1 97  ? 4.872   2.284   -1.345  1.00 4.76  ? 98  LEU A CB  1 
ATOM   748  C CG  . LEU A 1 97  ? 3.704   2.387   -0.373  1.00 8.80  ? 98  LEU A CG  1 
ATOM   749  C CD1 . LEU A 1 97  ? 2.817   1.164   -0.491  1.00 5.89  ? 98  LEU A CD1 1 
ATOM   750  C CD2 . LEU A 1 97  ? 4.236   2.527   1.068   1.00 5.67  ? 98  LEU A CD2 1 
ATOM   751  N N   . SER A 1 98  ? 2.671   3.398   -3.761  1.00 4.95  ? 99  SER A N   1 
ATOM   752  C CA  . SER A 1 98  ? 2.011   4.502   -4.468  1.00 4.82  ? 99  SER A CA  1 
ATOM   753  C C   . SER A 1 98  ? 0.513   4.505   -4.165  1.00 6.32  ? 99  SER A C   1 
ATOM   754  O O   . SER A 1 98  ? -0.062  3.464   -3.817  1.00 6.58  ? 99  SER A O   1 
ATOM   755  C CB  . SER A 1 98  ? 2.269   4.346   -5.981  1.00 5.85  ? 99  SER A CB  1 
ATOM   756  O OG  . SER A 1 98  ? 1.703   5.405   -6.742  1.00 8.44  ? 99  SER A OG  1 
ATOM   757  N N   . MET A 1 99  ? -0.122  5.667   -4.289  1.00 5.74  ? 100 MET A N   1 
ATOM   758  C CA  . MET A 1 99  ? -1.552  5.787   -3.985  1.00 6.23  ? 100 MET A CA  1 
ATOM   759  C C   . MET A 1 99  ? -2.462  5.355   -5.135  1.00 7.30  ? 100 MET A C   1 
ATOM   760  O O   . MET A 1 99  ? -2.317  5.824   -6.270  1.00 7.65  ? 100 MET A O   1 
ATOM   761  C CB  . MET A 1 99  ? -1.915  7.227   -3.569  1.00 5.99  ? 100 MET A CB  1 
ATOM   762  C CG  . MET A 1 99  ? -1.328  7.668   -2.219  1.00 8.88  ? 100 MET A CG  1 
ATOM   763  S SD  . MET A 1 99  ? -1.812  6.584   -0.854  1.00 8.59  ? 100 MET A SD  1 
ATOM   764  C CE  . MET A 1 99  ? -3.511  7.087   -0.571  1.00 10.39 ? 100 MET A CE  1 
ATOM   765  N N   . ALA A 1 100 ? -3.402  4.465   -4.821  1.00 4.56  ? 101 ALA A N   1 
ATOM   766  C CA  . ALA A 1 100 ? -4.521  4.157   -5.703  1.00 8.92  ? 101 ALA A CA  1 
ATOM   767  C C   . ALA A 1 100 ? -5.490  5.331   -5.655  1.00 8.41  ? 101 ALA A C   1 
ATOM   768  O O   . ALA A 1 100 ? -5.548  6.040   -4.662  1.00 8.90  ? 101 ALA A O   1 
ATOM   769  C CB  . ALA A 1 100 ? -5.221  2.880   -5.239  1.00 7.33  ? 101 ALA A CB  1 
ATOM   770  N N   . ASN A 1 101 ? -6.242  5.554   -6.722  1.00 8.08  ? 102 ASN A N   1 
ATOM   771  C CA  . ASN A 1 101 ? -7.197  6.650   -6.709  1.00 9.43  ? 102 ASN A CA  1 
ATOM   772  C C   . ASN A 1 101 ? -8.288  6.489   -7.763  1.00 11.02 ? 102 ASN A C   1 
ATOM   773  O O   . ASN A 1 101 ? -8.238  5.578   -8.594  1.00 9.44  ? 102 ASN A O   1 
ATOM   774  C CB  . ASN A 1 101 ? -6.486  8.003   -6.865  1.00 12.29 ? 102 ASN A CB  1 
ATOM   775  C CG  . ASN A 1 101 ? -5.866  8.188   -8.240  1.00 12.23 ? 102 ASN A CG  1 
ATOM   776  O OD1 . ASN A 1 101 ? -6.560  8.142   -9.258  1.00 11.26 ? 102 ASN A OD1 1 
ATOM   777  N ND2 . ASN A 1 101 ? -4.556  8.425   -8.276  1.00 12.48 ? 102 ASN A ND2 1 
ATOM   778  N N   . ALA A 1 102 ? -9.271  7.382   -7.715  1.00 14.69 ? 103 ALA A N   1 
ATOM   779  C CA  . ALA A 1 102 ? -10.400 7.355   -8.635  1.00 13.03 ? 103 ALA A CA  1 
ATOM   780  C C   . ALA A 1 102 ? -10.410 8.612   -9.502  1.00 18.74 ? 103 ALA A C   1 
ATOM   781  O O   . ALA A 1 102 ? -11.467 9.143   -9.831  1.00 16.86 ? 103 ALA A O   1 
ATOM   782  C CB  . ALA A 1 102 ? -11.714 7.232   -7.848  1.00 13.81 ? 103 ALA A CB  1 
ATOM   783  N N   . GLY A 1 103 ? -9.226  9.096   -9.857  1.00 15.93 ? 104 GLY A N   1 
ATOM   784  C CA  . GLY A 1 103 ? -9.107  10.338  -10.600 1.00 16.22 ? 104 GLY A CA  1 
ATOM   785  C C   . GLY A 1 103 ? -8.301  11.355  -9.819  1.00 17.19 ? 104 GLY A C   1 
ATOM   786  O O   . GLY A 1 103 ? -7.907  11.092  -8.680  1.00 14.92 ? 104 GLY A O   1 
ATOM   787  N N   . PRO A 1 104 ? -8.037  12.523  -10.426 1.00 19.03 ? 105 PRO A N   1 
ATOM   788  C CA  . PRO A 1 104 ? -7.210  13.531  -9.751  1.00 14.59 ? 105 PRO A CA  1 
ATOM   789  C C   . PRO A 1 104 ? -7.738  13.915  -8.371  1.00 12.65 ? 105 PRO A C   1 
ATOM   790  O O   . PRO A 1 104 ? -8.948  14.092  -8.188  1.00 16.46 ? 105 PRO A O   1 
ATOM   791  C CB  . PRO A 1 104 ? -7.274  14.724  -10.710 1.00 17.37 ? 105 PRO A CB  1 
ATOM   792  C CG  . PRO A 1 104 ? -7.432  14.071  -12.065 1.00 20.53 ? 105 PRO A CG  1 
ATOM   793  C CD  . PRO A 1 104 ? -8.322  12.883  -11.829 1.00 15.24 ? 105 PRO A CD  1 
ATOM   794  N N   . ASN A 1 105 ? -6.832  14.014  -7.402  1.00 12.76 ? 106 ASN A N   1 
ATOM   795  C CA  . ASN A 1 105 ? -7.175  14.502  -6.065  1.00 11.89 ? 106 ASN A CA  1 
ATOM   796  C C   . ASN A 1 105 ? -8.257  13.698  -5.338  1.00 12.81 ? 106 ASN A C   1 
ATOM   797  O O   . ASN A 1 105 ? -9.164  14.264  -4.729  1.00 13.44 ? 106 ASN A O   1 
ATOM   798  C CB  . ASN A 1 105 ? -7.572  15.983  -6.143  1.00 13.34 ? 106 ASN A CB  1 
ATOM   799  C CG  . ASN A 1 105 ? -6.523  16.817  -6.858  1.00 17.32 ? 106 ASN A CG  1 
ATOM   800  O OD1 . ASN A 1 105 ? -5.336  16.726  -6.552  1.00 14.96 ? 106 ASN A OD1 1 
ATOM   801  N ND2 . ASN A 1 105 ? -6.950  17.600  -7.841  1.00 18.18 ? 106 ASN A ND2 1 
ATOM   802  N N   . THR A 1 106 ? -8.153  12.376  -5.382  1.00 10.80 ? 107 THR A N   1 
ATOM   803  C CA  . THR A 1 106 ? -9.119  11.535  -4.685  1.00 9.88  ? 107 THR A CA  1 
ATOM   804  C C   . THR A 1 106 ? -8.402  10.477  -3.849  1.00 13.30 ? 107 THR A C   1 
ATOM   805  O O   . THR A 1 106 ? -8.849  9.338   -3.760  1.00 12.04 ? 107 THR A O   1 
ATOM   806  C CB  . THR A 1 106 ? -10.088 10.838  -5.670  1.00 13.48 ? 107 THR A CB  1 
ATOM   807  O OG1 . THR A 1 106 ? -9.343  9.995   -6.554  1.00 16.04 ? 107 THR A OG1 1 
ATOM   808  C CG2 . THR A 1 106 ? -10.869 11.855  -6.491  1.00 15.36 ? 107 THR A CG2 1 
ATOM   809  N N   . ASN A 1 107 ? -7.289  10.856  -3.232  1.00 10.69 ? 108 ASN A N   1 
ATOM   810  C CA  . ASN A 1 107 ? -6.557  9.919   -2.380  1.00 11.92 ? 108 ASN A CA  1 
ATOM   811  C C   . ASN A 1 107 ? -7.287  9.583   -1.094  1.00 11.19 ? 108 ASN A C   1 
ATOM   812  O O   . ASN A 1 107 ? -7.737  10.479  -0.379  1.00 11.69 ? 108 ASN A O   1 
ATOM   813  C CB  . ASN A 1 107 ? -5.176  10.467  -2.061  1.00 10.25 ? 108 ASN A CB  1 
ATOM   814  C CG  . ASN A 1 107 ? -4.361  10.674  -3.299  1.00 11.87 ? 108 ASN A CG  1 
ATOM   815  O OD1 . ASN A 1 107 ? -3.835  9.715   -3.867  1.00 10.14 ? 108 ASN A OD1 1 
ATOM   816  N ND2 . ASN A 1 107 ? -4.265  11.921  -3.751  1.00 8.39  ? 108 ASN A ND2 1 
ATOM   817  N N   . GLY A 1 108 ? -7.402  8.289   -0.802  1.00 12.61 ? 109 GLY A N   1 
ATOM   818  C CA  . GLY A 1 108 ? -8.041  7.831   0.424   1.00 10.48 ? 109 GLY A CA  1 
ATOM   819  C C   . GLY A 1 108 ? -7.076  7.050   1.295   1.00 12.71 ? 109 GLY A C   1 
ATOM   820  O O   . GLY A 1 108 ? -6.153  7.625   1.895   1.00 11.28 ? 109 GLY A O   1 
ATOM   821  N N   . SER A 1 109 ? -7.277  5.737   1.362   1.00 8.31  ? 110 SER A N   1 
ATOM   822  C CA  . SER A 1 109 ? -6.351  4.858   2.076   1.00 6.10  ? 110 SER A CA  1 
ATOM   823  C C   . SER A 1 109 ? -5.802  3.749   1.194   1.00 8.16  ? 110 SER A C   1 
ATOM   824  O O   . SER A 1 109 ? -4.814  3.110   1.542   1.00 7.93  ? 110 SER A O   1 
ATOM   825  C CB  . SER A 1 109 ? -7.023  4.248   3.311   1.00 9.64  ? 110 SER A CB  1 
ATOM   826  O OG  . SER A 1 109 ? -8.188  3.527   2.950   1.00 8.62  ? 110 SER A OG  1 
ATOM   827  N N   . GLN A 1 110 ? -6.442  3.503   0.052   1.00 6.60  ? 111 GLN A N   1 
ATOM   828  C CA  . GLN A 1 110 ? -5.966  2.455   -0.856  1.00 7.12  ? 111 GLN A CA  1 
ATOM   829  C C   . GLN A 1 110 ? -4.617  2.786   -1.508  1.00 8.50  ? 111 GLN A C   1 
ATOM   830  O O   . GLN A 1 110 ? -4.373  3.918   -1.941  1.00 7.58  ? 111 GLN A O   1 
ATOM   831  C CB  . GLN A 1 110 ? -7.022  2.134   -1.910  1.00 6.99  ? 111 GLN A CB  1 
ATOM   832  C CG  . GLN A 1 110 ? -8.238  1.399   -1.343  1.00 8.66  ? 111 GLN A CG  1 
ATOM   833  C CD  . GLN A 1 110 ? -9.154  0.873   -2.432  1.00 10.61 ? 111 GLN A CD  1 
ATOM   834  O OE1 . GLN A 1 110 ? -8.695  0.287   -3.407  1.00 8.18  ? 111 GLN A OE1 1 
ATOM   835  N NE2 . GLN A 1 110 ? -10.455 1.082   -2.269  1.00 10.79 ? 111 GLN A NE2 1 
ATOM   836  N N   . PHE A 1 111 ? -3.745  1.786   -1.577  1.00 5.72  ? 112 PHE A N   1 
ATOM   837  C CA  . PHE A 1 111 ? -2.387  1.972   -2.067  1.00 4.60  ? 112 PHE A CA  1 
ATOM   838  C C   . PHE A 1 111 ? -2.044  0.732   -2.879  1.00 5.07  ? 112 PHE A C   1 
ATOM   839  O O   . PHE A 1 111 ? -2.750  -0.265  -2.819  1.00 4.88  ? 112 PHE A O   1 
ATOM   840  C CB  . PHE A 1 111 ? -1.416  2.060   -0.883  1.00 5.38  ? 112 PHE A CB  1 
ATOM   841  C CG  . PHE A 1 111 ? -1.443  0.842   -0.022  1.00 4.76  ? 112 PHE A CG  1 
ATOM   842  C CD1 . PHE A 1 111 ? -0.623  -0.237  -0.303  1.00 7.36  ? 112 PHE A CD1 1 
ATOM   843  C CD2 . PHE A 1 111 ? -2.345  0.741   1.027   1.00 7.56  ? 112 PHE A CD2 1 
ATOM   844  C CE1 . PHE A 1 111 ? -0.677  -1.395  0.467   1.00 9.40  ? 112 PHE A CE1 1 
ATOM   845  C CE2 . PHE A 1 111 ? -2.404  -0.410  1.800   1.00 7.17  ? 112 PHE A CE2 1 
ATOM   846  C CZ  . PHE A 1 111 ? -1.570  -1.482  1.512   1.00 7.09  ? 112 PHE A CZ  1 
ATOM   847  N N   . PHE A 1 112 ? -0.949  0.781   -3.622  1.00 6.11  ? 113 PHE A N   1 
ATOM   848  C CA  . PHE A 1 112 ? -0.457  -0.422  -4.274  1.00 6.87  ? 113 PHE A CA  1 
ATOM   849  C C   . PHE A 1 112 ? 1.056   -0.536  -4.180  1.00 5.89  ? 113 PHE A C   1 
ATOM   850  O O   . PHE A 1 112 ? 1.755   0.465   -3.989  1.00 6.88  ? 113 PHE A O   1 
ATOM   851  C CB  . PHE A 1 112 ? -0.934  -0.511  -5.739  1.00 4.64  ? 113 PHE A CB  1 
ATOM   852  C CG  . PHE A 1 112 ? -0.470  0.626   -6.616  1.00 5.85  ? 113 PHE A CG  1 
ATOM   853  C CD1 . PHE A 1 112 ? -1.158  1.833   -6.634  1.00 4.90  ? 113 PHE A CD1 1 
ATOM   854  C CD2 . PHE A 1 112 ? 0.627   0.471   -7.452  1.00 6.61  ? 113 PHE A CD2 1 
ATOM   855  C CE1 . PHE A 1 112 ? -0.748  2.873   -7.458  1.00 7.25  ? 113 PHE A CE1 1 
ATOM   856  C CE2 . PHE A 1 112 ? 1.046   1.511   -8.290  1.00 7.32  ? 113 PHE A CE2 1 
ATOM   857  C CZ  . PHE A 1 112 ? 0.361   2.713   -8.289  1.00 7.64  ? 113 PHE A CZ  1 
ATOM   858  N N   . ILE A 1 113 ? 1.552   -1.761  -4.295  1.00 5.68  ? 114 ILE A N   1 
ATOM   859  C CA  . ILE A 1 113 ? 2.986   -2.024  -4.287  1.00 5.05  ? 114 ILE A CA  1 
ATOM   860  C C   . ILE A 1 113 ? 3.355   -2.599  -5.647  1.00 10.74 ? 114 ILE A C   1 
ATOM   861  O O   . ILE A 1 113 ? 2.858   -3.659  -6.029  1.00 7.31  ? 114 ILE A O   1 
ATOM   862  C CB  . ILE A 1 113 ? 3.373   -3.050  -3.210  1.00 6.61  ? 114 ILE A CB  1 
ATOM   863  C CG1 . ILE A 1 113 ? 2.921   -2.579  -1.824  1.00 6.01  ? 114 ILE A CG1 1 
ATOM   864  C CG2 . ILE A 1 113 ? 4.870   -3.278  -3.219  1.00 7.68  ? 114 ILE A CG2 1 
ATOM   865  C CD1 . ILE A 1 113 ? 3.138   -3.629  -0.725  1.00 7.31  ? 114 ILE A CD1 1 
ATOM   866  N N   . CYS A 1 114 ? 4.211   -1.893  -6.379  1.00 6.90  ? 115 CYS A N   1 
ATOM   867  C CA  . CYS A 1 114 ? 4.593   -2.321  -7.714  1.00 9.82  ? 115 CYS A CA  1 
ATOM   868  C C   . CYS A 1 114 ? 5.443   -3.576  -7.634  1.00 8.93  ? 115 CYS A C   1 
ATOM   869  O O   . CYS A 1 114 ? 6.228   -3.738  -6.698  1.00 12.07 ? 115 CYS A O   1 
ATOM   870  C CB  . CYS A 1 114 ? 5.378   -1.210  -8.412  1.00 8.76  ? 115 CYS A CB  1 
ATOM   871  S SG  . CYS A 1 114 ? 4.441   0.314   -8.620  1.00 11.29 ? 115 CYS A SG  1 
ATOM   872  N N   . THR A 1 115 ? 5.278   -4.475  -8.599  1.00 9.80  ? 116 THR A N   1 
ATOM   873  C CA  . THR A 1 115 ? 6.142   -5.652  -8.672  1.00 9.95  ? 116 THR A CA  1 
ATOM   874  C C   . THR A 1 115 ? 6.946   -5.664  -9.980  1.00 12.87 ? 116 THR A C   1 
ATOM   875  O O   . THR A 1 115 ? 7.583   -6.656  -10.332 1.00 12.89 ? 116 THR A O   1 
ATOM   876  C CB  . THR A 1 115 ? 5.354   -6.960  -8.485  1.00 8.83  ? 116 THR A CB  1 
ATOM   877  O OG1 . THR A 1 115 ? 4.306   -7.033  -9.448  1.00 11.81 ? 116 THR A OG1 1 
ATOM   878  C CG2 . THR A 1 115 ? 4.730   -7.012  -7.092  1.00 13.04 ? 116 THR A CG2 1 
ATOM   879  N N   . ALA A 1 116 ? 6.902   -4.533  -10.677 1.00 11.55 ? 117 ALA A N   1 
ATOM   880  C CA  . ALA A 1 116 ? 7.681   -4.288  -11.881 1.00 13.29 ? 117 ALA A CA  1 
ATOM   881  C C   . ALA A 1 116 ? 7.847   -2.774  -12.038 1.00 12.91 ? 117 ALA A C   1 
ATOM   882  O O   . ALA A 1 116 ? 7.233   -2.000  -11.305 1.00 8.60  ? 117 ALA A O   1 
ATOM   883  C CB  . ALA A 1 116 ? 6.961   -4.864  -13.097 1.00 11.78 ? 117 ALA A CB  1 
ATOM   884  N N   . LYS A 1 117 ? 8.668   -2.349  -12.993 1.00 10.95 ? 118 LYS A N   1 
ATOM   885  C CA  . LYS A 1 117 ? 8.738   -0.932  -13.339 1.00 14.59 ? 118 LYS A CA  1 
ATOM   886  C C   . LYS A 1 117 ? 7.458   -0.555  -14.086 1.00 12.13 ? 118 LYS A C   1 
ATOM   887  O O   . LYS A 1 117 ? 7.116   -1.183  -15.086 1.00 15.17 ? 118 LYS A O   1 
ATOM   888  C CB  . LYS A 1 117 ? 9.960   -0.657  -14.222 1.00 12.31 ? 118 LYS A CB  1 
ATOM   889  C CG  . LYS A 1 117 ? 10.113  0.800   -14.642 1.00 14.43 ? 118 LYS A CG  1 
ATOM   890  C CD  . LYS A 1 117 ? 11.372  1.000   -15.492 1.00 18.85 ? 118 LYS A CD  1 
ATOM   891  C CE  . LYS A 1 117 ? 11.584  2.474   -15.827 1.00 24.94 ? 118 LYS A CE  1 
ATOM   892  N NZ  . LYS A 1 117 ? 12.525  2.649   -16.973 1.00 32.45 ? 118 LYS A NZ  1 
ATOM   893  N N   . THR A 1 118 ? 6.753   0.464   -13.606 1.00 8.19  ? 119 THR A N   1 
ATOM   894  C CA  . THR A 1 118 ? 5.459   0.822   -14.175 1.00 10.14 ? 119 THR A CA  1 
ATOM   895  C C   . THR A 1 118 ? 5.412   2.319   -14.468 1.00 12.26 ? 119 THR A C   1 
ATOM   896  O O   . THR A 1 118 ? 4.578   3.048   -13.931 1.00 9.67  ? 119 THR A O   1 
ATOM   897  C CB  . THR A 1 118 ? 4.291   0.426   -13.231 1.00 12.36 ? 119 THR A CB  1 
ATOM   898  O OG1 . THR A 1 118 ? 4.405   1.135   -11.990 1.00 12.86 ? 119 THR A OG1 1 
ATOM   899  C CG2 . THR A 1 118 ? 4.314   -1.069  -12.935 1.00 11.09 ? 119 THR A CG2 1 
ATOM   900  N N   . GLU A 1 119 ? 6.316   2.769   -15.332 1.00 11.06 ? 120 GLU A N   1 
ATOM   901  C CA  . GLU A 1 119 ? 6.507   4.196   -15.553 1.00 11.21 ? 120 GLU A CA  1 
ATOM   902  C C   . GLU A 1 119 ? 5.252   4.897   -16.087 1.00 13.43 ? 120 GLU A C   1 
ATOM   903  O O   . GLU A 1 119 ? 5.089   6.108   -15.913 1.00 10.27 ? 120 GLU A O   1 
ATOM   904  C CB  . GLU A 1 119 ? 7.732   4.442   -16.452 1.00 16.43 ? 120 GLU A CB  1 
ATOM   905  C CG  . GLU A 1 119 ? 7.550   4.055   -17.919 1.00 17.83 ? 120 GLU A CG  1 
ATOM   906  C CD  . GLU A 1 119 ? 7.923   2.609   -18.235 1.00 24.86 ? 120 GLU A CD  1 
ATOM   907  O OE1 . GLU A 1 119 ? 8.020   1.770   -17.310 1.00 17.57 ? 120 GLU A OE1 1 
ATOM   908  O OE2 . GLU A 1 119 ? 8.118   2.310   -19.431 1.00 28.06 ? 120 GLU A OE2 1 
ATOM   909  N N   . TRP A 1 120 ? 4.346   4.131   -16.699 1.00 10.93 ? 121 TRP A N   1 
ATOM   910  C CA  . TRP A 1 120 ? 3.119   4.705   -17.248 1.00 11.13 ? 121 TRP A CA  1 
ATOM   911  C C   . TRP A 1 120 ? 2.182   5.221   -16.158 1.00 9.14  ? 121 TRP A C   1 
ATOM   912  O O   . TRP A 1 120 ? 1.220   5.919   -16.448 1.00 7.46  ? 121 TRP A O   1 
ATOM   913  C CB  . TRP A 1 120 ? 2.392   3.709   -18.171 1.00 11.19 ? 121 TRP A CB  1 
ATOM   914  C CG  . TRP A 1 120 ? 2.103   2.375   -17.536 1.00 10.25 ? 121 TRP A CG  1 
ATOM   915  C CD1 . TRP A 1 120 ? 0.966   2.006   -16.870 1.00 10.93 ? 121 TRP A CD1 1 
ATOM   916  C CD2 . TRP A 1 120 ? 2.969   1.231   -17.522 1.00 11.47 ? 121 TRP A CD2 1 
ATOM   917  N NE1 . TRP A 1 120 ? 1.074   0.698   -16.449 1.00 10.07 ? 121 TRP A NE1 1 
ATOM   918  C CE2 . TRP A 1 120 ? 2.291   0.205   -16.836 1.00 9.94  ? 121 TRP A CE2 1 
ATOM   919  C CE3 . TRP A 1 120 ? 4.244   0.974   -18.043 1.00 12.26 ? 121 TRP A CE3 1 
ATOM   920  C CZ2 . TRP A 1 120 ? 2.856   -1.056  -16.640 1.00 12.12 ? 121 TRP A CZ2 1 
ATOM   921  C CZ3 . TRP A 1 120 ? 4.800   -0.272  -17.850 1.00 12.61 ? 121 TRP A CZ3 1 
ATOM   922  C CH2 . TRP A 1 120 ? 4.107   -1.275  -17.155 1.00 13.98 ? 121 TRP A CH2 1 
ATOM   923  N N   . LEU A 1 121 ? 2.477   4.893   -14.902 1.00 9.24  ? 122 LEU A N   1 
ATOM   924  C CA  . LEU A 1 121 ? 1.694   5.419   -13.782 1.00 7.61  ? 122 LEU A CA  1 
ATOM   925  C C   . LEU A 1 121 ? 2.179   6.791   -13.294 1.00 9.76  ? 122 LEU A C   1 
ATOM   926  O O   . LEU A 1 121 ? 1.504   7.439   -12.501 1.00 9.98  ? 122 LEU A O   1 
ATOM   927  C CB  . LEU A 1 121 ? 1.662   4.422   -12.615 1.00 8.02  ? 122 LEU A CB  1 
ATOM   928  C CG  . LEU A 1 121 ? 1.175   3.020   -12.987 1.00 9.26  ? 122 LEU A CG  1 
ATOM   929  C CD1 . LEU A 1 121 ? 1.059   2.128   -11.745 1.00 5.45  ? 122 LEU A CD1 1 
ATOM   930  C CD2 . LEU A 1 121 ? -0.150  3.088   -13.730 1.00 8.11  ? 122 LEU A CD2 1 
ATOM   931  N N   . ASP A 1 122 ? 3.339   7.235   -13.769 1.00 8.46  ? 123 ASP A N   1 
ATOM   932  C CA  . ASP A 1 122 ? 3.894   8.522   -13.352 1.00 10.79 ? 123 ASP A CA  1 
ATOM   933  C C   . ASP A 1 122 ? 2.942   9.659   -13.689 1.00 12.01 ? 123 ASP A C   1 
ATOM   934  O O   . ASP A 1 122 ? 2.353   9.686   -14.778 1.00 13.22 ? 123 ASP A O   1 
ATOM   935  C CB  . ASP A 1 122 ? 5.232   8.792   -14.044 1.00 13.53 ? 123 ASP A CB  1 
ATOM   936  C CG  . ASP A 1 122 ? 6.314   7.819   -13.640 1.00 11.33 ? 123 ASP A CG  1 
ATOM   937  O OD1 . ASP A 1 122 ? 6.173   7.134   -12.609 1.00 12.88 ? 123 ASP A OD1 1 
ATOM   938  O OD2 . ASP A 1 122 ? 7.333   7.758   -14.348 1.00 13.16 ? 123 ASP A OD2 1 
ATOM   939  N N   . GLY A 1 123 ? 2.792   10.601  -12.763 1.00 13.53 ? 124 GLY A N   1 
ATOM   940  C CA  . GLY A 1 123 ? 1.915   11.740  -12.972 1.00 10.20 ? 124 GLY A CA  1 
ATOM   941  C C   . GLY A 1 123 ? 0.436   11.432  -12.771 1.00 16.40 ? 124 GLY A C   1 
ATOM   942  O O   . GLY A 1 123 ? -0.403  12.326  -12.856 1.00 12.79 ? 124 GLY A O   1 
ATOM   943  N N   . LYS A 1 124 ? 0.107   10.170  -12.501 1.00 13.23 ? 125 LYS A N   1 
ATOM   944  C CA  . LYS A 1 124 ? -1.280  9.791   -12.235 1.00 12.85 ? 125 LYS A CA  1 
ATOM   945  C C   . LYS A 1 124 ? -1.452  9.309   -10.795 1.00 12.28 ? 125 LYS A C   1 
ATOM   946  O O   . LYS A 1 124 ? -2.462  9.588   -10.143 1.00 11.69 ? 125 LYS A O   1 
ATOM   947  C CB  . LYS A 1 124 ? -1.740  8.710   -13.228 1.00 12.10 ? 125 LYS A CB  1 
ATOM   948  C CG  . LYS A 1 124 ? -3.138  8.134   -12.966 1.00 18.07 ? 125 LYS A CG  1 
ATOM   949  C CD  . LYS A 1 124 ? -3.478  7.070   -14.016 1.00 19.44 ? 125 LYS A CD  1 
ATOM   950  C CE  . LYS A 1 124 ? -4.803  6.397   -13.738 1.00 21.03 ? 125 LYS A CE  1 
ATOM   951  N NZ  . LYS A 1 124 ? -5.937  7.363   -13.717 1.00 26.68 ? 125 LYS A NZ  1 
ATOM   952  N N   . HIS A 1 125 ? -0.452  8.583   -10.303 1.00 11.20 ? 126 HIS A N   1 
ATOM   953  C CA  . HIS A 1 125 ? -0.487  8.040   -8.947  1.00 7.55  ? 126 HIS A CA  1 
ATOM   954  C C   . HIS A 1 125 ? 0.669   8.596   -8.146  1.00 8.95  ? 126 HIS A C   1 
ATOM   955  O O   . HIS A 1 125 ? 1.811   8.586   -8.607  1.00 7.84  ? 126 HIS A O   1 
ATOM   956  C CB  . HIS A 1 125 ? -0.424  6.509   -8.986  1.00 6.19  ? 126 HIS A CB  1 
ATOM   957  C CG  . HIS A 1 125 ? -1.587  5.890   -9.687  1.00 9.19  ? 126 HIS A CG  1 
ATOM   958  N ND1 . HIS A 1 125 ? -2.774  5.587   -9.040  1.00 6.22  ? 126 HIS A ND1 1 
ATOM   959  C CD2 . HIS A 1 125 ? -1.775  5.550   -10.984 1.00 8.34  ? 126 HIS A CD2 1 
ATOM   960  C CE1 . HIS A 1 125 ? -3.622  5.069   -9.903  1.00 8.88  ? 126 HIS A CE1 1 
ATOM   961  N NE2 . HIS A 1 125 ? -3.045  5.038   -11.097 1.00 10.62 ? 126 HIS A NE2 1 
ATOM   962  N N   . VAL A 1 126 ? 0.367   9.095   -6.950  1.00 8.95  ? 127 VAL A N   1 
ATOM   963  C CA  . VAL A 1 126 ? 1.391   9.693   -6.096  1.00 8.41  ? 127 VAL A CA  1 
ATOM   964  C C   . VAL A 1 126 ? 2.246   8.631   -5.419  1.00 5.78  ? 127 VAL A C   1 
ATOM   965  O O   . VAL A 1 126 ? 1.761   7.869   -4.589  1.00 6.64  ? 127 VAL A O   1 
ATOM   966  C CB  . VAL A 1 126 ? 0.777   10.615  -5.016  1.00 9.21  ? 127 VAL A CB  1 
ATOM   967  C CG1 . VAL A 1 126 ? 1.862   11.107  -4.052  1.00 8.19  ? 127 VAL A CG1 1 
ATOM   968  C CG2 . VAL A 1 126 ? 0.063   11.806  -5.672  1.00 7.67  ? 127 VAL A CG2 1 
ATOM   969  N N   . VAL A 1 127 ? 3.523   8.594   -5.781  1.00 8.29  ? 128 VAL A N   1 
ATOM   970  C CA  . VAL A 1 127 ? 4.508   7.721   -5.148  1.00 6.56  ? 128 VAL A CA  1 
ATOM   971  C C   . VAL A 1 127 ? 4.956   8.321   -3.815  1.00 8.25  ? 128 VAL A C   1 
ATOM   972  O O   . VAL A 1 127 ? 5.302   9.501   -3.756  1.00 9.05  ? 128 VAL A O   1 
ATOM   973  C CB  . VAL A 1 127 ? 5.749   7.569   -6.040  1.00 6.63  ? 128 VAL A CB  1 
ATOM   974  C CG1 . VAL A 1 127 ? 6.828   6.764   -5.315  1.00 6.95  ? 128 VAL A CG1 1 
ATOM   975  C CG2 . VAL A 1 127 ? 5.371   6.912   -7.384  1.00 8.48  ? 128 VAL A CG2 1 
ATOM   976  N N   . PHE A 1 128 ? 4.972   7.520   -2.753  1.00 8.81  ? 129 PHE A N   1 
ATOM   977  C CA  . PHE A 1 128 ? 5.300   8.063   -1.433  1.00 7.87  ? 129 PHE A CA  1 
ATOM   978  C C   . PHE A 1 128 ? 6.154   7.146   -0.577  1.00 9.17  ? 129 PHE A C   1 
ATOM   979  O O   . PHE A 1 128 ? 6.401   7.441   0.598   1.00 8.29  ? 129 PHE A O   1 
ATOM   980  C CB  . PHE A 1 128 ? 4.020   8.431   -0.665  1.00 8.38  ? 129 PHE A CB  1 
ATOM   981  C CG  . PHE A 1 128 ? 3.142   7.254   -0.349  1.00 6.40  ? 129 PHE A CG  1 
ATOM   982  C CD1 . PHE A 1 128 ? 2.221   6.799   -1.272  1.00 4.93  ? 129 PHE A CD1 1 
ATOM   983  C CD2 . PHE A 1 128 ? 3.243   6.602   0.875   1.00 4.41  ? 129 PHE A CD2 1 
ATOM   984  C CE1 . PHE A 1 128 ? 1.407   5.703   -0.988  1.00 6.65  ? 129 PHE A CE1 1 
ATOM   985  C CE2 . PHE A 1 128 ? 2.433   5.519   1.176   1.00 6.14  ? 129 PHE A CE2 1 
ATOM   986  C CZ  . PHE A 1 128 ? 1.511   5.065   0.244   1.00 6.53  ? 129 PHE A CZ  1 
ATOM   987  N N   . GLY A 1 129 ? 6.613   6.038   -1.149  1.00 6.89  ? 130 GLY A N   1 
ATOM   988  C CA  . GLY A 1 129 ? 7.468   5.139   -0.395  1.00 7.96  ? 130 GLY A CA  1 
ATOM   989  C C   . GLY A 1 129 ? 8.066   4.035   -1.231  1.00 9.35  ? 130 GLY A C   1 
ATOM   990  O O   . GLY A 1 129 ? 7.867   3.988   -2.446  1.00 7.05  ? 130 GLY A O   1 
ATOM   991  N N   . LYS A 1 130 ? 8.794   3.137   -0.573  1.00 8.62  ? 131 LYS A N   1 
ATOM   992  C CA  . LYS A 1 130 ? 9.368   1.975   -1.243  1.00 9.50  ? 131 LYS A CA  1 
ATOM   993  C C   . LYS A 1 130 ? 9.612   0.863   -0.225  1.00 11.17 ? 131 LYS A C   1 
ATOM   994  O O   . LYS A 1 130 ? 9.889   1.126   0.942   1.00 8.31  ? 131 LYS A O   1 
ATOM   995  C CB  . LYS A 1 130 ? 10.689  2.335   -1.924  1.00 8.22  ? 131 LYS A CB  1 
ATOM   996  C CG  . LYS A 1 130 ? 11.774  2.753   -0.920  1.00 17.81 ? 131 LYS A CG  1 
ATOM   997  C CD  . LYS A 1 130 ? 13.152  2.935   -1.574  1.00 35.23 ? 131 LYS A CD  1 
ATOM   998  C CE  . LYS A 1 130 ? 13.170  4.092   -2.571  1.00 42.52 ? 131 LYS A CE  1 
ATOM   999  N NZ  . LYS A 1 130 ? 14.548  4.439   -3.039  1.00 56.82 ? 131 LYS A NZ  1 
ATOM   1000 N N   . VAL A 1 131 ? 9.507   -0.378  -0.676  1.00 11.07 ? 132 VAL A N   1 
ATOM   1001 C CA  . VAL A 1 131 ? 9.822   -1.512  0.177   1.00 8.73  ? 132 VAL A CA  1 
ATOM   1002 C C   . VAL A 1 131 ? 11.296  -1.427  0.545   1.00 12.67 ? 132 VAL A C   1 
ATOM   1003 O O   . VAL A 1 131 ? 12.137  -1.161  -0.319  1.00 10.97 ? 132 VAL A O   1 
ATOM   1004 C CB  . VAL A 1 131 ? 9.565   -2.830  -0.550  1.00 9.58  ? 132 VAL A CB  1 
ATOM   1005 C CG1 . VAL A 1 131 ? 10.198  -3.983  0.217   1.00 12.89 ? 132 VAL A CG1 1 
ATOM   1006 C CG2 . VAL A 1 131 ? 8.051   -3.054  -0.755  1.00 9.20  ? 132 VAL A CG2 1 
ATOM   1007 N N   . LYS A 1 132 ? 11.603  -1.635  1.822   1.00 11.82 ? 133 LYS A N   1 
ATOM   1008 C CA  . LYS A 1 132 ? 12.985  -1.647  2.289   1.00 13.39 ? 133 LYS A CA  1 
ATOM   1009 C C   . LYS A 1 132 ? 13.444  -3.085  2.498   1.00 14.35 ? 133 LYS A C   1 
ATOM   1010 O O   . LYS A 1 132 ? 14.464  -3.500  1.962   1.00 22.69 ? 133 LYS A O   1 
ATOM   1011 C CB  . LYS A 1 132 ? 13.110  -0.857  3.597   1.00 12.98 ? 133 LYS A CB  1 
ATOM   1012 C CG  . LYS A 1 132 ? 14.535  -0.588  4.024   1.00 27.62 ? 133 LYS A CG  1 
ATOM   1013 C CD  . LYS A 1 132 ? 14.606  -0.093  5.462   1.00 34.06 ? 133 LYS A CD  1 
ATOM   1014 C CE  . LYS A 1 132 ? 13.716  1.120   5.672   1.00 25.35 ? 133 LYS A CE  1 
ATOM   1015 N NZ  . LYS A 1 132 ? 14.131  1.850   6.908   1.00 33.77 ? 133 LYS A NZ  1 
ATOM   1016 N N   . GLU A 1 133 ? 12.689  -3.841  3.286   1.00 9.97  ? 134 GLU A N   1 
ATOM   1017 C CA  . GLU A 1 133 ? 12.977  -5.257  3.488   1.00 15.84 ? 134 GLU A CA  1 
ATOM   1018 C C   . GLU A 1 133 ? 11.755  -6.086  3.104   1.00 12.33 ? 134 GLU A C   1 
ATOM   1019 O O   . GLU A 1 133 ? 10.628  -5.620  3.236   1.00 9.49  ? 134 GLU A O   1 
ATOM   1020 C CB  . GLU A 1 133 ? 13.371  -5.537  4.948   1.00 17.23 ? 134 GLU A CB  1 
ATOM   1021 C CG  . GLU A 1 133 ? 14.545  -4.697  5.456   1.00 20.12 ? 134 GLU A CG  1 
ATOM   1022 C CD  . GLU A 1 133 ? 15.846  -4.946  4.691   1.00 37.22 ? 134 GLU A CD  1 
ATOM   1023 O OE1 . GLU A 1 133 ? 16.035  -6.068  4.165   1.00 35.31 ? 134 GLU A OE1 1 
ATOM   1024 O OE2 . GLU A 1 133 ? 16.685  -4.018  4.616   1.00 36.51 ? 134 GLU A OE2 1 
ATOM   1025 N N   . GLY A 1 134 ? 11.979  -7.305  2.623   1.00 10.75 ? 135 GLY A N   1 
ATOM   1026 C CA  . GLY A 1 134 ? 10.882  -8.226  2.356   1.00 9.57  ? 135 GLY A CA  1 
ATOM   1027 C C   . GLY A 1 134 ? 10.262  -8.160  0.967   1.00 9.25  ? 135 GLY A C   1 
ATOM   1028 O O   . GLY A 1 134 ? 9.106   -8.545  0.791   1.00 10.17 ? 135 GLY A O   1 
ATOM   1029 N N   . MET A 1 135 ? 11.011  -7.679  -0.024  1.00 7.88  ? 136 MET A N   1 
ATOM   1030 C CA  . MET A 1 135 ? 10.502  -7.685  -1.395  1.00 9.46  ? 136 MET A CA  1 
ATOM   1031 C C   . MET A 1 135 ? 10.175  -9.118  -1.832  1.00 10.93 ? 136 MET A C   1 
ATOM   1032 O O   . MET A 1 135 ? 9.249   -9.348  -2.621  1.00 11.26 ? 136 MET A O   1 
ATOM   1033 C CB  . MET A 1 135 ? 11.493  -7.045  -2.373  1.00 10.19 ? 136 MET A CB  1 
ATOM   1034 C CG  . MET A 1 135 ? 10.924  -6.874  -3.789  1.00 11.49 ? 136 MET A CG  1 
ATOM   1035 S SD  . MET A 1 135 ? 9.491   -5.765  -3.792  1.00 13.41 ? 136 MET A SD  1 
ATOM   1036 C CE  . MET A 1 135 ? 8.532   -6.362  -5.188  1.00 10.63 ? 136 MET A CE  1 
ATOM   1037 N N   . ASN A 1 136 ? 10.932  -10.078 -1.314  1.00 9.75  ? 137 ASN A N   1 
ATOM   1038 C CA  . ASN A 1 136 ? 10.674  -11.496 -1.590  1.00 11.69 ? 137 ASN A CA  1 
ATOM   1039 C C   . ASN A 1 136 ? 9.279   -11.910 -1.133  1.00 11.08 ? 137 ASN A C   1 
ATOM   1040 O O   . ASN A 1 136 ? 8.623   -12.727 -1.778  1.00 11.36 ? 137 ASN A O   1 
ATOM   1041 C CB  . ASN A 1 136 ? 11.703  -12.391 -0.888  1.00 14.93 ? 137 ASN A CB  1 
ATOM   1042 C CG  . ASN A 1 136 ? 13.092  -12.318 -1.520  1.00 18.62 ? 137 ASN A CG  1 
ATOM   1043 O OD1 . ASN A 1 136 ? 13.255  -11.882 -2.658  1.00 22.55 ? 137 ASN A OD1 1 
ATOM   1044 N ND2 . ASN A 1 136 ? 14.101  -12.770 -0.773  1.00 19.88 ? 137 ASN A ND2 1 
ATOM   1045 N N   . ILE A 1 137 ? 8.843   -11.356 -0.001  1.00 7.84  ? 138 ILE A N   1 
ATOM   1046 C CA  . ILE A 1 137 ? 7.490   -11.596 0.501   1.00 8.65  ? 138 ILE A CA  1 
ATOM   1047 C C   . ILE A 1 137 ? 6.430   -11.019 -0.437  1.00 10.95 ? 138 ILE A C   1 
ATOM   1048 O O   . ILE A 1 137 ? 5.395   -11.643 -0.663  1.00 10.03 ? 138 ILE A O   1 
ATOM   1049 C CB  . ILE A 1 137 ? 7.293   -11.023 1.917   1.00 8.72  ? 138 ILE A CB  1 
ATOM   1050 C CG1 . ILE A 1 137 ? 8.340   -11.604 2.879   1.00 7.64  ? 138 ILE A CG1 1 
ATOM   1051 C CG2 . ILE A 1 137 ? 5.881   -11.312 2.412   1.00 12.64 ? 138 ILE A CG2 1 
ATOM   1052 C CD1 . ILE A 1 137 ? 8.419   -13.152 2.860   1.00 6.82  ? 138 ILE A CD1 1 
ATOM   1053 N N   . VAL A 1 138 ? 6.681   -9.828  -0.981  1.00 9.95  ? 139 VAL A N   1 
ATOM   1054 C CA  . VAL A 1 138 ? 5.737   -9.234  -1.931  1.00 9.30  ? 139 VAL A CA  1 
ATOM   1055 C C   . VAL A 1 138 ? 5.685   -10.088 -3.197  1.00 7.97  ? 139 VAL A C   1 
ATOM   1056 O O   . VAL A 1 138 ? 4.618   -10.342 -3.741  1.00 10.63 ? 139 VAL A O   1 
ATOM   1057 C CB  . VAL A 1 138 ? 6.092   -7.766  -2.285  1.00 6.37  ? 139 VAL A CB  1 
ATOM   1058 C CG1 . VAL A 1 138 ? 5.105   -7.196  -3.320  1.00 5.46  ? 139 VAL A CG1 1 
ATOM   1059 C CG2 . VAL A 1 138 ? 6.107   -6.887  -1.028  1.00 7.61  ? 139 VAL A CG2 1 
ATOM   1060 N N   . GLU A 1 139 ? 6.841   -10.543 -3.662  1.00 10.10 ? 140 GLU A N   1 
ATOM   1061 C CA  . GLU A 1 139 ? 6.860   -11.435 -4.813  1.00 10.93 ? 140 GLU A CA  1 
ATOM   1062 C C   . GLU A 1 139 ? 6.036   -12.691 -4.535  1.00 13.33 ? 140 GLU A C   1 
ATOM   1063 O O   . GLU A 1 139 ? 5.235   -13.110 -5.373  1.00 11.69 ? 140 GLU A O   1 
ATOM   1064 C CB  . GLU A 1 139 ? 8.294   -11.792 -5.201  1.00 12.18 ? 140 GLU A CB  1 
ATOM   1065 C CG  . GLU A 1 139 ? 9.075   -10.617 -5.768  1.00 15.41 ? 140 GLU A CG  1 
ATOM   1066 C CD  . GLU A 1 139 ? 10.450  -11.016 -6.246  1.00 24.35 ? 140 GLU A CD  1 
ATOM   1067 O OE1 . GLU A 1 139 ? 10.576  -12.074 -6.897  1.00 38.92 ? 140 GLU A OE1 1 
ATOM   1068 O OE2 . GLU A 1 139 ? 11.410  -10.275 -5.971  1.00 30.70 ? 140 GLU A OE2 1 
ATOM   1069 N N   . ALA A 1 140 ? 6.221   -13.278 -3.351  1.00 7.68  ? 141 ALA A N   1 
ATOM   1070 C CA  . ALA A 1 140 ? 5.482   -14.484 -2.990  1.00 12.97 ? 141 ALA A CA  1 
ATOM   1071 C C   . ALA A 1 140 ? 3.976   -14.243 -2.980  1.00 10.71 ? 141 ALA A C   1 
ATOM   1072 O O   . ALA A 1 140 ? 3.198   -15.127 -3.343  1.00 12.50 ? 141 ALA A O   1 
ATOM   1073 C CB  . ALA A 1 140 ? 5.943   -15.022 -1.641  1.00 12.38 ? 141 ALA A CB  1 
ATOM   1074 N N   . MET A 1 141 ? 3.565   -13.051 -2.562  1.00 9.11  ? 142 MET A N   1 
ATOM   1075 C CA  . MET A 1 141 ? 2.151   -12.696 -2.576  1.00 10.23 ? 142 MET A CA  1 
ATOM   1076 C C   . MET A 1 141 ? 1.536   -12.832 -3.977  1.00 10.02 ? 142 MET A C   1 
ATOM   1077 O O   . MET A 1 141 ? 0.356   -13.157 -4.118  1.00 9.46  ? 142 MET A O   1 
ATOM   1078 C CB  . MET A 1 141 ? 1.937   -11.274 -2.046  1.00 7.14  ? 142 MET A CB  1 
ATOM   1079 C CG  . MET A 1 141 ? 2.139   -11.128 -0.534  1.00 13.05 ? 142 MET A CG  1 
ATOM   1080 S SD  . MET A 1 141 ? 2.254   -9.392  -0.045  1.00 10.11 ? 142 MET A SD  1 
ATOM   1081 C CE  . MET A 1 141 ? 0.685   -8.788  -0.652  1.00 7.67  ? 142 MET A CE  1 
ATOM   1082 N N   . GLU A 1 142 ? 2.337   -12.595 -5.007  1.00 10.15 ? 143 GLU A N   1 
ATOM   1083 C CA  . GLU A 1 142 ? 1.859   -12.710 -6.387  1.00 9.66  ? 143 GLU A CA  1 
ATOM   1084 C C   . GLU A 1 142 ? 1.374   -14.119 -6.725  1.00 11.77 ? 143 GLU A C   1 
ATOM   1085 O O   . GLU A 1 142 ? 0.529   -14.297 -7.605  1.00 9.92  ? 143 GLU A O   1 
ATOM   1086 C CB  . GLU A 1 142 ? 2.957   -12.309 -7.374  1.00 11.09 ? 143 GLU A CB  1 
ATOM   1087 C CG  . GLU A 1 142 ? 3.323   -10.841 -7.323  1.00 11.95 ? 143 GLU A CG  1 
ATOM   1088 C CD  . GLU A 1 142 ? 4.397   -10.492 -8.337  1.00 10.97 ? 143 GLU A CD  1 
ATOM   1089 O OE1 . GLU A 1 142 ? 5.560   -10.881 -8.120  1.00 17.47 ? 143 GLU A OE1 1 
ATOM   1090 O OE2 . GLU A 1 142 ? 4.076   -9.846  -9.356  1.00 14.56 ? 143 GLU A OE2 1 
ATOM   1091 N N   . ARG A 1 143 ? 1.917   -15.118 -6.039  1.00 11.32 ? 144 ARG A N   1 
ATOM   1092 C CA  . ARG A 1 143 ? 1.476   -16.498 -6.226  1.00 11.50 ? 144 ARG A CA  1 
ATOM   1093 C C   . ARG A 1 143 ? -0.031  -16.623 -6.019  1.00 12.46 ? 144 ARG A C   1 
ATOM   1094 O O   . ARG A 1 143 ? -0.682  -17.494 -6.594  1.00 12.50 ? 144 ARG A O   1 
ATOM   1095 C CB  . ARG A 1 143 ? 2.202   -17.425 -5.249  1.00 12.45 ? 144 ARG A CB  1 
ATOM   1096 C CG  . ARG A 1 143 ? 1.572   -18.823 -5.115  1.00 11.40 ? 144 ARG A CG  1 
ATOM   1097 C CD  . ARG A 1 143 ? 1.776   -19.653 -6.364  1.00 13.30 ? 144 ARG A CD  1 
ATOM   1098 N NE  . ARG A 1 143 ? 1.252   -21.013 -6.233  1.00 13.03 ? 144 ARG A NE  1 
ATOM   1099 C CZ  . ARG A 1 143 ? -0.038  -21.333 -6.294  1.00 21.61 ? 144 ARG A CZ  1 
ATOM   1100 N NH1 . ARG A 1 143 ? -0.957  -20.384 -6.453  1.00 18.46 ? 144 ARG A NH1 1 
ATOM   1101 N NH2 . ARG A 1 143 ? -0.413  -22.603 -6.177  1.00 21.46 ? 144 ARG A NH2 1 
ATOM   1102 N N   . PHE A 1 144 ? -0.591  -15.744 -5.203  1.00 8.77  ? 145 PHE A N   1 
ATOM   1103 C CA  . PHE A 1 144 ? -1.996  -15.871 -4.832  1.00 10.87 ? 145 PHE A CA  1 
ATOM   1104 C C   . PHE A 1 144 ? -2.921  -14.938 -5.598  1.00 12.02 ? 145 PHE A C   1 
ATOM   1105 O O   . PHE A 1 144 ? -4.109  -14.841 -5.294  1.00 10.96 ? 145 PHE A O   1 
ATOM   1106 C CB  . PHE A 1 144 ? -2.138  -15.732 -3.316  1.00 10.62 ? 145 PHE A CB  1 
ATOM   1107 C CG  . PHE A 1 144 ? -1.242  -16.677 -2.582  1.00 12.97 ? 145 PHE A CG  1 
ATOM   1108 C CD1 . PHE A 1 144 ? -1.576  -18.022 -2.492  1.00 14.20 ? 145 PHE A CD1 1 
ATOM   1109 C CD2 . PHE A 1 144 ? -0.023  -16.250 -2.070  1.00 11.03 ? 145 PHE A CD2 1 
ATOM   1110 C CE1 . PHE A 1 144 ? -0.732  -18.924 -1.856  1.00 14.14 ? 145 PHE A CE1 1 
ATOM   1111 C CE2 . PHE A 1 144 ? 0.826   -17.142 -1.427  1.00 11.24 ? 145 PHE A CE2 1 
ATOM   1112 C CZ  . PHE A 1 144 ? 0.472   -18.482 -1.322  1.00 12.58 ? 145 PHE A CZ  1 
ATOM   1113 N N   . GLY A 1 145 ? -2.372  -14.271 -6.611  1.00 10.75 ? 146 GLY A N   1 
ATOM   1114 C CA  . GLY A 1 145 ? -3.185  -13.448 -7.488  1.00 9.58  ? 146 GLY A CA  1 
ATOM   1115 C C   . GLY A 1 145 ? -3.507  -14.109 -8.822  1.00 13.22 ? 146 GLY A C   1 
ATOM   1116 O O   . GLY A 1 145 ? -3.322  -15.311 -8.995  1.00 11.96 ? 146 GLY A O   1 
ATOM   1117 N N   . SER A 1 146 ? -3.987  -13.312 -9.771  1.00 13.10 ? 147 SER A N   1 
ATOM   1118 C CA  . SER A 1 146 ? -4.367  -13.823 -11.084 1.00 15.21 ? 147 SER A CA  1 
ATOM   1119 C C   . SER A 1 146 ? -4.377  -12.680 -12.081 1.00 20.91 ? 147 SER A C   1 
ATOM   1120 O O   . SER A 1 146 ? -4.224  -11.517 -11.705 1.00 15.53 ? 147 SER A O   1 
ATOM   1121 C CB  . SER A 1 146 ? -5.761  -14.455 -11.035 1.00 16.91 ? 147 SER A CB  1 
ATOM   1122 O OG  . SER A 1 146 ? -6.743  -13.496 -10.663 1.00 17.61 ? 147 SER A OG  1 
ATOM   1123 N N   . ARG A 1 147 ? -4.590  -13.020 -13.349 1.00 18.11 ? 148 ARG A N   1 
ATOM   1124 C CA  . ARG A 1 147 ? -4.631  -12.048 -14.425 1.00 21.26 ? 148 ARG A CA  1 
ATOM   1125 C C   . ARG A 1 147 ? -5.669  -10.953 -14.186 1.00 21.25 ? 148 ARG A C   1 
ATOM   1126 O O   . ARG A 1 147 ? -5.405  -9.790  -14.449 1.00 21.09 ? 148 ARG A O   1 
ATOM   1127 C CB  . ARG A 1 147 ? -4.883  -12.755 -15.761 1.00 25.71 ? 148 ARG A CB  1 
ATOM   1128 C CG  . ARG A 1 147 ? -4.551  -11.916 -16.975 1.00 42.64 ? 148 ARG A CG  1 
ATOM   1129 C CD  . ARG A 1 147 ? -4.237  -12.796 -18.167 1.00 52.77 ? 148 ARG A CD  1 
ATOM   1130 N NE  . ARG A 1 147 ? -3.140  -13.717 -17.878 1.00 60.31 ? 148 ARG A NE  1 
ATOM   1131 C CZ  . ARG A 1 147 ? -2.431  -14.350 -18.807 1.00 77.32 ? 148 ARG A CZ  1 
ATOM   1132 N NH1 . ARG A 1 147 ? -2.695  -14.161 -20.094 1.00 78.62 ? 148 ARG A NH1 1 
ATOM   1133 N NH2 . ARG A 1 147 ? -1.451  -15.170 -18.449 1.00 80.69 ? 148 ARG A NH2 1 
ATOM   1134 N N   . ASN A 1 148 ? -6.841  -11.304 -13.672 1.00 16.45 ? 149 ASN A N   1 
ATOM   1135 C CA  . ASN A 1 148 ? -7.843  -10.277 -13.405 1.00 19.73 ? 149 ASN A CA  1 
ATOM   1136 C C   . ASN A 1 148 ? -7.746  -9.663  -12.003 1.00 21.51 ? 149 ASN A C   1 
ATOM   1137 O O   . ASN A 1 148 ? -8.471  -8.724  -11.682 1.00 18.88 ? 149 ASN A O   1 
ATOM   1138 C CB  . ASN A 1 148 ? -9.271  -10.761 -13.729 1.00 24.18 ? 149 ASN A CB  1 
ATOM   1139 C CG  . ASN A 1 148 ? -9.897  -11.593 -12.616 1.00 25.11 ? 149 ASN A CG  1 
ATOM   1140 O OD1 . ASN A 1 148 ? -9.293  -11.827 -11.573 1.00 23.35 ? 149 ASN A OD1 1 
ATOM   1141 N ND2 . ASN A 1 148 ? -11.136 -12.022 -12.835 1.00 30.58 ? 149 ASN A ND2 1 
ATOM   1142 N N   . GLY A 1 149 ? -6.839  -10.185 -11.178 1.00 15.37 ? 150 GLY A N   1 
ATOM   1143 C CA  . GLY A 1 149 ? -6.591  -9.592  -9.874  1.00 14.69 ? 150 GLY A CA  1 
ATOM   1144 C C   . GLY A 1 149 ? -7.232  -10.286 -8.684  1.00 18.03 ? 150 GLY A C   1 
ATOM   1145 O O   . GLY A 1 149 ? -6.801  -10.092 -7.554  1.00 12.39 ? 150 GLY A O   1 
ATOM   1146 N N   . LYS A 1 150 ? -8.265  -11.086 -8.915  1.00 14.15 ? 151 LYS A N   1 
ATOM   1147 C CA  . LYS A 1 150 ? -8.897  -11.795 -7.810  1.00 16.11 ? 151 LYS A CA  1 
ATOM   1148 C C   . LYS A 1 150 ? -7.883  -12.730 -7.146  1.00 11.68 ? 151 LYS A C   1 
ATOM   1149 O O   . LYS A 1 150 ? -7.082  -13.367 -7.831  1.00 10.49 ? 151 LYS A O   1 
ATOM   1150 C CB  . LYS A 1 150 ? -10.123 -12.575 -8.301  1.00 21.42 ? 151 LYS A CB  1 
ATOM   1151 C CG  . LYS A 1 150 ? -10.428 -13.834 -7.499  1.00 28.87 ? 151 LYS A CG  1 
ATOM   1152 C CD  . LYS A 1 150 ? -10.431 -15.075 -8.401  1.00 43.52 ? 151 LYS A CD  1 
ATOM   1153 C CE  . LYS A 1 150 ? -9.081  -15.301 -9.118  1.00 41.98 ? 151 LYS A CE  1 
ATOM   1154 N NZ  . LYS A 1 150 ? -8.023  -15.965 -8.276  1.00 27.10 ? 151 LYS A NZ  1 
ATOM   1155 N N   . THR A 1 151 ? -7.899  -12.790 -5.816  1.00 11.19 ? 152 THR A N   1 
ATOM   1156 C CA  . THR A 1 151 ? -6.947  -13.632 -5.088  1.00 13.02 ? 152 THR A CA  1 
ATOM   1157 C C   . THR A 1 151 ? -7.487  -15.037 -4.793  1.00 16.48 ? 152 THR A C   1 
ATOM   1158 O O   . THR A 1 151 ? -8.669  -15.214 -4.510  1.00 17.08 ? 152 THR A O   1 
ATOM   1159 C CB  . THR A 1 151 ? -6.462  -12.964 -3.779  1.00 11.80 ? 152 THR A CB  1 
ATOM   1160 O OG1 . THR A 1 151 ? -7.574  -12.719 -2.914  1.00 13.33 ? 152 THR A OG1 1 
ATOM   1161 C CG2 . THR A 1 151 ? -5.757  -11.636 -4.078  1.00 9.66  ? 152 THR A CG2 1 
ATOM   1162 N N   . SER A 1 152 ? -6.608  -16.035 -4.860  1.00 16.13 ? 153 SER A N   1 
ATOM   1163 C CA  . SER A 1 152 ? -7.018  -17.425 -4.680  1.00 17.80 ? 153 SER A CA  1 
ATOM   1164 C C   . SER A 1 152 ? -7.073  -17.813 -3.205  1.00 21.08 ? 153 SER A C   1 
ATOM   1165 O O   . SER A 1 152 ? -7.654  -18.834 -2.849  1.00 15.30 ? 153 SER A O   1 
ATOM   1166 C CB  . SER A 1 152 ? -6.100  -18.379 -5.459  1.00 17.58 ? 153 SER A CB  1 
ATOM   1167 O OG  . SER A 1 152 ? -4.749  -18.286 -5.034  1.00 15.81 ? 153 SER A OG  1 
ATOM   1168 N N   . LYS A 1 153 ? -6.449  -16.993 -2.361  1.00 14.32 ? 154 LYS A N   1 
ATOM   1169 C CA  . LYS A 1 153 ? -6.514  -17.147 -0.914  1.00 13.52 ? 154 LYS A CA  1 
ATOM   1170 C C   . LYS A 1 153 ? -6.587  -15.761 -0.301  1.00 17.57 ? 154 LYS A C   1 
ATOM   1171 O O   . LYS A 1 153 ? -6.293  -14.768 -0.962  1.00 14.91 ? 154 LYS A O   1 
ATOM   1172 C CB  . LYS A 1 153 ? -5.280  -17.877 -0.381  1.00 15.42 ? 154 LYS A CB  1 
ATOM   1173 C CG  . LYS A 1 153 ? -5.301  -19.382 -0.628  1.00 18.67 ? 154 LYS A CG  1 
ATOM   1174 C CD  . LYS A 1 153 ? -3.955  -19.998 -0.320  1.00 21.31 ? 154 LYS A CD  1 
ATOM   1175 C CE  . LYS A 1 153 ? -3.901  -21.461 -0.729  1.00 29.39 ? 154 LYS A CE  1 
ATOM   1176 N NZ  . LYS A 1 153 ? -4.430  -22.333 0.339   1.00 28.93 ? 154 LYS A NZ  1 
ATOM   1177 N N   . LYS A 1 154 ? -6.973  -15.690 0.961   1.00 14.52 ? 155 LYS A N   1 
ATOM   1178 C CA  . LYS A 1 154 ? -7.105  -14.400 1.626   1.00 16.58 ? 155 LYS A CA  1 
ATOM   1179 C C   . LYS A 1 154 ? -5.734  -13.913 2.098   1.00 12.89 ? 155 LYS A C   1 
ATOM   1180 O O   . LYS A 1 154 ? -5.102  -14.544 2.942   1.00 11.56 ? 155 LYS A O   1 
ATOM   1181 C CB  . LYS A 1 154 ? -8.086  -14.522 2.792   1.00 20.06 ? 155 LYS A CB  1 
ATOM   1182 C CG  . LYS A 1 154 ? -8.447  -13.205 3.450   1.00 37.98 ? 155 LYS A CG  1 
ATOM   1183 C CD  . LYS A 1 154 ? -9.703  -12.581 2.837   1.00 41.65 ? 155 LYS A CD  1 
ATOM   1184 C CE  . LYS A 1 154 ? -10.230 -11.443 3.724   1.00 39.80 ? 155 LYS A CE  1 
ATOM   1185 N NZ  . LYS A 1 154 ? -11.440 -10.799 3.143   1.00 37.41 ? 155 LYS A NZ  1 
ATOM   1186 N N   . ILE A 1 155 ? -5.271  -12.806 1.514   1.00 9.75  ? 156 ILE A N   1 
ATOM   1187 C CA  . ILE A 1 155 ? -3.967  -12.223 1.823   1.00 9.35  ? 156 ILE A CA  1 
ATOM   1188 C C   . ILE A 1 155 ? -4.174  -10.998 2.711   1.00 11.16 ? 156 ILE A C   1 
ATOM   1189 O O   . ILE A 1 155 ? -4.687  -9.985  2.251   1.00 9.59  ? 156 ILE A O   1 
ATOM   1190 C CB  . ILE A 1 155 ? -3.243  -11.778 0.541   1.00 8.93  ? 156 ILE A CB  1 
ATOM   1191 C CG1 . ILE A 1 155 ? -3.263  -12.900 -0.510  1.00 12.49 ? 156 ILE A CG1 1 
ATOM   1192 C CG2 . ILE A 1 155 ? -1.814  -11.353 0.851   1.00 11.30 ? 156 ILE A CG2 1 
ATOM   1193 C CD1 . ILE A 1 155 ? -2.607  -14.178 -0.030  1.00 12.70 ? 156 ILE A CD1 1 
ATOM   1194 N N   . THR A 1 156 ? -3.787  -11.087 3.981   1.00 9.22  ? 157 THR A N   1 
ATOM   1195 C CA  . THR A 1 156 ? -4.125  -10.035 4.933   1.00 9.77  ? 157 THR A CA  1 
ATOM   1196 C C   . THR A 1 156 ? -2.923  -9.403  5.609   1.00 8.97  ? 157 THR A C   1 
ATOM   1197 O O   . THR A 1 156 ? -1.861  -9.999  5.708   1.00 8.96  ? 157 THR A O   1 
ATOM   1198 C CB  . THR A 1 156 ? -5.044  -10.550 6.058   1.00 11.74 ? 157 THR A CB  1 
ATOM   1199 O OG1 . THR A 1 156 ? -4.390  -11.622 6.758   1.00 10.98 ? 157 THR A OG1 1 
ATOM   1200 C CG2 . THR A 1 156 ? -6.357  -11.032 5.484   1.00 13.34 ? 157 THR A CG2 1 
ATOM   1201 N N   . ILE A 1 157 ? -3.122  -8.188  6.101   1.00 8.58  ? 158 ILE A N   1 
ATOM   1202 C CA  . ILE A 1 157 ? -2.146  -7.553  6.964   1.00 8.24  ? 158 ILE A CA  1 
ATOM   1203 C C   . ILE A 1 157 ? -2.471  -7.953  8.405   1.00 9.11  ? 158 ILE A C   1 
ATOM   1204 O O   . ILE A 1 157 ? -3.284  -7.324  9.070   1.00 10.08 ? 158 ILE A O   1 
ATOM   1205 C CB  . ILE A 1 157 ? -2.199  -6.033  6.802   1.00 9.98  ? 158 ILE A CB  1 
ATOM   1206 C CG1 . ILE A 1 157 ? -1.932  -5.677  5.335   1.00 7.16  ? 158 ILE A CG1 1 
ATOM   1207 C CG2 . ILE A 1 157 ? -1.204  -5.369  7.733   1.00 8.27  ? 158 ILE A CG2 1 
ATOM   1208 C CD1 . ILE A 1 157 ? -2.281  -4.241  4.974   1.00 6.70  ? 158 ILE A CD1 1 
ATOM   1209 N N   . ALA A 1 158 ? -1.848  -9.027  8.868   1.00 8.23  ? 159 ALA A N   1 
ATOM   1210 C CA  . ALA A 1 158 ? -2.163  -9.587  10.176  1.00 11.14 ? 159 ALA A CA  1 
ATOM   1211 C C   . ALA A 1 158 ? -1.753  -8.636  11.293  1.00 12.36 ? 159 ALA A C   1 
ATOM   1212 O O   . ALA A 1 158 ? -2.388  -8.579  12.348  1.00 10.51 ? 159 ALA A O   1 
ATOM   1213 C CB  . ALA A 1 158 ? -1.483  -10.938 10.345  1.00 13.41 ? 159 ALA A CB  1 
ATOM   1214 N N   . ASP A 1 159 ? -0.681  -7.894  11.053  1.00 9.53  ? 160 ASP A N   1 
ATOM   1215 C CA  . ASP A 1 159 ? -0.224  -6.885  12.000  1.00 12.57 ? 160 ASP A CA  1 
ATOM   1216 C C   . ASP A 1 159 ? 0.547   -5.836  11.213  1.00 11.02 ? 160 ASP A C   1 
ATOM   1217 O O   . ASP A 1 159 ? 1.030   -6.103  10.111  1.00 8.37  ? 160 ASP A O   1 
ATOM   1218 C CB  . ASP A 1 159 ? 0.668   -7.524  13.073  1.00 12.94 ? 160 ASP A CB  1 
ATOM   1219 C CG  . ASP A 1 159 ? 0.803   -6.660  14.321  1.00 16.39 ? 160 ASP A CG  1 
ATOM   1220 O OD1 . ASP A 1 159 ? 0.054   -5.670  14.475  1.00 13.03 ? 160 ASP A OD1 1 
ATOM   1221 O OD2 . ASP A 1 159 ? 1.662   -6.985  15.159  1.00 20.12 ? 160 ASP A OD2 1 
ATOM   1222 N N   . CYS A 1 160 ? 0.647   -4.640  11.771  1.00 8.95  ? 161 CYS A N   1 
ATOM   1223 C CA  . CYS A 1 160 ? 1.416   -3.586  11.145  1.00 9.13  ? 161 CYS A CA  1 
ATOM   1224 C C   . CYS A 1 160 ? 1.742   -2.552  12.203  1.00 11.57 ? 161 CYS A C   1 
ATOM   1225 O O   . CYS A 1 160 ? 1.077   -2.491  13.237  1.00 9.05  ? 161 CYS A O   1 
ATOM   1226 C CB  . CYS A 1 160 ? 0.649   -2.957  9.972   1.00 7.37  ? 161 CYS A CB  1 
ATOM   1227 S SG  . CYS A 1 160 ? -1.106  -2.592  10.275  1.00 9.44  ? 161 CYS A SG  1 
ATOM   1228 N N   . GLY A 1 161 ? 2.761   -1.744  11.939  1.00 6.56  ? 162 GLY A N   1 
ATOM   1229 C CA  . GLY A 1 161 ? 3.155   -0.701  12.868  1.00 7.72  ? 162 GLY A CA  1 
ATOM   1230 C C   . GLY A 1 161 ? 4.352   0.064   12.344  1.00 10.25 ? 162 GLY A C   1 
ATOM   1231 O O   . GLY A 1 161 ? 4.769   -0.117  11.191  1.00 7.92  ? 162 GLY A O   1 
ATOM   1232 N N   . GLN A 1 162 ? 4.923   0.897   13.206  1.00 7.55  ? 163 GLN A N   1 
ATOM   1233 C CA  . GLN A 1 162 ? 6.074   1.717   12.849  1.00 10.71 ? 163 GLN A CA  1 
ATOM   1234 C C   . GLN A 1 162 ? 7.320   1.229   13.570  1.00 11.85 ? 163 GLN A C   1 
ATOM   1235 O O   . GLN A 1 162 ? 7.286   0.965   14.776  1.00 10.31 ? 163 GLN A O   1 
ATOM   1236 C CB  . GLN A 1 162 ? 5.793   3.170   13.232  1.00 9.77  ? 163 GLN A CB  1 
ATOM   1237 C CG  . GLN A 1 162 ? 6.878   4.161   12.851  1.00 11.12 ? 163 GLN A CG  1 
ATOM   1238 C CD  . GLN A 1 162 ? 6.390   5.595   12.957  1.00 11.14 ? 163 GLN A CD  1 
ATOM   1239 O OE1 . GLN A 1 162 ? 5.230   5.846   13.307  1.00 10.21 ? 163 GLN A OE1 1 
ATOM   1240 N NE2 . GLN A 1 162 ? 7.267   6.543   12.655  1.00 9.34  ? 163 GLN A NE2 1 
ATOM   1241 N N   . LEU A 1 163 ? 8.419   1.123   12.830  1.00 11.22 ? 164 LEU A N   1 
ATOM   1242 C CA  . LEU A 1 163 ? 9.691   0.665   13.384  1.00 12.42 ? 164 LEU A CA  1 
ATOM   1243 C C   . LEU A 1 163 ? 10.606  1.834   13.738  1.00 17.93 ? 164 LEU A C   1 
ATOM   1244 O O   . LEU A 1 163 ? 11.439  1.733   14.635  1.00 14.68 ? 164 LEU A O   1 
ATOM   1245 C CB  . LEU A 1 163 ? 10.415  -0.237  12.380  1.00 12.90 ? 164 LEU A CB  1 
ATOM   1246 C CG  . LEU A 1 163 ? 9.688   -1.533  12.021  1.00 11.53 ? 164 LEU A CG  1 
ATOM   1247 C CD1 . LEU A 1 163 ? 10.443  -2.323  10.932  1.00 9.83  ? 164 LEU A CD1 1 
ATOM   1248 C CD2 . LEU A 1 163 ? 9.468   -2.375  13.273  1.00 13.66 ? 164 LEU A CD2 1 
ATOM   1249 N N   . GLU A 1 164 ? 10.457  2.937   13.011  1.00 15.00 ? 165 GLU A N   1 
ATOM   1250 C CA  . GLU A 1 164 ? 11.311  4.097   13.207  1.00 16.13 ? 165 GLU A CA  1 
ATOM   1251 C C   . GLU A 1 164 ? 10.583  5.345   12.728  1.00 19.83 ? 165 GLU A C   1 
ATOM   1252 O O   . GLU A 1 164 ? 10.751  6.433   13.283  1.00 25.12 ? 165 GLU A O   1 
ATOM   1253 C CB  . GLU A 1 164 ? 12.631  3.905   12.446  1.00 25.86 ? 165 GLU A CB  1 
ATOM   1254 C CG  . GLU A 1 164 ? 13.716  4.900   12.796  1.00 30.91 ? 165 GLU A CG  1 
ATOM   1255 C CD  . GLU A 1 164 ? 14.916  4.815   11.852  1.00 40.65 ? 165 GLU A CD  1 
ATOM   1256 O OE1 . GLU A 1 164 ? 14.883  3.991   10.915  1.00 38.73 ? 165 GLU A OE1 1 
ATOM   1257 O OE2 . GLU A 1 164 ? 15.890  5.571   12.054  1.00 51.52 ? 165 GLU A OE2 1 
ATOM   1258 O OXT . GLU A 1 164 ? 9.787   5.289   11.785  1.00 13.73 ? 165 GLU A OXT 1 
HETATM 1259 N N2  . 78E B 2 .   ? -5.732  0.129   -9.661  1.00 8.85  ? 300 78E A N2  1 
HETATM 1260 C C2  . 78E B 2 .   ? -2.985  1.112   -9.865  1.00 7.91  ? 300 78E A C2  1 
HETATM 1261 N N1  . 78E B 2 .   ? -5.312  1.356   -9.095  1.00 11.24 ? 300 78E A N1  1 
HETATM 1262 C C4  . 78E B 2 .   ? -4.903  -0.310  -10.804 1.00 10.21 ? 300 78E A C4  1 
HETATM 1263 C C5  . 78E B 2 .   ? -5.242  -1.737  -11.243 1.00 12.10 ? 300 78E A C5  1 
HETATM 1264 C C16 . 78E B 2 .   ? -5.308  -3.140  -13.223 1.00 16.06 ? 300 78E A C16 1 
HETATM 1265 C C18 . 78E B 2 .   ? -7.801  -2.675  -13.138 1.00 14.75 ? 300 78E A C18 1 
HETATM 1266 C C15 . 78E B 2 .   ? -12.114 3.162   -8.799  1.00 15.86 ? 300 78E A C15 1 
HETATM 1267 C C17 . 78E B 2 .   ? -6.712  -3.705  -12.927 1.00 18.92 ? 300 78E A C17 1 
HETATM 1268 C C19 . 78E B 2 .   ? -8.709  -2.361  -12.200 1.00 17.62 ? 300 78E A C19 1 
HETATM 1269 C C1  . 78E B 2 .   ? -3.374  -0.225  -10.511 1.00 10.04 ? 300 78E A C1  1 
HETATM 1270 C C3  . 78E B 2 .   ? -3.906  1.395   -8.664  1.00 9.23  ? 300 78E A C3  1 
HETATM 1271 C C20 . 78E B 2 .   ? -9.741  -1.377  -12.423 1.00 18.44 ? 300 78E A C20 1 
HETATM 1272 O O1  . 78E B 2 .   ? -5.070  -1.891  -12.575 1.00 16.41 ? 300 78E A O1  1 
HETATM 1273 C C21 . 78E B 2 .   ? -10.649 -1.046  -11.494 1.00 18.97 ? 300 78E A C21 1 
HETATM 1274 O O2  . 78E B 2 .   ? -5.607  -2.610  -10.465 1.00 12.66 ? 300 78E A O2  1 
HETATM 1275 O O5  . 78E B 2 .   ? -11.530 4.071   -9.385  1.00 14.02 ? 300 78E A O5  1 
HETATM 1276 C C22 . 78E B 2 .   ? -11.731 -0.018  -11.724 1.00 18.06 ? 300 78E A C22 1 
HETATM 1277 C C23 . 78E B 2 .   ? -11.960 0.821   -10.468 1.00 14.64 ? 300 78E A C23 1 
HETATM 1278 C C29 . 78E B 2 .   ? -13.245 1.663   -10.523 1.00 18.42 ? 300 78E A C29 1 
HETATM 1279 C C30 . 78E B 2 .   ? -13.443 2.643   -9.347  1.00 12.87 ? 300 78E A C30 1 
HETATM 1280 N N4  . 78E B 2 .   ? -11.653 2.580   -7.681  1.00 11.37 ? 300 78E A N4  1 
HETATM 1281 C C10 . 78E B 2 .   ? -10.394 2.883   -7.001  1.00 9.28  ? 300 78E A C10 1 
HETATM 1282 C C9  . 78E B 2 .   ? -9.308  2.076   -7.723  1.00 9.92  ? 300 78E A C9  1 
HETATM 1283 O O4  . 78E B 2 .   ? -9.105  0.896   -7.435  1.00 9.23  ? 300 78E A O4  1 
HETATM 1284 C C11 . 78E B 2 .   ? -10.419 2.848   -5.449  1.00 10.94 ? 300 78E A C11 1 
HETATM 1285 C C13 . 78E B 2 .   ? -11.642 3.512   -4.791  1.00 8.88  ? 300 78E A C13 1 
HETATM 1286 C C12 . 78E B 2 .   ? -9.111  3.448   -4.888  1.00 9.27  ? 300 78E A C12 1 
HETATM 1287 N N3  . 78E B 2 .   ? -8.649  2.715   -8.683  1.00 8.90  ? 300 78E A N3  1 
HETATM 1288 C C7  . 78E B 2 .   ? -7.624  2.151   -9.541  1.00 9.42  ? 300 78E A C7  1 
HETATM 1289 C C8  . 78E B 2 .   ? -7.829  2.901   -10.884 1.00 8.62  ? 300 78E A C8  1 
HETATM 1290 C C14 . 78E B 2 .   ? -6.894  2.461   -12.002 1.00 10.84 ? 300 78E A C14 1 
HETATM 1291 C C28 . 78E B 2 .   ? -7.208  1.345   -12.814 1.00 10.68 ? 300 78E A C28 1 
HETATM 1292 C C27 . 78E B 2 .   ? -6.330  0.947   -13.849 1.00 8.61  ? 300 78E A C27 1 
HETATM 1293 C C24 . 78E B 2 .   ? -5.710  3.184   -12.234 1.00 9.63  ? 300 78E A C24 1 
HETATM 1294 C C25 . 78E B 2 .   ? -4.829  2.788   -13.256 1.00 8.49  ? 300 78E A C25 1 
HETATM 1295 C C26 . 78E B 2 .   ? -5.140  1.674   -14.067 1.00 11.77 ? 300 78E A C26 1 
HETATM 1296 O O6  . 78E B 2 .   ? -3.681  3.499   -13.453 1.00 8.49  ? 300 78E A O6  1 
HETATM 1297 C C6  . 78E B 2 .   ? -6.188  2.380   -9.013  1.00 7.98  ? 300 78E A C6  1 
HETATM 1298 O O3  . 78E B 2 .   ? -5.870  3.467   -8.548  1.00 9.15  ? 300 78E A O3  1 
HETATM 1299 O O   . HOH C 3 .   ? 13.086  4.861   -16.895 1.00 37.37 ? 401 HOH A O   1 
HETATM 1300 O O   . HOH C 3 .   ? 12.543  -9.741  -3.969  1.00 25.97 ? 402 HOH A O   1 
HETATM 1301 O O   . HOH C 3 .   ? -6.016  9.742   -13.876 1.00 35.36 ? 403 HOH A O   1 
HETATM 1302 O O   . HOH C 3 .   ? -4.447  -8.358  -16.127 1.00 28.25 ? 404 HOH A O   1 
HETATM 1303 O O   . HOH C 3 .   ? 14.385  1.877   9.866   1.00 43.35 ? 405 HOH A O   1 
HETATM 1304 O O   . HOH C 3 .   ? 11.539  13.716  7.073   1.00 32.10 ? 406 HOH A O   1 
HETATM 1305 O O   . HOH C 3 .   ? 13.290  5.527   9.436   1.00 29.30 ? 407 HOH A O   1 
HETATM 1306 O O   . HOH C 3 .   ? 7.034   0.527   -20.867 1.00 32.65 ? 408 HOH A O   1 
HETATM 1307 O O   . HOH C 3 .   ? -0.179  -23.544 5.049   1.00 21.21 ? 409 HOH A O   1 
HETATM 1308 O O   . HOH C 3 .   ? -13.704 10.063  -9.054  1.00 23.96 ? 410 HOH A O   1 
HETATM 1309 O O   . HOH C 3 .   ? 11.637  -0.429  15.996  1.00 29.19 ? 411 HOH A O   1 
HETATM 1310 O O   . HOH C 3 .   ? -2.616  9.448   -6.125  1.00 7.03  ? 412 HOH A O   1 
HETATM 1311 O O   . HOH C 3 .   ? 13.623  1.728   -8.268  1.00 17.33 ? 413 HOH A O   1 
HETATM 1312 O O   . HOH C 3 .   ? -1.265  13.073  12.171  1.00 26.44 ? 414 HOH A O   1 
HETATM 1313 O O   . HOH C 3 .   ? 3.482   -5.560  16.417  1.00 20.89 ? 415 HOH A O   1 
HETATM 1314 O O   . HOH C 3 .   ? -12.493 5.862   -11.072 1.00 24.68 ? 416 HOH A O   1 
HETATM 1315 O O   . HOH C 3 .   ? -9.385  -18.380 1.433   1.00 35.80 ? 417 HOH A O   1 
HETATM 1316 O O   . HOH C 3 .   ? 15.667  5.954   0.116   1.00 24.29 ? 418 HOH A O   1 
HETATM 1317 O O   . HOH C 3 .   ? -4.863  -12.270 9.280   1.00 27.24 ? 419 HOH A O   1 
HETATM 1318 O O   . HOH C 3 .   ? 10.947  14.754  -9.770  1.00 22.33 ? 420 HOH A O   1 
HETATM 1319 O O   . HOH C 3 .   ? 8.009   18.201  -1.287  1.00 24.76 ? 421 HOH A O   1 
HETATM 1320 O O   . HOH C 3 .   ? 0.380   14.720  -13.713 1.00 17.99 ? 422 HOH A O   1 
HETATM 1321 O O   . HOH C 3 .   ? -0.664  -4.451  16.732  1.00 23.68 ? 423 HOH A O   1 
HETATM 1322 O O   . HOH C 3 .   ? 0.320   19.893  -3.135  1.00 34.13 ? 424 HOH A O   1 
HETATM 1323 O O   . HOH C 3 .   ? -1.916  10.736  16.107  1.00 20.68 ? 425 HOH A O   1 
HETATM 1324 O O   . HOH C 3 .   ? -7.685  -2.101  11.637  1.00 11.74 ? 426 HOH A O   1 
HETATM 1325 O O   . HOH C 3 .   ? 10.947  6.385   -7.133  1.00 16.09 ? 427 HOH A O   1 
HETATM 1326 O O   . HOH C 3 .   ? -8.374  -9.959  9.090   1.00 23.65 ? 428 HOH A O   1 
HETATM 1327 O O   . HOH C 3 .   ? -10.622 -7.868  6.193   1.00 25.10 ? 429 HOH A O   1 
HETATM 1328 O O   . HOH C 3 .   ? -5.878  11.109  -6.636  1.00 9.92  ? 430 HOH A O   1 
HETATM 1329 O O   . HOH C 3 .   ? -1.149  7.850   1.991   1.00 8.06  ? 431 HOH A O   1 
HETATM 1330 O O   . HOH C 3 .   ? 14.775  -8.149  3.008   1.00 22.86 ? 432 HOH A O   1 
HETATM 1331 O O   . HOH C 3 .   ? -10.161 -1.155  -6.042  1.00 14.39 ? 433 HOH A O   1 
HETATM 1332 O O   . HOH C 3 .   ? -10.014 -8.227  -7.124  1.00 19.21 ? 434 HOH A O   1 
HETATM 1333 O O   . HOH C 3 .   ? -11.550 2.042   16.983  1.00 25.09 ? 435 HOH A O   1 
HETATM 1334 O O   . HOH C 3 .   ? -10.395 7.214   -4.383  1.00 18.41 ? 436 HOH A O   1 
HETATM 1335 O O   . HOH C 3 .   ? 4.679   10.692  -7.446  1.00 9.17  ? 437 HOH A O   1 
HETATM 1336 O O   . HOH C 3 .   ? 9.247   5.868   -13.997 1.00 14.74 ? 438 HOH A O   1 
HETATM 1337 O O   . HOH C 3 .   ? -0.277  15.623  7.561   1.00 18.90 ? 439 HOH A O   1 
HETATM 1338 O O   . HOH C 3 .   ? -6.474  0.911   15.431  1.00 10.75 ? 440 HOH A O   1 
HETATM 1339 O O   . HOH C 3 .   ? 4.881   11.143  8.662   1.00 11.64 ? 441 HOH A O   1 
HETATM 1340 O O   . HOH C 3 .   ? -4.999  -3.874  2.879   1.00 6.93  ? 442 HOH A O   1 
HETATM 1341 O O   . HOH C 3 .   ? -3.547  -17.658 -7.410  1.00 19.10 ? 443 HOH A O   1 
HETATM 1342 O O   . HOH C 3 .   ? 15.659  14.281  4.204   1.00 30.18 ? 444 HOH A O   1 
HETATM 1343 O O   . HOH C 3 .   ? 6.193   -17.873 7.288   1.00 14.06 ? 445 HOH A O   1 
HETATM 1344 O O   . HOH C 3 .   ? -17.717 1.020   -0.018  1.00 28.02 ? 446 HOH A O   1 
HETATM 1345 O O   . HOH C 3 .   ? 7.017   -3.421  -16.664 1.00 22.39 ? 447 HOH A O   1 
HETATM 1346 O O   . HOH C 3 .   ? -9.808  -17.768 -7.237  1.00 38.40 ? 448 HOH A O   1 
HETATM 1347 O O   . HOH C 3 .   ? -16.296 -1.036  8.280   1.00 29.02 ? 449 HOH A O   1 
HETATM 1348 O O   . HOH C 3 .   ? 6.100   -7.603  -15.406 1.00 30.35 ? 450 HOH A O   1 
HETATM 1349 O O   . HOH C 3 .   ? -8.253  -3.629  0.591   1.00 9.46  ? 451 HOH A O   1 
HETATM 1350 O O   . HOH C 3 .   ? -9.699  -5.568  3.542   1.00 15.90 ? 452 HOH A O   1 
HETATM 1351 O O   . HOH C 3 .   ? 3.595   18.965  0.661   1.00 26.60 ? 453 HOH A O   1 
HETATM 1352 O O   . HOH C 3 .   ? -14.331 5.622   0.757   1.00 40.61 ? 454 HOH A O   1 
HETATM 1353 O O   . HOH C 3 .   ? -14.346 -3.851  -6.007  1.00 27.80 ? 455 HOH A O   1 
HETATM 1354 O O   . HOH C 3 .   ? -13.338 0.497   -6.411  1.00 16.34 ? 456 HOH A O   1 
HETATM 1355 O O   . HOH C 3 .   ? -5.117  -8.962  12.289  1.00 19.79 ? 457 HOH A O   1 
HETATM 1356 O O   . HOH C 3 .   ? -6.471  5.959   -1.960  1.00 9.69  ? 458 HOH A O   1 
HETATM 1357 O O   . HOH C 3 .   ? 2.168   -21.365 6.144   1.00 24.46 ? 459 HOH A O   1 
HETATM 1358 O O   . HOH C 3 .   ? 14.872  1.586   -15.965 1.00 40.27 ? 460 HOH A O   1 
HETATM 1359 O O   . HOH C 3 .   ? 8.710   -0.839  -17.921 1.00 28.83 ? 461 HOH A O   1 
HETATM 1360 O O   . HOH C 3 .   ? 0.633   -0.524  15.504  1.00 18.79 ? 462 HOH A O   1 
HETATM 1361 O O   . HOH C 3 .   ? -6.090  9.982   -11.279 1.00 21.39 ? 463 HOH A O   1 
HETATM 1362 O O   . HOH C 3 .   ? -4.881  5.432   12.517  1.00 9.53  ? 464 HOH A O   1 
HETATM 1363 O O   . HOH C 3 .   ? -0.876  19.033  -0.825  1.00 30.38 ? 465 HOH A O   1 
HETATM 1364 O O   . HOH C 3 .   ? -4.216  11.760  -10.194 1.00 11.44 ? 466 HOH A O   1 
HETATM 1365 O O   . HOH C 3 .   ? 5.100   13.382  7.098   1.00 16.82 ? 467 HOH A O   1 
HETATM 1366 O O   . HOH C 3 .   ? 5.077   19.092  -2.517  1.00 19.65 ? 468 HOH A O   1 
HETATM 1367 O O   . HOH C 3 .   ? -10.280 10.683  8.894   1.00 28.74 ? 469 HOH A O   1 
HETATM 1368 O O   . HOH C 3 .   ? -13.407 4.836   -2.010  1.00 22.15 ? 470 HOH A O   1 
HETATM 1369 O O   . HOH C 3 .   ? -4.932  -14.167 5.699   1.00 13.29 ? 471 HOH A O   1 
HETATM 1370 O O   . HOH C 3 .   ? -3.854  -20.815 -4.251  1.00 31.56 ? 472 HOH A O   1 
HETATM 1371 O O   . HOH C 3 .   ? -2.451  1.740   17.641  1.00 14.60 ? 473 HOH A O   1 
HETATM 1372 O O   . HOH C 3 .   ? 3.842   9.729   -10.150 1.00 9.28  ? 474 HOH A O   1 
HETATM 1373 O O   . HOH C 3 .   ? -11.209 13.667  -9.779  1.00 19.25 ? 475 HOH A O   1 
HETATM 1374 O O   . HOH C 3 .   ? -16.615 2.553   2.890   1.00 38.17 ? 476 HOH A O   1 
HETATM 1375 O O   . HOH C 3 .   ? -11.037 -2.220  9.668   1.00 16.45 ? 477 HOH A O   1 
HETATM 1376 O O   . HOH C 3 .   ? -3.075  18.483  -6.526  1.00 24.71 ? 478 HOH A O   1 
HETATM 1377 O O   . HOH C 3 .   ? -6.813  -11.355 -0.476  1.00 11.53 ? 479 HOH A O   1 
HETATM 1378 O O   . HOH C 3 .   ? 7.688   9.780   -16.269 1.00 29.93 ? 480 HOH A O   1 
HETATM 1379 O O   . HOH C 3 .   ? -4.138  -22.554 9.990   1.00 42.24 ? 481 HOH A O   1 
HETATM 1380 O O   . HOH C 3 .   ? -1.089  12.713  -2.552  1.00 9.14  ? 482 HOH A O   1 
HETATM 1381 O O   . HOH C 3 .   ? -1.910  -8.767  16.906  1.00 34.23 ? 483 HOH A O   1 
HETATM 1382 O O   . HOH C 3 .   ? 12.380  -1.962  -3.019  1.00 20.90 ? 484 HOH A O   1 
HETATM 1383 O O   . HOH C 3 .   ? -1.433  5.501   -17.326 1.00 24.47 ? 485 HOH A O   1 
HETATM 1384 O O   . HOH C 3 .   ? 13.575  -1.131  -12.539 1.00 23.46 ? 486 HOH A O   1 
HETATM 1385 O O   . HOH C 3 .   ? -19.339 -2.475  -2.453  1.00 18.57 ? 487 HOH A O   1 
HETATM 1386 O O   . HOH C 3 .   ? 13.859  2.219   16.033  1.00 36.55 ? 488 HOH A O   1 
HETATM 1387 O O   . HOH C 3 .   ? 3.091   -12.447 9.069   1.00 11.57 ? 489 HOH A O   1 
HETATM 1388 O O   . HOH C 3 .   ? 11.053  -10.332 5.285   1.00 19.91 ? 490 HOH A O   1 
HETATM 1389 O O   . HOH C 3 .   ? 6.503   -9.506  -10.800 1.00 22.96 ? 491 HOH A O   1 
HETATM 1390 O O   . HOH C 3 .   ? -7.938  -13.932 -13.841 1.00 24.63 ? 492 HOH A O   1 
HETATM 1391 O O   . HOH C 3 .   ? -7.142  17.267  3.292   1.00 21.54 ? 493 HOH A O   1 
HETATM 1392 O O   . HOH C 3 .   ? 8.682   17.323  4.157   1.00 23.97 ? 494 HOH A O   1 
HETATM 1393 O O   . HOH C 3 .   ? -10.980 0.137   13.547  1.00 23.28 ? 495 HOH A O   1 
HETATM 1394 O O   . HOH C 3 .   ? -3.631  16.059  -9.746  1.00 16.05 ? 496 HOH A O   1 
HETATM 1395 O O   . HOH C 3 .   ? 6.003   12.034  -5.162  1.00 12.57 ? 497 HOH A O   1 
HETATM 1396 O O   . HOH C 3 .   ? 11.366  -5.722  11.652  1.00 13.75 ? 498 HOH A O   1 
HETATM 1397 O O   . HOH C 3 .   ? 13.281  -1.216  -7.647  1.00 23.86 ? 499 HOH A O   1 
HETATM 1398 O O   . HOH C 3 .   ? -13.086 -7.581  -3.774  1.00 32.10 ? 500 HOH A O   1 
HETATM 1399 O O   . HOH C 3 .   ? -12.133 15.798  -0.976  1.00 30.08 ? 501 HOH A O   1 
HETATM 1400 O O   . HOH C 3 .   ? -13.990 12.989  0.278   1.00 19.43 ? 502 HOH A O   1 
HETATM 1401 O O   . HOH C 3 .   ? 6.223   0.355   17.391  1.00 28.29 ? 503 HOH A O   1 
HETATM 1402 O O   . HOH C 3 .   ? 9.736   -12.193 6.927   1.00 12.02 ? 504 HOH A O   1 
HETATM 1403 O O   . HOH C 3 .   ? 10.188  -4.293  -14.497 1.00 25.33 ? 505 HOH A O   1 
HETATM 1404 O O   . HOH C 3 .   ? -7.998  10.856  11.568  1.00 31.14 ? 506 HOH A O   1 
HETATM 1405 O O   . HOH C 3 .   ? -9.535  -10.958 -4.278  1.00 16.63 ? 507 HOH A O   1 
HETATM 1406 O O   . HOH C 3 .   ? -9.477  4.578   -0.136  1.00 14.82 ? 508 HOH A O   1 
HETATM 1407 O O   . HOH C 3 .   ? -3.107  13.304  -12.425 1.00 18.53 ? 509 HOH A O   1 
HETATM 1408 O O   . HOH C 3 .   ? 14.247  0.826   -0.049  1.00 32.80 ? 510 HOH A O   1 
HETATM 1409 O O   . HOH C 3 .   ? 11.780  0.308   -5.098  1.00 28.00 ? 511 HOH A O   1 
HETATM 1410 O O   . HOH C 3 .   ? -3.445  -0.543  11.533  1.00 7.47  ? 512 HOH A O   1 
HETATM 1411 O O   . HOH C 3 .   ? 13.206  -2.742  8.180   1.00 19.32 ? 513 HOH A O   1 
HETATM 1412 O O   . HOH C 3 .   ? -8.867  16.371  -2.725  1.00 27.24 ? 514 HOH A O   1 
HETATM 1413 O O   . HOH C 3 .   ? -9.728  17.800  -8.738  1.00 27.78 ? 515 HOH A O   1 
HETATM 1414 O O   . HOH C 3 .   ? 7.058   9.461   12.768  1.00 17.24 ? 516 HOH A O   1 
HETATM 1415 O O   . HOH C 3 .   ? -11.561 6.628   16.182  1.00 32.01 ? 517 HOH A O   1 
HETATM 1416 O O   . HOH C 3 .   ? 13.040  4.837   6.192   1.00 30.96 ? 518 HOH A O   1 
HETATM 1417 O O   . HOH C 3 .   ? 3.782   12.607  12.471  1.00 31.26 ? 519 HOH A O   1 
HETATM 1418 O O   . HOH C 3 .   ? -5.261  -15.813 -13.960 1.00 32.27 ? 520 HOH A O   1 
HETATM 1419 O O   . HOH C 3 .   ? 1.234   -8.179  -15.551 1.00 25.87 ? 521 HOH A O   1 
HETATM 1420 O O   . HOH C 3 .   ? -4.741  -22.121 3.258   1.00 28.00 ? 522 HOH A O   1 
HETATM 1421 O O   . HOH C 3 .   ? -7.466  6.322   -11.391 1.00 22.67 ? 523 HOH A O   1 
HETATM 1422 O O   . HOH C 3 .   ? 13.887  3.001   -13.579 1.00 25.52 ? 524 HOH A O   1 
HETATM 1423 O O   . HOH C 3 .   ? -9.775  -0.060  11.018  1.00 11.10 ? 525 HOH A O   1 
HETATM 1424 O O   . HOH C 3 .   ? -9.537  -14.181 -1.263  1.00 20.51 ? 526 HOH A O   1 
HETATM 1425 O O   . HOH C 3 .   ? 3.489   0.860   15.789  1.00 8.87  ? 527 HOH A O   1 
HETATM 1426 O O   . HOH C 3 .   ? 4.774   17.631  -8.898  1.00 24.62 ? 528 HOH A O   1 
HETATM 1427 O O   . HOH C 3 .   ? 3.483   -4.246  -15.344 1.00 16.27 ? 529 HOH A O   1 
HETATM 1428 O O   . HOH C 3 .   ? -9.338  -4.391  8.938   1.00 17.11 ? 530 HOH A O   1 
HETATM 1429 O O   . HOH C 3 .   ? -8.563  -20.970 0.465   1.00 35.41 ? 531 HOH A O   1 
HETATM 1430 O O   . HOH C 3 .   ? 1.153   -8.813  17.455  1.00 35.00 ? 532 HOH A O   1 
HETATM 1431 O O   . HOH C 3 .   ? -0.855  -11.565 -14.513 1.00 17.30 ? 533 HOH A O   1 
HETATM 1432 O O   . HOH C 3 .   ? 7.267   0.892   -10.509 1.00 10.41 ? 534 HOH A O   1 
HETATM 1433 O O   . HOH C 3 .   ? 5.018   12.695  -13.916 1.00 27.04 ? 535 HOH A O   1 
HETATM 1434 O O   . HOH C 3 .   ? -7.214  -21.832 -2.807  1.00 33.87 ? 536 HOH A O   1 
HETATM 1435 O O   . HOH C 3 .   ? -5.874  14.329  11.081  1.00 29.68 ? 537 HOH A O   1 
HETATM 1436 O O   . HOH C 3 .   ? 13.796  -6.414  0.134   1.00 13.35 ? 538 HOH A O   1 
HETATM 1437 O O   . HOH C 3 .   ? -5.885  9.270   18.144  1.00 23.59 ? 539 HOH A O   1 
HETATM 1438 O O   . HOH C 3 .   ? 8.630   -5.027  15.508  1.00 20.32 ? 540 HOH A O   1 
HETATM 1439 O O   . HOH C 3 .   ? -11.443 9.770   2.833   1.00 8.92  ? 541 HOH A O   1 
HETATM 1440 O O   . HOH C 3 .   ? 15.432  9.154   7.106   1.00 25.41 ? 542 HOH A O   1 
HETATM 1441 O O   . HOH C 3 .   ? 12.035  8.982   -8.772  1.00 21.48 ? 543 HOH A O   1 
HETATM 1442 O O   . HOH C 3 .   ? -1.856  -1.328  13.658  1.00 10.59 ? 544 HOH A O   1 
HETATM 1443 O O   . HOH C 3 .   ? 1.537   -18.982 5.089   1.00 24.30 ? 545 HOH A O   1 
HETATM 1444 O O   . HOH C 3 .   ? 6.100   -6.328  15.925  1.00 20.04 ? 546 HOH A O   1 
HETATM 1445 O O   . HOH C 3 .   ? -3.951  11.109  16.926  1.00 28.58 ? 547 HOH A O   1 
HETATM 1446 O O   . HOH C 3 .   ? 1.410   -15.951 -10.243 1.00 26.28 ? 548 HOH A O   1 
HETATM 1447 O O   . HOH C 3 .   ? -3.864  -21.672 -7.114  1.00 42.96 ? 549 HOH A O   1 
HETATM 1448 O O   . HOH C 3 .   ? -6.063  -0.152  12.878  1.00 13.40 ? 550 HOH A O   1 
HETATM 1449 O O   . HOH C 3 .   ? -12.821 -13.650 2.284   1.00 38.07 ? 551 HOH A O   1 
HETATM 1450 O O   . HOH C 3 .   ? 8.189   18.729  1.514   1.00 30.43 ? 552 HOH A O   1 
HETATM 1451 O O   . HOH C 3 .   ? -3.108  -13.968 11.256  1.00 26.70 ? 553 HOH A O   1 
HETATM 1452 O O   . HOH C 3 .   ? 2.409   15.858  7.363   1.00 33.26 ? 554 HOH A O   1 
HETATM 1453 O O   . HOH C 3 .   ? 15.210  1.829   2.120   1.00 35.17 ? 555 HOH A O   1 
HETATM 1454 O O   . HOH C 3 .   ? -8.894  -0.355  15.862  1.00 20.17 ? 556 HOH A O   1 
HETATM 1455 O O   . HOH C 3 .   ? -0.729  -14.572 11.369  1.00 21.14 ? 557 HOH A O   1 
HETATM 1456 O O   . HOH C 3 .   ? -13.292 -1.956  -7.747  1.00 28.87 ? 558 HOH A O   1 
HETATM 1457 O O   . HOH C 3 .   ? -9.437  -10.976 0.312   1.00 32.51 ? 559 HOH A O   1 
HETATM 1458 O O   . HOH C 3 .   ? -8.422  -17.377 7.403   1.00 34.34 ? 560 HOH A O   1 
HETATM 1459 O O   . HOH C 3 .   ? -14.170 0.059   9.457   1.00 28.36 ? 561 HOH A O   1 
HETATM 1460 O O   . HOH C 3 .   ? 4.242   -12.110 -14.276 1.00 34.85 ? 562 HOH A O   1 
HETATM 1461 O O   . HOH C 3 .   ? 11.703  -8.317  12.041  1.00 27.92 ? 563 HOH A O   1 
HETATM 1462 O O   . HOH C 3 .   ? 11.931  -5.206  8.853   1.00 22.73 ? 564 HOH A O   1 
HETATM 1463 O O   . HOH C 3 .   ? 3.453   -17.432 -8.543  0.50 32.40 ? 565 HOH A O   1 
HETATM 1464 O O   . HOH C 3 .   ? -7.648  -14.510 6.727   1.00 17.18 ? 566 HOH A O   1 
HETATM 1465 O O   . HOH C 3 .   ? -2.661  -2.025  16.165  1.00 26.06 ? 567 HOH A O   1 
HETATM 1466 O O   . HOH C 3 .   ? -10.236 -16.745 -0.699  1.00 31.41 ? 568 HOH A O   1 
HETATM 1467 O O   . HOH C 3 .   ? -10.677 -6.452  10.485  1.00 27.32 ? 569 HOH A O   1 
HETATM 1468 O O   . HOH C 3 .   ? -15.237 2.401   -6.294  1.00 26.24 ? 570 HOH A O   1 
HETATM 1469 O O   . HOH C 3 .   ? 7.222   -1.324  -20.476 1.00 37.19 ? 571 HOH A O   1 
HETATM 1470 O O   . HOH C 3 .   ? 14.315  -7.928  -4.802  1.00 36.11 ? 572 HOH A O   1 
HETATM 1471 O O   . HOH C 3 .   ? -10.880 0.021   17.705  1.00 30.71 ? 573 HOH A O   1 
HETATM 1472 O O   . HOH C 3 .   ? -2.406  -24.398 -9.154  1.00 38.78 ? 574 HOH A O   1 
HETATM 1473 O O   . HOH C 3 .   ? 14.324  -1.307  9.433   1.00 35.23 ? 575 HOH A O   1 
HETATM 1474 O O   . HOH C 3 .   ? 11.280  -5.415  -12.559 1.00 34.05 ? 576 HOH A O   1 
HETATM 1475 O O   . HOH C 3 .   ? -0.725  -14.163 -13.975 1.00 32.76 ? 577 HOH A O   1 
HETATM 1476 O O   . HOH C 3 .   ? 7.465   -16.177 9.254   1.00 34.32 ? 578 HOH A O   1 
HETATM 1477 O O   . HOH C 3 .   ? 5.498   -4.753  -17.142 1.00 30.44 ? 579 HOH A O   1 
HETATM 1478 O O   . HOH C 3 .   ? 6.882   15.454  7.899   1.00 37.99 ? 580 HOH A O   1 
HETATM 1479 O O   . HOH C 3 .   ? 10.162  -11.871 9.530   1.00 29.39 ? 581 HOH A O   1 
HETATM 1480 O O   . HOH C 3 .   ? -10.326 5.549   -2.487  1.00 27.24 ? 582 HOH A O   1 
HETATM 1481 O O   . HOH C 3 .   ? -13.480 12.750  -8.919  1.00 29.28 ? 583 HOH A O   1 
HETATM 1482 O O   . HOH C 3 .   ? 7.400   -8.696  17.158  1.00 31.92 ? 584 HOH A O   1 
HETATM 1483 O O   . HOH C 3 .   ? 5.049   -13.355 -12.564 1.00 40.61 ? 585 HOH A O   1 
HETATM 1484 O O   . HOH C 3 .   ? -7.012  -7.608  13.524  1.00 24.82 ? 586 HOH A O   1 
HETATM 1485 O O   . HOH C 3 .   ? -4.313  12.371  -14.578 1.00 32.57 ? 587 HOH A O   1 
HETATM 1486 O O   . HOH C 3 .   ? 6.816   11.422  10.640  1.00 21.33 ? 588 HOH A O   1 
HETATM 1487 O O   . HOH C 3 .   ? 1.357   -11.485 13.481  1.00 30.43 ? 589 HOH A O   1 
HETATM 1488 O O   . HOH C 3 .   ? 12.213  -7.837  7.836   1.00 25.80 ? 590 HOH A O   1 
HETATM 1489 O O   . HOH C 3 .   ? -9.814  -12.397 6.892   1.00 29.44 ? 591 HOH A O   1 
HETATM 1490 O O   . HOH C 3 .   ? 11.154  16.263  6.751   1.00 32.44 ? 592 HOH A O   1 
HETATM 1491 O O   . HOH C 3 .   ? -7.362  -14.099 9.445   1.00 32.86 ? 593 HOH A O   1 
HETATM 1492 O O   . HOH C 3 .   ? -9.136  -8.203  12.159  1.00 33.11 ? 594 HOH A O   1 
HETATM 1493 O O   . HOH C 3 .   ? -11.024 -5.279  -12.928 1.00 28.74 ? 595 HOH A O   1 
HETATM 1494 O O   . HOH C 3 .   ? 3.041   -14.069 -14.167 1.00 39.43 ? 596 HOH A O   1 
HETATM 1495 O O   . HOH C 3 .   ? -12.505 -3.612  11.146  1.00 23.54 ? 597 HOH A O   1 
HETATM 1496 O O   . HOH C 3 .   ? 1.759   -10.687 17.968  1.00 36.51 ? 598 HOH A O   1 
HETATM 1497 O O   . HOH C 3 .   ? 1.500   -12.736 11.311  1.00 29.79 ? 599 HOH A O   1 
HETATM 1498 O O   . HOH C 3 .   ? 3.599   15.212  -13.521 1.00 34.50 ? 600 HOH A O   1 
HETATM 1499 O O   . HOH C 3 .   ? 3.980   17.692  -11.562 1.00 33.77 ? 601 HOH A O   1 
HETATM 1500 O O   . HOH C 3 .   ? -1.041  16.163  10.162  1.00 34.65 ? 602 HOH A O   1 
HETATM 1501 O O   . HOH C 3 .   ? 2.904   18.575  6.366   1.00 35.51 ? 603 HOH A O   1 
HETATM 1502 O O   . HOH C 3 .   ? 8.853   -5.279  -16.682 1.00 34.94 ? 604 HOH A O   1 
HETATM 1503 O O   . HOH C 3 .   ? 13.640  -6.233  -7.024  1.00 31.74 ? 605 HOH A O   1 
HETATM 1504 O O   . HOH C 3 .   ? 13.134  -4.290  13.382  1.00 26.78 ? 606 HOH A O   1 
HETATM 1505 O O   . HOH C 3 .   ? 12.254  -2.829  -16.360 1.00 35.71 ? 607 HOH A O   1 
HETATM 1506 O O   . HOH C 3 .   ? 11.820  -9.889  9.468   1.00 33.14 ? 608 HOH A O   1 
HETATM 1507 O O   . HOH C 3 .   ? 14.731  -5.407  -2.743  1.00 38.34 ? 609 HOH A O   1 
HETATM 1508 O O   . HOH C 3 .   ? -12.136 -15.694 0.290   1.00 40.50 ? 610 HOH A O   1 
HETATM 1509 O O   . HOH C 3 .   ? 3.726   -20.282 12.665  1.00 37.56 ? 611 HOH A O   1 
# 
